data_1OEB
# 
_entry.id   1OEB 
# 
_audit_conform.dict_name       mmcif_pdbx.dic 
_audit_conform.dict_version    5.391 
_audit_conform.dict_location   http://mmcif.pdb.org/dictionaries/ascii/mmcif_pdbx.dic 
# 
loop_
_database_2.database_id 
_database_2.database_code 
_database_2.pdbx_database_accession 
_database_2.pdbx_DOI 
PDB   1OEB         pdb_00001oeb 10.2210/pdb1oeb/pdb 
PDBE  EBI-12437    ?            ?                   
WWPDB D_1290012437 ?            ?                   
# 
loop_
_pdbx_audit_revision_history.ordinal 
_pdbx_audit_revision_history.data_content_type 
_pdbx_audit_revision_history.major_revision 
_pdbx_audit_revision_history.minor_revision 
_pdbx_audit_revision_history.revision_date 
1 'Structure model' 1 0 2003-04-02 
2 'Structure model' 1 1 2011-05-08 
3 'Structure model' 1 2 2011-07-13 
4 'Structure model' 1 3 2024-05-08 
# 
_pdbx_audit_revision_details.ordinal             1 
_pdbx_audit_revision_details.revision_ordinal    1 
_pdbx_audit_revision_details.data_content_type   'Structure model' 
_pdbx_audit_revision_details.provider            repository 
_pdbx_audit_revision_details.type                'Initial release' 
_pdbx_audit_revision_details.description         ? 
_pdbx_audit_revision_details.details             ? 
# 
loop_
_pdbx_audit_revision_group.ordinal 
_pdbx_audit_revision_group.revision_ordinal 
_pdbx_audit_revision_group.data_content_type 
_pdbx_audit_revision_group.group 
1 2 'Structure model' 'Version format compliance' 
2 3 'Structure model' 'Version format compliance' 
3 4 'Structure model' 'Data collection'           
4 4 'Structure model' 'Database references'       
5 4 'Structure model' 'Derived calculations'      
6 4 'Structure model' 'Refinement description'    
# 
loop_
_pdbx_audit_revision_category.ordinal 
_pdbx_audit_revision_category.revision_ordinal 
_pdbx_audit_revision_category.data_content_type 
_pdbx_audit_revision_category.category 
1 4 'Structure model' chem_comp_atom         
2 4 'Structure model' chem_comp_bond         
3 4 'Structure model' database_2             
4 4 'Structure model' pdbx_struct_conn_angle 
5 4 'Structure model' struct_conn            
6 4 'Structure model' struct_ncs_dom_lim     
# 
loop_
_pdbx_audit_revision_item.ordinal 
_pdbx_audit_revision_item.revision_ordinal 
_pdbx_audit_revision_item.data_content_type 
_pdbx_audit_revision_item.item 
1  4 'Structure model' '_database_2.pdbx_DOI'                        
2  4 'Structure model' '_database_2.pdbx_database_accession'         
3  4 'Structure model' '_pdbx_struct_conn_angle.ptnr1_auth_asym_id'  
4  4 'Structure model' '_pdbx_struct_conn_angle.ptnr1_auth_comp_id'  
5  4 'Structure model' '_pdbx_struct_conn_angle.ptnr1_auth_seq_id'   
6  4 'Structure model' '_pdbx_struct_conn_angle.ptnr1_label_asym_id' 
7  4 'Structure model' '_pdbx_struct_conn_angle.ptnr1_label_atom_id' 
8  4 'Structure model' '_pdbx_struct_conn_angle.ptnr1_label_comp_id' 
9  4 'Structure model' '_pdbx_struct_conn_angle.ptnr1_label_seq_id'  
10 4 'Structure model' '_pdbx_struct_conn_angle.ptnr3_auth_asym_id'  
11 4 'Structure model' '_pdbx_struct_conn_angle.ptnr3_auth_comp_id'  
12 4 'Structure model' '_pdbx_struct_conn_angle.ptnr3_auth_seq_id'   
13 4 'Structure model' '_pdbx_struct_conn_angle.ptnr3_label_asym_id' 
14 4 'Structure model' '_pdbx_struct_conn_angle.ptnr3_label_atom_id' 
15 4 'Structure model' '_pdbx_struct_conn_angle.ptnr3_label_comp_id' 
16 4 'Structure model' '_pdbx_struct_conn_angle.ptnr3_label_seq_id'  
17 4 'Structure model' '_pdbx_struct_conn_angle.value'               
18 4 'Structure model' '_struct_conn.pdbx_dist_value'                
19 4 'Structure model' '_struct_conn.ptnr1_auth_comp_id'             
20 4 'Structure model' '_struct_conn.ptnr1_auth_seq_id'              
21 4 'Structure model' '_struct_conn.ptnr1_label_asym_id'            
22 4 'Structure model' '_struct_conn.ptnr1_label_atom_id'            
23 4 'Structure model' '_struct_conn.ptnr1_label_comp_id'            
24 4 'Structure model' '_struct_conn.ptnr1_label_seq_id'             
25 4 'Structure model' '_struct_conn.ptnr2_auth_asym_id'             
26 4 'Structure model' '_struct_conn.ptnr2_auth_comp_id'             
27 4 'Structure model' '_struct_conn.ptnr2_auth_seq_id'              
28 4 'Structure model' '_struct_conn.ptnr2_label_asym_id'            
29 4 'Structure model' '_struct_conn.ptnr2_label_atom_id'            
30 4 'Structure model' '_struct_conn.ptnr2_label_comp_id'            
31 4 'Structure model' '_struct_conn.ptnr2_label_seq_id'             
32 4 'Structure model' '_struct_ncs_dom_lim.beg_auth_comp_id'        
33 4 'Structure model' '_struct_ncs_dom_lim.beg_label_asym_id'       
34 4 'Structure model' '_struct_ncs_dom_lim.beg_label_comp_id'       
35 4 'Structure model' '_struct_ncs_dom_lim.beg_label_seq_id'        
36 4 'Structure model' '_struct_ncs_dom_lim.end_auth_comp_id'        
37 4 'Structure model' '_struct_ncs_dom_lim.end_label_asym_id'       
38 4 'Structure model' '_struct_ncs_dom_lim.end_label_comp_id'       
39 4 'Structure model' '_struct_ncs_dom_lim.end_label_seq_id'        
# 
_pdbx_database_status.status_code                     REL 
_pdbx_database_status.entry_id                        1OEB 
_pdbx_database_status.deposit_site                    PDBE 
_pdbx_database_status.process_site                    PDBE 
_pdbx_database_status.SG_entry                        . 
_pdbx_database_status.recvd_initial_deposition_date   2003-03-24 
_pdbx_database_status.pdb_format_compatible           Y 
_pdbx_database_status.status_code_sf                  ? 
_pdbx_database_status.status_code_mr                  ? 
_pdbx_database_status.status_code_cs                  ? 
_pdbx_database_status.methods_development_category    ? 
_pdbx_database_status.status_code_nmr_data            ? 
# 
_pdbx_database_related.db_name        PDB 
_pdbx_database_related.db_id          1H3H 
_pdbx_database_related.content_type   unspecified 
_pdbx_database_related.details        
'STRUCTURAL BASIS FOR SPECIFIC RECOGNITION OF AN RXXK-CONTAINING SLP-76 PEPTIDE BY THE GADS C-TERMINAL SH3 DOMAIN' 
# 
loop_
_audit_author.name 
_audit_author.pdbx_ordinal 
'Harkiolaki, M.'  1 
'Lewitzky, M.'    2 
'Gilbert, R.J.C.' 3 
'Jones, E.Y.'     4 
'Bourette, R.P.'  5 
'Mouchiroud, G.'  6 
'Sondermann, H.'  7 
'Moarefi, I.'     8 
'Feller, S.M.'    9 
# 
_citation.id                        primary 
_citation.title                     'Structural Basis for SH3 Domain-Mediated High-Affinity Binding between Mona/Gads and Slp-76' 
_citation.journal_abbrev            'Embo J.' 
_citation.journal_volume            22 
_citation.page_first                2571 
_citation.page_last                 ? 
_citation.year                      2003 
_citation.journal_id_ASTM           EMJODG 
_citation.country                   UK 
_citation.journal_id_ISSN           0261-4189 
_citation.journal_id_CSD            0897 
_citation.book_publisher            ? 
_citation.pdbx_database_id_PubMed   12773374 
_citation.pdbx_database_id_DOI      10.1093/EMBOJ/CDG258 
# 
loop_
_citation_author.citation_id 
_citation_author.name 
_citation_author.ordinal 
_citation_author.identifier_ORCID 
primary 'Harkiolaki, M.'  1 ? 
primary 'Lewitzky, M.'    2 ? 
primary 'Gilbert, R.J.C.' 3 ? 
primary 'Jones, E.Y.'     4 ? 
primary 'Bourette, R.P.'  5 ? 
primary 'Mouchiroud, G.'  6 ? 
primary 'Sondermann, H.'  7 ? 
primary 'Moarefi, I.'     8 ? 
primary 'Feller, S.M.'    9 ? 
# 
loop_
_entity.id 
_entity.type 
_entity.src_method 
_entity.pdbx_description 
_entity.formula_weight 
_entity.pdbx_number_of_molecules 
_entity.pdbx_ec 
_entity.pdbx_mutation 
_entity.pdbx_fragment 
_entity.details 
1 polymer     man 'GRB2-RELATED ADAPTOR PROTEIN 2' 7088.970 2   ? ? 'SH3C DOMAIN, RESIDUES 265-322'                 
'THROMBIN CLEAVAGE OVERHANG BETWEEN A-4 AND A-1' 
2 polymer     syn 'LYMPHOCYTE CYTOSOLIC PROTEIN 2' 1380.589 2   ? ? 'PROTEIN INTERACTION PEPTIDE, RESIDUES 231-243' ? 
3 non-polymer syn 'CADMIUM ION'                    112.411  1   ? ? ?                                               ? 
4 water       nat water                            18.015   238 ? ? ?                                               ? 
# 
loop_
_entity_name_com.entity_id 
_entity_name_com.name 
1 
;GADS PROTEIN, GROWTH FACTOR RECEPTOR PROTEIN, GRBLG, GRF40 ADAPTOR PROTEIN, GRF-40, GRB-2-LIKE PROTEIN, GRB2L, GRBX, P38, HEMATOPOIETIC CELL-ASSOCIATED ADAPTOR PROTEIN GRPL, ADAPTER PROTEIN GRID, SH3-SH2-SH3 ADAPTOR MONA
;
2 'SH2 DOMAIN-CONTAINING LEUCOCYTE PROTEIN OF 76 KDA, SLP-76 TYROSINE PHOSPHOPROTEIN, SLP76' 
# 
loop_
_entity_poly.entity_id 
_entity_poly.type 
_entity_poly.nstd_linkage 
_entity_poly.nstd_monomer 
_entity_poly.pdbx_seq_one_letter_code 
_entity_poly.pdbx_seq_one_letter_code_can 
_entity_poly.pdbx_strand_id 
_entity_poly.pdbx_target_identifier 
1 'polypeptide(L)' no no PLGSVRWARALYDFEALEEDELGFRSGEVVEVLDSSNPSWWTGRLHNKLGLFPANYVAPMMR 
PLGSVRWARALYDFEALEEDELGFRSGEVVEVLDSSNPSWWTGRLHNKLGLFPANYVAPMMR A,B ? 
2 'polypeptide(L)' no no PAPSIDRSTKPPL                                                  PAPSIDRSTKPPL C,D ? 
# 
loop_
_pdbx_entity_nonpoly.entity_id 
_pdbx_entity_nonpoly.name 
_pdbx_entity_nonpoly.comp_id 
3 'CADMIUM ION' CD  
4 water         HOH 
# 
loop_
_entity_poly_seq.entity_id 
_entity_poly_seq.num 
_entity_poly_seq.mon_id 
_entity_poly_seq.hetero 
1 1  PRO n 
1 2  LEU n 
1 3  GLY n 
1 4  SER n 
1 5  VAL n 
1 6  ARG n 
1 7  TRP n 
1 8  ALA n 
1 9  ARG n 
1 10 ALA n 
1 11 LEU n 
1 12 TYR n 
1 13 ASP n 
1 14 PHE n 
1 15 GLU n 
1 16 ALA n 
1 17 LEU n 
1 18 GLU n 
1 19 GLU n 
1 20 ASP n 
1 21 GLU n 
1 22 LEU n 
1 23 GLY n 
1 24 PHE n 
1 25 ARG n 
1 26 SER n 
1 27 GLY n 
1 28 GLU n 
1 29 VAL n 
1 30 VAL n 
1 31 GLU n 
1 32 VAL n 
1 33 LEU n 
1 34 ASP n 
1 35 SER n 
1 36 SER n 
1 37 ASN n 
1 38 PRO n 
1 39 SER n 
1 40 TRP n 
1 41 TRP n 
1 42 THR n 
1 43 GLY n 
1 44 ARG n 
1 45 LEU n 
1 46 HIS n 
1 47 ASN n 
1 48 LYS n 
1 49 LEU n 
1 50 GLY n 
1 51 LEU n 
1 52 PHE n 
1 53 PRO n 
1 54 ALA n 
1 55 ASN n 
1 56 TYR n 
1 57 VAL n 
1 58 ALA n 
1 59 PRO n 
1 60 MET n 
1 61 MET n 
1 62 ARG n 
2 1  PRO n 
2 2  ALA n 
2 3  PRO n 
2 4  SER n 
2 5  ILE n 
2 6  ASP n 
2 7  ARG n 
2 8  SER n 
2 9  THR n 
2 10 LYS n 
2 11 PRO n 
2 12 PRO n 
2 13 LEU n 
# 
_entity_src_gen.entity_id                          1 
_entity_src_gen.pdbx_src_id                        1 
_entity_src_gen.pdbx_alt_source_flag               sample 
_entity_src_gen.pdbx_seq_type                      ? 
_entity_src_gen.pdbx_beg_seq_num                   ? 
_entity_src_gen.pdbx_end_seq_num                   ? 
_entity_src_gen.gene_src_common_name               MOUSE 
_entity_src_gen.gene_src_genus                     ? 
_entity_src_gen.pdbx_gene_src_gene                 ? 
_entity_src_gen.gene_src_species                   ? 
_entity_src_gen.gene_src_strain                    ? 
_entity_src_gen.gene_src_tissue                    ? 
_entity_src_gen.gene_src_tissue_fraction           ? 
_entity_src_gen.gene_src_details                   ? 
_entity_src_gen.pdbx_gene_src_fragment             ? 
_entity_src_gen.pdbx_gene_src_scientific_name      'MUS MUSCULUS' 
_entity_src_gen.pdbx_gene_src_ncbi_taxonomy_id     10090 
_entity_src_gen.pdbx_gene_src_variant              ? 
_entity_src_gen.pdbx_gene_src_cell_line            ? 
_entity_src_gen.pdbx_gene_src_atcc                 ? 
_entity_src_gen.pdbx_gene_src_organ                ? 
_entity_src_gen.pdbx_gene_src_organelle            ? 
_entity_src_gen.pdbx_gene_src_cell                 ? 
_entity_src_gen.pdbx_gene_src_cellular_location    ? 
_entity_src_gen.host_org_common_name               ? 
_entity_src_gen.pdbx_host_org_scientific_name      'ESCHERICHIA COLI' 
_entity_src_gen.pdbx_host_org_ncbi_taxonomy_id     469008 
_entity_src_gen.host_org_genus                     ? 
_entity_src_gen.pdbx_host_org_gene                 ? 
_entity_src_gen.pdbx_host_org_organ                ? 
_entity_src_gen.host_org_species                   ? 
_entity_src_gen.pdbx_host_org_tissue               ? 
_entity_src_gen.pdbx_host_org_tissue_fraction      ? 
_entity_src_gen.pdbx_host_org_strain               'BL21(DE3)' 
_entity_src_gen.pdbx_host_org_variant              ? 
_entity_src_gen.pdbx_host_org_cell_line            ? 
_entity_src_gen.pdbx_host_org_atcc                 ? 
_entity_src_gen.pdbx_host_org_culture_collection   ? 
_entity_src_gen.pdbx_host_org_cell                 ? 
_entity_src_gen.pdbx_host_org_organelle            ? 
_entity_src_gen.pdbx_host_org_cellular_location    ? 
_entity_src_gen.pdbx_host_org_vector_type          ? 
_entity_src_gen.pdbx_host_org_vector               ? 
_entity_src_gen.host_org_details                   ? 
_entity_src_gen.expression_system_id               ? 
_entity_src_gen.plasmid_name                       PGEX-6P-1 
_entity_src_gen.plasmid_details                    ? 
_entity_src_gen.pdbx_description                   ? 
# 
_pdbx_entity_src_syn.entity_id              2 
_pdbx_entity_src_syn.pdbx_src_id            1 
_pdbx_entity_src_syn.pdbx_alt_source_flag   sample 
_pdbx_entity_src_syn.pdbx_beg_seq_num       ? 
_pdbx_entity_src_syn.pdbx_end_seq_num       ? 
_pdbx_entity_src_syn.organism_scientific    'MUS MUSCULUS' 
_pdbx_entity_src_syn.organism_common_name   MOUSE 
_pdbx_entity_src_syn.ncbi_taxonomy_id       10090 
_pdbx_entity_src_syn.details                ? 
# 
loop_
_chem_comp.id 
_chem_comp.type 
_chem_comp.mon_nstd_flag 
_chem_comp.name 
_chem_comp.pdbx_synonyms 
_chem_comp.formula 
_chem_comp.formula_weight 
ALA 'L-peptide linking' y ALANINE         ? 'C3 H7 N O2'     89.093  
ARG 'L-peptide linking' y ARGININE        ? 'C6 H15 N4 O2 1' 175.209 
ASN 'L-peptide linking' y ASPARAGINE      ? 'C4 H8 N2 O3'    132.118 
ASP 'L-peptide linking' y 'ASPARTIC ACID' ? 'C4 H7 N O4'     133.103 
CD  non-polymer         . 'CADMIUM ION'   ? 'Cd 2'           112.411 
GLU 'L-peptide linking' y 'GLUTAMIC ACID' ? 'C5 H9 N O4'     147.129 
GLY 'peptide linking'   y GLYCINE         ? 'C2 H5 N O2'     75.067  
HIS 'L-peptide linking' y HISTIDINE       ? 'C6 H10 N3 O2 1' 156.162 
HOH non-polymer         . WATER           ? 'H2 O'           18.015  
ILE 'L-peptide linking' y ISOLEUCINE      ? 'C6 H13 N O2'    131.173 
LEU 'L-peptide linking' y LEUCINE         ? 'C6 H13 N O2'    131.173 
LYS 'L-peptide linking' y LYSINE          ? 'C6 H15 N2 O2 1' 147.195 
MET 'L-peptide linking' y METHIONINE      ? 'C5 H11 N O2 S'  149.211 
PHE 'L-peptide linking' y PHENYLALANINE   ? 'C9 H11 N O2'    165.189 
PRO 'L-peptide linking' y PROLINE         ? 'C5 H9 N O2'     115.130 
SER 'L-peptide linking' y SERINE          ? 'C3 H7 N O3'     105.093 
THR 'L-peptide linking' y THREONINE       ? 'C4 H9 N O3'     119.119 
TRP 'L-peptide linking' y TRYPTOPHAN      ? 'C11 H12 N2 O2'  204.225 
TYR 'L-peptide linking' y TYROSINE        ? 'C9 H11 N O3'    181.189 
VAL 'L-peptide linking' y VALINE          ? 'C5 H11 N O2'    117.146 
# 
loop_
_pdbx_poly_seq_scheme.asym_id 
_pdbx_poly_seq_scheme.entity_id 
_pdbx_poly_seq_scheme.seq_id 
_pdbx_poly_seq_scheme.mon_id 
_pdbx_poly_seq_scheme.ndb_seq_num 
_pdbx_poly_seq_scheme.pdb_seq_num 
_pdbx_poly_seq_scheme.auth_seq_num 
_pdbx_poly_seq_scheme.pdb_mon_id 
_pdbx_poly_seq_scheme.auth_mon_id 
_pdbx_poly_seq_scheme.pdb_strand_id 
_pdbx_poly_seq_scheme.pdb_ins_code 
_pdbx_poly_seq_scheme.hetero 
A 1 1  PRO 1  -4 -4 PRO PRO A . n 
A 1 2  LEU 2  -3 -3 LEU LEU A . n 
A 1 3  GLY 3  -2 -2 GLY GLY A . n 
A 1 4  SER 4  -1 -1 SER SER A . n 
A 1 5  VAL 5  1  1  VAL VAL A . n 
A 1 6  ARG 6  2  2  ARG ARG A . n 
A 1 7  TRP 7  3  3  TRP TRP A . n 
A 1 8  ALA 8  4  4  ALA ALA A . n 
A 1 9  ARG 9  5  5  ARG ARG A . n 
A 1 10 ALA 10 6  6  ALA ALA A . n 
A 1 11 LEU 11 7  7  LEU LEU A . n 
A 1 12 TYR 12 8  8  TYR TYR A . n 
A 1 13 ASP 13 9  9  ASP ASP A . n 
A 1 14 PHE 14 10 10 PHE PHE A . n 
A 1 15 GLU 15 11 11 GLU GLU A . n 
A 1 16 ALA 16 12 12 ALA ALA A . n 
A 1 17 LEU 17 13 13 LEU LEU A . n 
A 1 18 GLU 18 14 14 GLU GLU A . n 
A 1 19 GLU 19 15 15 GLU GLU A . n 
A 1 20 ASP 20 16 16 ASP ASP A . n 
A 1 21 GLU 21 17 17 GLU GLU A . n 
A 1 22 LEU 22 18 18 LEU LEU A . n 
A 1 23 GLY 23 19 19 GLY GLY A . n 
A 1 24 PHE 24 20 20 PHE PHE A . n 
A 1 25 ARG 25 21 21 ARG ARG A . n 
A 1 26 SER 26 22 22 SER SER A . n 
A 1 27 GLY 27 23 23 GLY GLY A . n 
A 1 28 GLU 28 24 24 GLU GLU A . n 
A 1 29 VAL 29 25 25 VAL VAL A . n 
A 1 30 VAL 30 26 26 VAL VAL A . n 
A 1 31 GLU 31 27 27 GLU GLU A . n 
A 1 32 VAL 32 28 28 VAL VAL A . n 
A 1 33 LEU 33 29 29 LEU LEU A . n 
A 1 34 ASP 34 30 30 ASP ASP A . n 
A 1 35 SER 35 31 31 SER SER A . n 
A 1 36 SER 36 32 32 SER SER A . n 
A 1 37 ASN 37 33 33 ASN ASN A . n 
A 1 38 PRO 38 34 34 PRO PRO A . n 
A 1 39 SER 39 35 35 SER SER A . n 
A 1 40 TRP 40 36 36 TRP TRP A . n 
A 1 41 TRP 41 37 37 TRP TRP A . n 
A 1 42 THR 42 38 38 THR THR A . n 
A 1 43 GLY 43 39 39 GLY GLY A . n 
A 1 44 ARG 44 40 40 ARG ARG A . n 
A 1 45 LEU 45 41 41 LEU LEU A . n 
A 1 46 HIS 46 42 42 HIS HIS A . n 
A 1 47 ASN 47 43 43 ASN ASN A . n 
A 1 48 LYS 48 44 44 LYS LYS A . n 
A 1 49 LEU 49 45 45 LEU LEU A . n 
A 1 50 GLY 50 46 46 GLY GLY A . n 
A 1 51 LEU 51 47 47 LEU LEU A . n 
A 1 52 PHE 52 48 48 PHE PHE A . n 
A 1 53 PRO 53 49 49 PRO PRO A . n 
A 1 54 ALA 54 50 50 ALA ALA A . n 
A 1 55 ASN 55 51 51 ASN ASN A . n 
A 1 56 TYR 56 52 52 TYR TYR A . n 
A 1 57 VAL 57 53 53 VAL VAL A . n 
A 1 58 ALA 58 54 54 ALA ALA A . n 
A 1 59 PRO 59 55 55 PRO PRO A . n 
A 1 60 MET 60 56 ?  ?   ?   A . n 
A 1 61 MET 61 57 ?  ?   ?   A . n 
A 1 62 ARG 62 58 ?  ?   ?   A . n 
B 1 1  PRO 1  -4 ?  ?   ?   B . n 
B 1 2  LEU 2  -3 ?  ?   ?   B . n 
B 1 3  GLY 3  -2 ?  ?   ?   B . n 
B 1 4  SER 4  -1 ?  ?   ?   B . n 
B 1 5  VAL 5  1  ?  ?   ?   B . n 
B 1 6  ARG 6  2  ?  ?   ?   B . n 
B 1 7  TRP 7  3  3  TRP TRP B . n 
B 1 8  ALA 8  4  4  ALA ALA B . n 
B 1 9  ARG 9  5  5  ARG ARG B . n 
B 1 10 ALA 10 6  6  ALA ALA B . n 
B 1 11 LEU 11 7  7  LEU LEU B . n 
B 1 12 TYR 12 8  8  TYR TYR B . n 
B 1 13 ASP 13 9  9  ASP ASP B . n 
B 1 14 PHE 14 10 10 PHE PHE B . n 
B 1 15 GLU 15 11 11 GLU GLU B . n 
B 1 16 ALA 16 12 12 ALA ALA B . n 
B 1 17 LEU 17 13 13 LEU LEU B . n 
B 1 18 GLU 18 14 14 GLU GLU B . n 
B 1 19 GLU 19 15 15 GLU GLU B . n 
B 1 20 ASP 20 16 16 ASP ASP B . n 
B 1 21 GLU 21 17 17 GLU GLU B . n 
B 1 22 LEU 22 18 18 LEU LEU B . n 
B 1 23 GLY 23 19 19 GLY GLY B . n 
B 1 24 PHE 24 20 20 PHE PHE B . n 
B 1 25 ARG 25 21 21 ARG ARG B . n 
B 1 26 SER 26 22 22 SER SER B . n 
B 1 27 GLY 27 23 23 GLY GLY B . n 
B 1 28 GLU 28 24 24 GLU GLU B . n 
B 1 29 VAL 29 25 25 VAL VAL B . n 
B 1 30 VAL 30 26 26 VAL VAL B . n 
B 1 31 GLU 31 27 27 GLU GLU B . n 
B 1 32 VAL 32 28 28 VAL VAL B . n 
B 1 33 LEU 33 29 29 LEU LEU B . n 
B 1 34 ASP 34 30 30 ASP ASP B . n 
B 1 35 SER 35 31 31 SER SER B . n 
B 1 36 SER 36 32 32 SER SER B . n 
B 1 37 ASN 37 33 33 ASN ASN B . n 
B 1 38 PRO 38 34 34 PRO PRO B . n 
B 1 39 SER 39 35 35 SER SER B . n 
B 1 40 TRP 40 36 36 TRP TRP B . n 
B 1 41 TRP 41 37 37 TRP TRP B . n 
B 1 42 THR 42 38 38 THR THR B . n 
B 1 43 GLY 43 39 39 GLY GLY B . n 
B 1 44 ARG 44 40 40 ARG ARG B . n 
B 1 45 LEU 45 41 41 LEU LEU B . n 
B 1 46 HIS 46 42 42 HIS HIS B . n 
B 1 47 ASN 47 43 43 ASN ASN B . n 
B 1 48 LYS 48 44 44 LYS LYS B . n 
B 1 49 LEU 49 45 45 LEU LEU B . n 
B 1 50 GLY 50 46 46 GLY GLY B . n 
B 1 51 LEU 51 47 47 LEU LEU B . n 
B 1 52 PHE 52 48 48 PHE PHE B . n 
B 1 53 PRO 53 49 49 PRO PRO B . n 
B 1 54 ALA 54 50 50 ALA ALA B . n 
B 1 55 ASN 55 51 51 ASN ASN B . n 
B 1 56 TYR 56 52 52 TYR TYR B . n 
B 1 57 VAL 57 53 53 VAL VAL B . n 
B 1 58 ALA 58 54 54 ALA ALA B . n 
B 1 59 PRO 59 55 55 PRO PRO B . n 
B 1 60 MET 60 56 56 MET MET B . n 
B 1 61 MET 61 57 57 MET MET B . n 
B 1 62 ARG 62 58 ?  ?   ?   B . n 
C 2 1  PRO 1  1  ?  ?   ?   C . n 
C 2 2  ALA 2  2  2  ALA ALA C . n 
C 2 3  PRO 3  3  3  PRO PRO C . n 
C 2 4  SER 4  4  4  SER SER C . n 
C 2 5  ILE 5  5  5  ILE ILE C . n 
C 2 6  ASP 6  6  6  ASP ASP C . n 
C 2 7  ARG 7  7  7  ARG ARG C . n 
C 2 8  SER 8  8  8  SER SER C . n 
C 2 9  THR 9  9  9  THR THR C . n 
C 2 10 LYS 10 10 10 LYS LYS C . n 
C 2 11 PRO 11 11 11 PRO PRO C . n 
C 2 12 PRO 12 12 12 PRO PRO C . n 
C 2 13 LEU 13 13 13 LEU LEU C . n 
D 2 1  PRO 1  1  ?  ?   ?   D . n 
D 2 2  ALA 2  2  2  ALA ALA D . n 
D 2 3  PRO 3  3  3  PRO PRO D . n 
D 2 4  SER 4  4  4  SER SER D . n 
D 2 5  ILE 5  5  5  ILE ILE D . n 
D 2 6  ASP 6  6  6  ASP ASP D . n 
D 2 7  ARG 7  7  7  ARG ARG D . n 
D 2 8  SER 8  8  8  SER SER D . n 
D 2 9  THR 9  9  9  THR THR D . n 
D 2 10 LYS 10 10 10 LYS LYS D . n 
D 2 11 PRO 11 11 11 PRO PRO D . n 
D 2 12 PRO 12 12 12 PRO PRO D . n 
D 2 13 LEU 13 13 13 LEU LEU D . n 
# 
loop_
_pdbx_nonpoly_scheme.asym_id 
_pdbx_nonpoly_scheme.entity_id 
_pdbx_nonpoly_scheme.mon_id 
_pdbx_nonpoly_scheme.ndb_seq_num 
_pdbx_nonpoly_scheme.pdb_seq_num 
_pdbx_nonpoly_scheme.auth_seq_num 
_pdbx_nonpoly_scheme.pdb_mon_id 
_pdbx_nonpoly_scheme.auth_mon_id 
_pdbx_nonpoly_scheme.pdb_strand_id 
_pdbx_nonpoly_scheme.pdb_ins_code 
E 3 CD  1   1056 1056 CD  CD  A . 
F 4 HOH 1   2001 2001 HOH HOH A . 
F 4 HOH 2   2002 2002 HOH HOH A . 
F 4 HOH 3   2003 2003 HOH HOH A . 
F 4 HOH 4   2004 2004 HOH HOH A . 
F 4 HOH 5   2005 2005 HOH HOH A . 
F 4 HOH 6   2006 2006 HOH HOH A . 
F 4 HOH 7   2007 2007 HOH HOH A . 
F 4 HOH 8   2008 2008 HOH HOH A . 
F 4 HOH 9   2009 2009 HOH HOH A . 
F 4 HOH 10  2010 2010 HOH HOH A . 
F 4 HOH 11  2011 2011 HOH HOH A . 
F 4 HOH 12  2012 2012 HOH HOH A . 
F 4 HOH 13  2013 2013 HOH HOH A . 
F 4 HOH 14  2014 2014 HOH HOH A . 
F 4 HOH 15  2015 2015 HOH HOH A . 
F 4 HOH 16  2016 2016 HOH HOH A . 
F 4 HOH 17  2017 2017 HOH HOH A . 
F 4 HOH 18  2018 2018 HOH HOH A . 
F 4 HOH 19  2019 2019 HOH HOH A . 
F 4 HOH 20  2020 2020 HOH HOH A . 
F 4 HOH 21  2021 2021 HOH HOH A . 
F 4 HOH 22  2022 2022 HOH HOH A . 
F 4 HOH 23  2023 2023 HOH HOH A . 
F 4 HOH 24  2024 2024 HOH HOH A . 
F 4 HOH 25  2025 2025 HOH HOH A . 
F 4 HOH 26  2026 2026 HOH HOH A . 
F 4 HOH 27  2027 2027 HOH HOH A . 
F 4 HOH 28  2028 2028 HOH HOH A . 
F 4 HOH 29  2029 2029 HOH HOH A . 
F 4 HOH 30  2030 2030 HOH HOH A . 
F 4 HOH 31  2031 2031 HOH HOH A . 
F 4 HOH 32  2032 2032 HOH HOH A . 
F 4 HOH 33  2033 2033 HOH HOH A . 
F 4 HOH 34  2034 2034 HOH HOH A . 
F 4 HOH 35  2035 2035 HOH HOH A . 
F 4 HOH 36  2036 2036 HOH HOH A . 
F 4 HOH 37  2037 2037 HOH HOH A . 
F 4 HOH 38  2038 2038 HOH HOH A . 
F 4 HOH 39  2039 2039 HOH HOH A . 
F 4 HOH 40  2040 2040 HOH HOH A . 
F 4 HOH 41  2041 2041 HOH HOH A . 
F 4 HOH 42  2042 2042 HOH HOH A . 
F 4 HOH 43  2043 2043 HOH HOH A . 
F 4 HOH 44  2044 2044 HOH HOH A . 
F 4 HOH 45  2045 2045 HOH HOH A . 
F 4 HOH 46  2046 2046 HOH HOH A . 
F 4 HOH 47  2047 2047 HOH HOH A . 
F 4 HOH 48  2048 2048 HOH HOH A . 
F 4 HOH 49  2049 2049 HOH HOH A . 
F 4 HOH 50  2050 2050 HOH HOH A . 
F 4 HOH 51  2051 2051 HOH HOH A . 
F 4 HOH 52  2052 2052 HOH HOH A . 
F 4 HOH 53  2053 2053 HOH HOH A . 
F 4 HOH 54  2054 2054 HOH HOH A . 
F 4 HOH 55  2055 2055 HOH HOH A . 
F 4 HOH 56  2056 2056 HOH HOH A . 
F 4 HOH 57  2057 2057 HOH HOH A . 
F 4 HOH 58  2058 2058 HOH HOH A . 
F 4 HOH 59  2059 2059 HOH HOH A . 
F 4 HOH 60  2060 2060 HOH HOH A . 
F 4 HOH 61  2061 2061 HOH HOH A . 
F 4 HOH 62  2062 2062 HOH HOH A . 
F 4 HOH 63  2063 2063 HOH HOH A . 
F 4 HOH 64  2064 2064 HOH HOH A . 
F 4 HOH 65  2065 2065 HOH HOH A . 
F 4 HOH 66  2066 2066 HOH HOH A . 
F 4 HOH 67  2067 2067 HOH HOH A . 
F 4 HOH 68  2068 2068 HOH HOH A . 
F 4 HOH 69  2069 2069 HOH HOH A . 
F 4 HOH 70  2070 2070 HOH HOH A . 
F 4 HOH 71  2071 2071 HOH HOH A . 
F 4 HOH 72  2072 2072 HOH HOH A . 
F 4 HOH 73  2073 2073 HOH HOH A . 
F 4 HOH 74  2074 2074 HOH HOH A . 
F 4 HOH 75  2075 2075 HOH HOH A . 
F 4 HOH 76  2076 2076 HOH HOH A . 
F 4 HOH 77  2077 2077 HOH HOH A . 
F 4 HOH 78  2078 2078 HOH HOH A . 
F 4 HOH 79  2079 2079 HOH HOH A . 
F 4 HOH 80  2080 2080 HOH HOH A . 
F 4 HOH 81  2081 2081 HOH HOH A . 
F 4 HOH 82  2082 2082 HOH HOH A . 
F 4 HOH 83  2083 2083 HOH HOH A . 
F 4 HOH 84  2084 2084 HOH HOH A . 
F 4 HOH 85  2085 2085 HOH HOH A . 
F 4 HOH 86  2086 2086 HOH HOH A . 
F 4 HOH 87  2087 2087 HOH HOH A . 
F 4 HOH 88  2088 2088 HOH HOH A . 
F 4 HOH 89  2089 2089 HOH HOH A . 
F 4 HOH 90  2090 2090 HOH HOH A . 
F 4 HOH 91  2091 2091 HOH HOH A . 
F 4 HOH 92  2092 2092 HOH HOH A . 
F 4 HOH 93  2093 2093 HOH HOH A . 
F 4 HOH 94  2094 2094 HOH HOH A . 
F 4 HOH 95  2095 2095 HOH HOH A . 
F 4 HOH 96  2096 2096 HOH HOH A . 
F 4 HOH 97  2097 2097 HOH HOH A . 
F 4 HOH 98  2098 2098 HOH HOH A . 
F 4 HOH 99  2099 2099 HOH HOH A . 
F 4 HOH 100 2100 2100 HOH HOH A . 
F 4 HOH 101 2101 2101 HOH HOH A . 
F 4 HOH 102 2102 2102 HOH HOH A . 
F 4 HOH 103 2103 2103 HOH HOH A . 
F 4 HOH 104 2104 2104 HOH HOH A . 
F 4 HOH 105 2105 2105 HOH HOH A . 
G 4 HOH 1   2001 2001 HOH HOH B . 
G 4 HOH 2   2002 2002 HOH HOH B . 
G 4 HOH 3   2003 2003 HOH HOH B . 
G 4 HOH 4   2004 2004 HOH HOH B . 
G 4 HOH 5   2005 2005 HOH HOH B . 
G 4 HOH 6   2006 2006 HOH HOH B . 
G 4 HOH 7   2007 2007 HOH HOH B . 
G 4 HOH 8   2008 2008 HOH HOH B . 
G 4 HOH 9   2009 2009 HOH HOH B . 
G 4 HOH 10  2010 2010 HOH HOH B . 
G 4 HOH 11  2011 2011 HOH HOH B . 
G 4 HOH 12  2012 2012 HOH HOH B . 
G 4 HOH 13  2013 2013 HOH HOH B . 
G 4 HOH 14  2014 2014 HOH HOH B . 
G 4 HOH 15  2015 2015 HOH HOH B . 
G 4 HOH 16  2016 2016 HOH HOH B . 
G 4 HOH 17  2017 2017 HOH HOH B . 
G 4 HOH 18  2018 2018 HOH HOH B . 
G 4 HOH 19  2019 2019 HOH HOH B . 
G 4 HOH 20  2020 2020 HOH HOH B . 
G 4 HOH 21  2021 2021 HOH HOH B . 
G 4 HOH 22  2022 2022 HOH HOH B . 
G 4 HOH 23  2023 2023 HOH HOH B . 
G 4 HOH 24  2024 2024 HOH HOH B . 
G 4 HOH 25  2025 2025 HOH HOH B . 
G 4 HOH 26  2026 2026 HOH HOH B . 
G 4 HOH 27  2027 2027 HOH HOH B . 
G 4 HOH 28  2028 2028 HOH HOH B . 
G 4 HOH 29  2029 2029 HOH HOH B . 
G 4 HOH 30  2030 2030 HOH HOH B . 
G 4 HOH 31  2031 2031 HOH HOH B . 
G 4 HOH 32  2032 2032 HOH HOH B . 
G 4 HOH 33  2033 2033 HOH HOH B . 
G 4 HOH 34  2034 2034 HOH HOH B . 
G 4 HOH 35  2035 2035 HOH HOH B . 
G 4 HOH 36  2036 2036 HOH HOH B . 
G 4 HOH 37  2037 2037 HOH HOH B . 
G 4 HOH 38  2038 2038 HOH HOH B . 
G 4 HOH 39  2039 2039 HOH HOH B . 
G 4 HOH 40  2040 2040 HOH HOH B . 
G 4 HOH 41  2041 2041 HOH HOH B . 
G 4 HOH 42  2042 2042 HOH HOH B . 
G 4 HOH 43  2043 2043 HOH HOH B . 
G 4 HOH 44  2044 2044 HOH HOH B . 
G 4 HOH 45  2045 2045 HOH HOH B . 
G 4 HOH 46  2046 2046 HOH HOH B . 
G 4 HOH 47  2047 2047 HOH HOH B . 
G 4 HOH 48  2048 2048 HOH HOH B . 
G 4 HOH 49  2049 2049 HOH HOH B . 
G 4 HOH 50  2050 2050 HOH HOH B . 
G 4 HOH 51  2051 2051 HOH HOH B . 
G 4 HOH 52  2052 2052 HOH HOH B . 
G 4 HOH 53  2053 2053 HOH HOH B . 
G 4 HOH 54  2054 2054 HOH HOH B . 
G 4 HOH 55  2055 2055 HOH HOH B . 
G 4 HOH 56  2056 2056 HOH HOH B . 
G 4 HOH 57  2057 2057 HOH HOH B . 
G 4 HOH 58  2058 2058 HOH HOH B . 
G 4 HOH 59  2059 2059 HOH HOH B . 
G 4 HOH 60  2060 2060 HOH HOH B . 
G 4 HOH 61  2061 2061 HOH HOH B . 
G 4 HOH 62  2062 2062 HOH HOH B . 
G 4 HOH 63  2063 2063 HOH HOH B . 
G 4 HOH 64  2064 2064 HOH HOH B . 
G 4 HOH 65  2065 2065 HOH HOH B . 
G 4 HOH 66  2066 2066 HOH HOH B . 
G 4 HOH 67  2067 2067 HOH HOH B . 
G 4 HOH 68  2068 2068 HOH HOH B . 
G 4 HOH 69  2069 2069 HOH HOH B . 
G 4 HOH 70  2070 2070 HOH HOH B . 
G 4 HOH 71  2071 2071 HOH HOH B . 
G 4 HOH 72  2072 2072 HOH HOH B . 
G 4 HOH 73  2073 2073 HOH HOH B . 
G 4 HOH 74  2074 2074 HOH HOH B . 
G 4 HOH 75  2075 2075 HOH HOH B . 
G 4 HOH 76  2076 2076 HOH HOH B . 
G 4 HOH 77  2077 2077 HOH HOH B . 
G 4 HOH 78  2078 2078 HOH HOH B . 
G 4 HOH 79  2079 2079 HOH HOH B . 
G 4 HOH 80  2080 2080 HOH HOH B . 
G 4 HOH 81  2081 2081 HOH HOH B . 
G 4 HOH 82  2082 2082 HOH HOH B . 
G 4 HOH 83  2083 2083 HOH HOH B . 
G 4 HOH 84  2084 2084 HOH HOH B . 
G 4 HOH 85  2085 2085 HOH HOH B . 
G 4 HOH 86  2086 2086 HOH HOH B . 
H 4 HOH 1   2001 2001 HOH HOH C . 
H 4 HOH 2   2002 2002 HOH HOH C . 
H 4 HOH 3   2003 2003 HOH HOH C . 
H 4 HOH 4   2004 2004 HOH HOH C . 
H 4 HOH 5   2005 2005 HOH HOH C . 
H 4 HOH 6   2006 2006 HOH HOH C . 
H 4 HOH 7   2007 2007 HOH HOH C . 
H 4 HOH 8   2008 2008 HOH HOH C . 
H 4 HOH 9   2009 2009 HOH HOH C . 
H 4 HOH 10  2010 2010 HOH HOH C . 
H 4 HOH 11  2011 2011 HOH HOH C . 
H 4 HOH 12  2012 2012 HOH HOH C . 
H 4 HOH 13  2013 2013 HOH HOH C . 
H 4 HOH 14  2014 2014 HOH HOH C . 
H 4 HOH 15  2015 2015 HOH HOH C . 
H 4 HOH 16  2016 2016 HOH HOH C . 
H 4 HOH 17  2017 2017 HOH HOH C . 
H 4 HOH 18  2018 2018 HOH HOH C . 
H 4 HOH 19  2019 2019 HOH HOH C . 
H 4 HOH 20  2020 2020 HOH HOH C . 
H 4 HOH 21  2021 2021 HOH HOH C . 
H 4 HOH 22  2022 2022 HOH HOH C . 
H 4 HOH 23  2023 2023 HOH HOH C . 
H 4 HOH 24  2024 2024 HOH HOH C . 
I 4 HOH 1   2001 2001 HOH HOH D . 
I 4 HOH 2   2002 2002 HOH HOH D . 
I 4 HOH 3   2003 2003 HOH HOH D . 
I 4 HOH 4   2004 2004 HOH HOH D . 
I 4 HOH 5   2005 2005 HOH HOH D . 
I 4 HOH 6   2006 2006 HOH HOH D . 
I 4 HOH 7   2007 2007 HOH HOH D . 
I 4 HOH 8   2008 2008 HOH HOH D . 
I 4 HOH 9   2009 2009 HOH HOH D . 
I 4 HOH 10  2010 2010 HOH HOH D . 
I 4 HOH 11  2011 2011 HOH HOH D . 
I 4 HOH 12  2012 2012 HOH HOH D . 
I 4 HOH 13  2013 2013 HOH HOH D . 
I 4 HOH 14  2014 2014 HOH HOH D . 
I 4 HOH 15  2015 2015 HOH HOH D . 
I 4 HOH 16  2016 2016 HOH HOH D . 
I 4 HOH 17  2017 2017 HOH HOH D . 
I 4 HOH 18  2018 2018 HOH HOH D . 
I 4 HOH 19  2019 2019 HOH HOH D . 
I 4 HOH 20  2020 2020 HOH HOH D . 
I 4 HOH 21  2021 2021 HOH HOH D . 
I 4 HOH 22  2022 2022 HOH HOH D . 
I 4 HOH 23  2023 2023 HOH HOH D . 
# 
loop_
_software.name 
_software.classification 
_software.version 
_software.citation_id 
_software.pdbx_ordinal 
REFMAC    refinement       5.1.24 ? 1 
DENZO     'data reduction' .      ? 2 
SCALEPACK 'data scaling'   .      ? 3 
SOLVE     phasing          .      ? 4 
# 
_cell.entry_id           1OEB 
_cell.length_a           28.691 
_cell.length_b           72.072 
_cell.length_c           34.168 
_cell.angle_alpha        90.00 
_cell.angle_beta         97.70 
_cell.angle_gamma        90.00 
_cell.Z_PDB              4 
_cell.pdbx_unique_axis   ? 
# 
_symmetry.entry_id                         1OEB 
_symmetry.space_group_name_H-M             'P 1 21 1' 
_symmetry.pdbx_full_space_group_name_H-M   ? 
_symmetry.cell_setting                     ? 
_symmetry.Int_Tables_number                4 
# 
_exptl.entry_id          1OEB 
_exptl.method            'X-RAY DIFFRACTION' 
_exptl.crystals_number   1 
# 
_exptl_crystal.id                    1 
_exptl_crystal.density_meas          ? 
_exptl_crystal.density_Matthews      1.9 
_exptl_crystal.density_percent_sol   36.3 
_exptl_crystal.description           
'MAD DATA COLLECTED AT SELENIUM PEAK, INFLECTION AND HIGH ENERGY REMOTE WAVELENGTHS. DATA STATISTICS REFLECT THE PEAK WAVELENGTH.' 
# 
_exptl_crystal_grow.crystal_id      1 
_exptl_crystal_grow.method          ? 
_exptl_crystal_grow.temp            ? 
_exptl_crystal_grow.temp_details    ? 
_exptl_crystal_grow.pH              6.50 
_exptl_crystal_grow.pdbx_pH_range   ? 
_exptl_crystal_grow.pdbx_details    'PROTEIN WAS CRYSTALLISED FROM: 20% PEG4000, 5 MM CDCL2,50 MM NA CACODYLATE PH 6.5' 
# 
_diffrn.id                     1 
_diffrn.ambient_temp           100.0 
_diffrn.ambient_temp_details   ? 
_diffrn.crystal_id             1 
# 
_diffrn_detector.diffrn_id              1 
_diffrn_detector.detector               CCD 
_diffrn_detector.type                   MARRESEARCH 
_diffrn_detector.pdbx_collection_date   2002-11-15 
_diffrn_detector.details                MIRRORS 
# 
_diffrn_radiation.diffrn_id                        1 
_diffrn_radiation.wavelength_id                    1 
_diffrn_radiation.pdbx_monochromatic_or_laue_m_l   M 
_diffrn_radiation.monochromator                    'SI(111)' 
_diffrn_radiation.pdbx_diffrn_protocol             MAD 
_diffrn_radiation.pdbx_scattering_type             x-ray 
# 
_diffrn_radiation_wavelength.id           1 
_diffrn_radiation_wavelength.wavelength   0.9786 
_diffrn_radiation_wavelength.wt           1.0 
# 
_diffrn_source.diffrn_id                   1 
_diffrn_source.source                      SYNCHROTRON 
_diffrn_source.type                        'ESRF BEAMLINE BM14' 
_diffrn_source.pdbx_synchrotron_site       ESRF 
_diffrn_source.pdbx_synchrotron_beamline   BM14 
_diffrn_source.pdbx_wavelength             0.9786 
_diffrn_source.pdbx_wavelength_list        ? 
# 
_reflns.pdbx_diffrn_id               1 
_reflns.pdbx_ordinal                 1 
_reflns.entry_id                     1OEB 
_reflns.observed_criterion_sigma_I   4.000 
_reflns.observed_criterion_sigma_F   ? 
_reflns.d_resolution_low             36.000 
_reflns.d_resolution_high            1.690 
_reflns.number_obs                   15317 
_reflns.number_all                   ? 
_reflns.percent_possible_obs         98.0 
_reflns.pdbx_Rmerge_I_obs            0.05500 
_reflns.pdbx_Rsym_value              ? 
_reflns.pdbx_netI_over_sigmaI        28.2000 
_reflns.B_iso_Wilson_estimate        ? 
_reflns.pdbx_redundancy              6.500 
# 
_reflns_shell.pdbx_diffrn_id         1 
_reflns_shell.pdbx_ordinal           1 
_reflns_shell.d_res_high             1.69 
_reflns_shell.d_res_low              1.75 
_reflns_shell.percent_possible_all   81.4 
_reflns_shell.Rmerge_I_obs           0.40400 
_reflns_shell.pdbx_Rsym_value        ? 
_reflns_shell.meanI_over_sigI_obs    4.000 
_reflns_shell.pdbx_redundancy        ? 
# 
_refine.pdbx_refine_id                           'X-RAY DIFFRACTION' 
_refine.entry_id                                 1OEB 
_refine.pdbx_diffrn_id                           1 
_refine.pdbx_TLS_residual_ADP_flag               ? 
_refine.ls_number_reflns_obs                     12567 
_refine.ls_number_reflns_all                     ? 
_refine.pdbx_ls_sigma_I                          ? 
_refine.pdbx_ls_sigma_F                          ? 
_refine.pdbx_data_cutoff_high_absF               ? 
_refine.pdbx_data_cutoff_low_absF                ? 
_refine.pdbx_data_cutoff_high_rms_absF           ? 
_refine.ls_d_res_low                             19.69 
_refine.ls_d_res_high                            1.76 
_refine.ls_percent_reflns_obs                    96.5 
_refine.ls_R_factor_obs                          0.174 
_refine.ls_R_factor_all                          ? 
_refine.ls_R_factor_R_work                       0.171 
_refine.ls_R_factor_R_free                       0.235 
_refine.ls_R_factor_R_free_error                 ? 
_refine.ls_R_factor_R_free_error_details         ? 
_refine.ls_percent_reflns_R_free                 4.900 
_refine.ls_number_reflns_R_free                  652 
_refine.ls_number_parameters                     ? 
_refine.ls_number_restraints                     ? 
_refine.occupancy_min                            ? 
_refine.occupancy_max                            ? 
_refine.correlation_coeff_Fo_to_Fc               0.961 
_refine.correlation_coeff_Fo_to_Fc_free          0.914 
_refine.B_iso_mean                               24.64 
_refine.aniso_B[1][1]                            -0.04000 
_refine.aniso_B[2][2]                            0.01000 
_refine.aniso_B[3][3]                            0.02000 
_refine.aniso_B[1][2]                            0.00000 
_refine.aniso_B[1][3]                            0.00000 
_refine.aniso_B[2][3]                            0.00000 
_refine.solvent_model_details                    'BABINET MODEL WITH MASK' 
_refine.solvent_model_param_ksol                 ? 
_refine.solvent_model_param_bsol                 ? 
_refine.pdbx_solvent_vdw_probe_radii             1.40 
_refine.pdbx_solvent_ion_probe_radii             0.80 
_refine.pdbx_solvent_shrinkage_radii             0.80 
_refine.pdbx_ls_cross_valid_method               THROUGHOUT 
_refine.details                                  ? 
_refine.pdbx_starting_model                      ? 
_refine.pdbx_method_to_determine_struct          MAD 
_refine.pdbx_isotropic_thermal_model             ? 
_refine.pdbx_stereochemistry_target_values       'MAXIMUM LIKELIHOOD' 
_refine.pdbx_stereochem_target_val_spec_case     ? 
_refine.pdbx_R_Free_selection_details            RANDOM 
_refine.pdbx_overall_ESU_R                       0.134 
_refine.pdbx_overall_ESU_R_Free                  0.139 
_refine.overall_SU_ML                            0.097 
_refine.pdbx_overall_phase_error                 ? 
_refine.overall_SU_B                             3.097 
_refine.overall_SU_R_Cruickshank_DPI             ? 
_refine.pdbx_overall_SU_R_free_Cruickshank_DPI   ? 
_refine.pdbx_overall_SU_R_Blow_DPI               ? 
_refine.pdbx_overall_SU_R_free_Blow_DPI          ? 
# 
_refine_hist.pdbx_refine_id                   'X-RAY DIFFRACTION' 
_refine_hist.cycle_id                         LAST 
_refine_hist.pdbx_number_atoms_protein        1098 
_refine_hist.pdbx_number_atoms_nucleic_acid   0 
_refine_hist.pdbx_number_atoms_ligand         1 
_refine_hist.number_atoms_solvent             238 
_refine_hist.number_atoms_total               1337 
_refine_hist.d_res_high                       1.76 
_refine_hist.d_res_low                        19.69 
# 
loop_
_refine_ls_restr.type 
_refine_ls_restr.dev_ideal 
_refine_ls_restr.dev_ideal_target 
_refine_ls_restr.weight 
_refine_ls_restr.number 
_refine_ls_restr.pdbx_refine_id 
_refine_ls_restr.pdbx_restraint_function 
r_bond_refined_d             0.017 0.021 ? 1130 'X-RAY DIFFRACTION' ? 
r_bond_other_d               ?     ?     ? ?    'X-RAY DIFFRACTION' ? 
r_angle_refined_deg          1.545 1.955 ? 1537 'X-RAY DIFFRACTION' ? 
r_angle_other_deg            ?     ?     ? ?    'X-RAY DIFFRACTION' ? 
r_dihedral_angle_1_deg       5.067 5.000 ? 133  'X-RAY DIFFRACTION' ? 
r_dihedral_angle_2_deg       ?     ?     ? ?    'X-RAY DIFFRACTION' ? 
r_dihedral_angle_3_deg       ?     ?     ? ?    'X-RAY DIFFRACTION' ? 
r_dihedral_angle_4_deg       ?     ?     ? ?    'X-RAY DIFFRACTION' ? 
r_chiral_restr               0.115 0.200 ? 161  'X-RAY DIFFRACTION' ? 
r_gen_planes_refined         0.008 0.020 ? 879  'X-RAY DIFFRACTION' ? 
r_gen_planes_other           ?     ?     ? ?    'X-RAY DIFFRACTION' ? 
r_nbd_refined                0.222 0.200 ? 491  'X-RAY DIFFRACTION' ? 
r_nbd_other                  ?     ?     ? ?    'X-RAY DIFFRACTION' ? 
r_nbtor_refined              ?     ?     ? ?    'X-RAY DIFFRACTION' ? 
r_nbtor_other                ?     ?     ? ?    'X-RAY DIFFRACTION' ? 
r_xyhbond_nbd_refined        0.186 0.200 ? 139  'X-RAY DIFFRACTION' ? 
r_xyhbond_nbd_other          ?     ?     ? ?    'X-RAY DIFFRACTION' ? 
r_metal_ion_refined          0.200 0.200 ? 1    'X-RAY DIFFRACTION' ? 
r_metal_ion_other            ?     ?     ? ?    'X-RAY DIFFRACTION' ? 
r_symmetry_vdw_refined       0.211 0.200 ? 36   'X-RAY DIFFRACTION' ? 
r_symmetry_vdw_other         ?     ?     ? ?    'X-RAY DIFFRACTION' ? 
r_symmetry_hbond_refined     0.166 0.200 ? 31   'X-RAY DIFFRACTION' ? 
r_symmetry_hbond_other       ?     ?     ? ?    'X-RAY DIFFRACTION' ? 
r_symmetry_metal_ion_refined ?     ?     ? ?    'X-RAY DIFFRACTION' ? 
r_symmetry_metal_ion_other   ?     ?     ? ?    'X-RAY DIFFRACTION' ? 
r_mcbond_it                  0.938 1.500 ? 690  'X-RAY DIFFRACTION' ? 
r_mcbond_other               ?     ?     ? ?    'X-RAY DIFFRACTION' ? 
r_mcangle_it                 1.700 2.000 ? 1104 'X-RAY DIFFRACTION' ? 
r_mcangle_other              ?     ?     ? ?    'X-RAY DIFFRACTION' ? 
r_scbond_it                  2.865 3.000 ? 440  'X-RAY DIFFRACTION' ? 
r_scbond_other               ?     ?     ? ?    'X-RAY DIFFRACTION' ? 
r_scangle_it                 4.368 4.500 ? 433  'X-RAY DIFFRACTION' ? 
r_scangle_other              ?     ?     ? ?    'X-RAY DIFFRACTION' ? 
r_long_range_B_refined       ?     ?     ? ?    'X-RAY DIFFRACTION' ? 
r_long_range_B_other         ?     ?     ? ?    'X-RAY DIFFRACTION' ? 
r_rigid_bond_restr           ?     ?     ? ?    'X-RAY DIFFRACTION' ? 
r_sphericity_free            ?     ?     ? ?    'X-RAY DIFFRACTION' ? 
r_sphericity_bonded          ?     ?     ? ?    'X-RAY DIFFRACTION' ? 
# 
loop_
_refine_ls_restr_ncs.dom_id 
_refine_ls_restr_ncs.pdbx_auth_asym_id 
_refine_ls_restr_ncs.pdbx_number 
_refine_ls_restr_ncs.rms_dev_position 
_refine_ls_restr_ncs.weight_position 
_refine_ls_restr_ncs.pdbx_type 
_refine_ls_restr_ncs.pdbx_ens_id 
_refine_ls_restr_ncs.pdbx_ordinal 
_refine_ls_restr_ncs.pdbx_refine_id 
_refine_ls_restr_ncs.ncs_model_details 
_refine_ls_restr_ncs.rms_dev_B_iso 
_refine_ls_restr_ncs.weight_B_iso 
_refine_ls_restr_ncs.pdbx_asym_id 
_refine_ls_restr_ncs.pdbx_rms 
_refine_ls_restr_ncs.pdbx_weight 
1 A 212 0.09 0.05 'tight positional'  1 1 'X-RAY DIFFRACTION' ? ? ? ? ? ? 
1 A 218 0.39 0.50 'medium positional' 1 2 'X-RAY DIFFRACTION' ? ? ? ? ? ? 
1 C 89  0.25 0.50 'medium positional' 2 3 'X-RAY DIFFRACTION' ? ? ? ? ? ? 
1 A 212 0.44 0.50 'tight thermal'     1 4 'X-RAY DIFFRACTION' ? ? ? ? ? ? 
1 A 218 1.28 2.00 'medium thermal'    1 5 'X-RAY DIFFRACTION' ? ? ? ? ? ? 
1 C 89  1.30 2.00 'medium thermal'    2 6 'X-RAY DIFFRACTION' ? ? ? ? ? ? 
# 
_refine_ls_shell.pdbx_refine_id                   'X-RAY DIFFRACTION' 
_refine_ls_shell.pdbx_total_number_of_bins_used   20 
_refine_ls_shell.d_res_high                       1.76 
_refine_ls_shell.d_res_low                        1.80 
_refine_ls_shell.number_reflns_R_work             895 
_refine_ls_shell.R_factor_R_work                  0.2530 
_refine_ls_shell.percent_reflns_obs               ? 
_refine_ls_shell.R_factor_R_free                  0.3090 
_refine_ls_shell.R_factor_R_free_error            ? 
_refine_ls_shell.percent_reflns_R_free            ? 
_refine_ls_shell.number_reflns_R_free             39 
_refine_ls_shell.number_reflns_all                ? 
_refine_ls_shell.R_factor_all                     ? 
# 
loop_
_struct_ncs_oper.id 
_struct_ncs_oper.code 
_struct_ncs_oper.details 
_struct_ncs_oper.matrix[1][1] 
_struct_ncs_oper.matrix[1][2] 
_struct_ncs_oper.matrix[1][3] 
_struct_ncs_oper.matrix[2][1] 
_struct_ncs_oper.matrix[2][2] 
_struct_ncs_oper.matrix[2][3] 
_struct_ncs_oper.matrix[3][1] 
_struct_ncs_oper.matrix[3][2] 
_struct_ncs_oper.matrix[3][3] 
_struct_ncs_oper.vector[1] 
_struct_ncs_oper.vector[2] 
_struct_ncs_oper.vector[3] 
1 given ? -0.15820364 0.81819922 -0.55235753 0.78448936 -0.23525868 -0.57364200 -0.59927612 -0.52442003 -0.60473768 0.36877 -0.98078 -0.92775 
2 given ? -0.15636335 0.78470726 -0.59332320 0.78682634 -0.18811166 -0.53924519 -0.59023250 -0.53626945 -0.65309499 0.28048 -1.12722 -1.73392 
# 
loop_
_struct_ncs_dom.id 
_struct_ncs_dom.details 
_struct_ncs_dom.pdbx_ens_id 
1 A 1 
2 B 1 
1 C 2 
2 D 2 
# 
loop_
_struct_ncs_dom_lim.pdbx_ens_id 
_struct_ncs_dom_lim.dom_id 
_struct_ncs_dom_lim.pdbx_component_id 
_struct_ncs_dom_lim.beg_label_asym_id 
_struct_ncs_dom_lim.beg_label_comp_id 
_struct_ncs_dom_lim.beg_label_seq_id 
_struct_ncs_dom_lim.beg_label_alt_id 
_struct_ncs_dom_lim.end_label_asym_id 
_struct_ncs_dom_lim.end_label_comp_id 
_struct_ncs_dom_lim.end_label_seq_id 
_struct_ncs_dom_lim.end_label_alt_id 
_struct_ncs_dom_lim.beg_auth_asym_id 
_struct_ncs_dom_lim.beg_auth_comp_id 
_struct_ncs_dom_lim.beg_auth_seq_id 
_struct_ncs_dom_lim.end_auth_asym_id 
_struct_ncs_dom_lim.end_auth_comp_id 
_struct_ncs_dom_lim.end_auth_seq_id 
_struct_ncs_dom_lim.pdbx_refine_code 
_struct_ncs_dom_lim.selection_details 
1 1 1 A TRP 7 . A PRO 59 . A TRP 3 A PRO 55 2 ? 
1 2 1 B TRP 7 . B PRO 59 . B TRP 3 B PRO 55 2 ? 
2 1 1 C ALA 2 . C LEU 13 . C ALA 2 C LEU 13 4 ? 
2 2 1 D ALA 2 . D LEU 13 . D ALA 2 D LEU 13 4 ? 
# 
loop_
_struct_ncs_ens.id 
_struct_ncs_ens.details 
1 ? 
2 ? 
# 
_struct.entry_id                  1OEB 
_struct.title                     'Mona/Gads SH3C domain' 
_struct.pdbx_model_details        ? 
_struct.pdbx_CASP_flag            ? 
_struct.pdbx_model_type_details   ? 
# 
_struct_keywords.entry_id        1OEB 
_struct_keywords.pdbx_keywords   'PROTEIN BINDING' 
_struct_keywords.text            'PROTEIN BINDING, SH3 DOMAIN-COMPLEX, SH3, SLP-76, DIMER, MONA, GADS, SIGNAL TRANDUCTION' 
# 
loop_
_struct_asym.id 
_struct_asym.pdbx_blank_PDB_chainid_flag 
_struct_asym.pdbx_modified 
_struct_asym.entity_id 
_struct_asym.details 
A N N 1 ? 
B N N 1 ? 
C N N 2 ? 
D N N 2 ? 
E N N 3 ? 
F N N 4 ? 
G N N 4 ? 
H N N 4 ? 
I N N 4 ? 
# 
loop_
_struct_ref.id 
_struct_ref.db_name 
_struct_ref.db_code 
_struct_ref.entity_id 
_struct_ref.pdbx_seq_one_letter_code 
_struct_ref.pdbx_align_begin 
_struct_ref.pdbx_db_accession 
_struct_ref.pdbx_db_isoform 
1 PDB 1OEB       1 ? ? 1OEB   ? 
2 UNP GRP2_MOUSE 1 ? ? O89100 ? 
3 UNP LCP2_MOUSE 2 ? ? Q60787 ? 
# 
loop_
_struct_ref_seq.align_id 
_struct_ref_seq.ref_id 
_struct_ref_seq.pdbx_PDB_id_code 
_struct_ref_seq.pdbx_strand_id 
_struct_ref_seq.seq_align_beg 
_struct_ref_seq.pdbx_seq_align_beg_ins_code 
_struct_ref_seq.seq_align_end 
_struct_ref_seq.pdbx_seq_align_end_ins_code 
_struct_ref_seq.pdbx_db_accession 
_struct_ref_seq.db_align_beg 
_struct_ref_seq.pdbx_db_align_beg_ins_code 
_struct_ref_seq.db_align_end 
_struct_ref_seq.pdbx_db_align_end_ins_code 
_struct_ref_seq.pdbx_auth_seq_align_beg 
_struct_ref_seq.pdbx_auth_seq_align_end 
1 1 1OEB A 1 ? 4  ? 1OEB   -4  ? -1  ? -4 -1 
2 2 1OEB A 5 ? 62 ? O89100 265 ? 322 ? 1  58 
3 1 1OEB B 1 ? 4  ? 1OEB   -4  ? -1  ? -4 -1 
4 2 1OEB B 5 ? 62 ? O89100 265 ? 322 ? 1  58 
5 3 1OEB C 1 ? 13 ? Q60787 231 ? 243 ? 1  13 
6 3 1OEB D 1 ? 13 ? Q60787 231 ? 243 ? 1  13 
# 
loop_
_pdbx_struct_assembly.id 
_pdbx_struct_assembly.details 
_pdbx_struct_assembly.method_details 
_pdbx_struct_assembly.oligomeric_details 
_pdbx_struct_assembly.oligomeric_count 
1 author_and_software_defined_assembly PQS dimeric 2 
2 author_and_software_defined_assembly PQS dimeric 2 
# 
loop_
_pdbx_struct_assembly_gen.assembly_id 
_pdbx_struct_assembly_gen.oper_expression 
_pdbx_struct_assembly_gen.asym_id_list 
1 1 A,D,E,F,I 
2 1 B,C,G,H   
# 
_pdbx_struct_oper_list.id                   1 
_pdbx_struct_oper_list.type                 'identity operation' 
_pdbx_struct_oper_list.name                 1_555 
_pdbx_struct_oper_list.symmetry_operation   x,y,z 
_pdbx_struct_oper_list.matrix[1][1]         1.0000000000 
_pdbx_struct_oper_list.matrix[1][2]         0.0000000000 
_pdbx_struct_oper_list.matrix[1][3]         0.0000000000 
_pdbx_struct_oper_list.vector[1]            0.0000000000 
_pdbx_struct_oper_list.matrix[2][1]         0.0000000000 
_pdbx_struct_oper_list.matrix[2][2]         1.0000000000 
_pdbx_struct_oper_list.matrix[2][3]         0.0000000000 
_pdbx_struct_oper_list.vector[2]            0.0000000000 
_pdbx_struct_oper_list.matrix[3][1]         0.0000000000 
_pdbx_struct_oper_list.matrix[3][2]         0.0000000000 
_pdbx_struct_oper_list.matrix[3][3]         1.0000000000 
_pdbx_struct_oper_list.vector[3]            0.0000000000 
# 
_struct_biol.id   1 
# 
loop_
_struct_conf.conf_type_id 
_struct_conf.id 
_struct_conf.pdbx_PDB_helix_id 
_struct_conf.beg_label_comp_id 
_struct_conf.beg_label_asym_id 
_struct_conf.beg_label_seq_id 
_struct_conf.pdbx_beg_PDB_ins_code 
_struct_conf.end_label_comp_id 
_struct_conf.end_label_asym_id 
_struct_conf.end_label_seq_id 
_struct_conf.pdbx_end_PDB_ins_code 
_struct_conf.beg_auth_comp_id 
_struct_conf.beg_auth_asym_id 
_struct_conf.beg_auth_seq_id 
_struct_conf.end_auth_comp_id 
_struct_conf.end_auth_asym_id 
_struct_conf.end_auth_seq_id 
_struct_conf.pdbx_PDB_helix_class 
_struct_conf.details 
_struct_conf.pdbx_PDB_helix_length 
HELX_P HELX_P1 1 ASP C 6 ? LYS C 10 ? ASP C 6 LYS C 10 5 ? 5 
HELX_P HELX_P2 2 ASP D 6 ? LYS D 10 ? ASP D 6 LYS D 10 5 ? 5 
# 
_struct_conf_type.id          HELX_P 
_struct_conf_type.criteria    ? 
_struct_conf_type.reference   ? 
# 
loop_
_struct_conn.id 
_struct_conn.conn_type_id 
_struct_conn.pdbx_leaving_atom_flag 
_struct_conn.pdbx_PDB_id 
_struct_conn.ptnr1_label_asym_id 
_struct_conn.ptnr1_label_comp_id 
_struct_conn.ptnr1_label_seq_id 
_struct_conn.ptnr1_label_atom_id 
_struct_conn.pdbx_ptnr1_label_alt_id 
_struct_conn.pdbx_ptnr1_PDB_ins_code 
_struct_conn.pdbx_ptnr1_standard_comp_id 
_struct_conn.ptnr1_symmetry 
_struct_conn.ptnr2_label_asym_id 
_struct_conn.ptnr2_label_comp_id 
_struct_conn.ptnr2_label_seq_id 
_struct_conn.ptnr2_label_atom_id 
_struct_conn.pdbx_ptnr2_label_alt_id 
_struct_conn.pdbx_ptnr2_PDB_ins_code 
_struct_conn.ptnr1_auth_asym_id 
_struct_conn.ptnr1_auth_comp_id 
_struct_conn.ptnr1_auth_seq_id 
_struct_conn.ptnr2_auth_asym_id 
_struct_conn.ptnr2_auth_comp_id 
_struct_conn.ptnr2_auth_seq_id 
_struct_conn.ptnr2_symmetry 
_struct_conn.pdbx_ptnr3_label_atom_id 
_struct_conn.pdbx_ptnr3_label_seq_id 
_struct_conn.pdbx_ptnr3_label_comp_id 
_struct_conn.pdbx_ptnr3_label_asym_id 
_struct_conn.pdbx_ptnr3_label_alt_id 
_struct_conn.pdbx_ptnr3_PDB_ins_code 
_struct_conn.details 
_struct_conn.pdbx_dist_value 
_struct_conn.pdbx_value_order 
_struct_conn.pdbx_role 
metalc1 metalc ? ? A GLU 28 OE1 ? ? ? 1_555 E CD  .  CD  ? ? A GLU 24   A CD  1056 1_555 ? ? ? ? ? ? ? 2.510 ? ? 
metalc2 metalc ? ? A GLU 28 OE2 ? ? ? 1_555 E CD  .  CD  ? ? A GLU 24   A CD  1056 1_555 ? ? ? ? ? ? ? 2.327 ? ? 
metalc3 metalc ? ? A HIS 46 NE2 ? ? ? 1_555 E CD  .  CD  ? ? A HIS 42   A CD  1056 1_555 ? ? ? ? ? ? ? 2.297 ? ? 
metalc4 metalc ? ? E CD  .  CD  ? ? ? 1_555 B GLU 28 OE2 ? ? A CD  1056 B GLU 24   1_555 ? ? ? ? ? ? ? 2.492 ? ? 
metalc5 metalc ? ? E CD  .  CD  ? ? ? 1_555 B GLU 28 OE1 ? ? A CD  1056 B GLU 24   1_555 ? ? ? ? ? ? ? 2.388 ? ? 
metalc6 metalc ? ? E CD  .  CD  ? ? ? 1_555 B HIS 46 NE2 ? ? A CD  1056 B HIS 42   1_555 ? ? ? ? ? ? ? 2.316 ? ? 
metalc7 metalc ? ? E CD  .  CD  ? ? ? 1_555 G HOH .  O   ? ? A CD  1056 B HOH 2049 1_555 ? ? ? ? ? ? ? 2.000 ? ? 
# 
_struct_conn_type.id          metalc 
_struct_conn_type.criteria    ? 
_struct_conn_type.reference   ? 
# 
loop_
_pdbx_struct_conn_angle.id 
_pdbx_struct_conn_angle.ptnr1_label_atom_id 
_pdbx_struct_conn_angle.ptnr1_label_alt_id 
_pdbx_struct_conn_angle.ptnr1_label_asym_id 
_pdbx_struct_conn_angle.ptnr1_label_comp_id 
_pdbx_struct_conn_angle.ptnr1_label_seq_id 
_pdbx_struct_conn_angle.ptnr1_auth_atom_id 
_pdbx_struct_conn_angle.ptnr1_auth_asym_id 
_pdbx_struct_conn_angle.ptnr1_auth_comp_id 
_pdbx_struct_conn_angle.ptnr1_auth_seq_id 
_pdbx_struct_conn_angle.ptnr1_PDB_ins_code 
_pdbx_struct_conn_angle.ptnr1_symmetry 
_pdbx_struct_conn_angle.ptnr2_label_atom_id 
_pdbx_struct_conn_angle.ptnr2_label_alt_id 
_pdbx_struct_conn_angle.ptnr2_label_asym_id 
_pdbx_struct_conn_angle.ptnr2_label_comp_id 
_pdbx_struct_conn_angle.ptnr2_label_seq_id 
_pdbx_struct_conn_angle.ptnr2_auth_atom_id 
_pdbx_struct_conn_angle.ptnr2_auth_asym_id 
_pdbx_struct_conn_angle.ptnr2_auth_comp_id 
_pdbx_struct_conn_angle.ptnr2_auth_seq_id 
_pdbx_struct_conn_angle.ptnr2_PDB_ins_code 
_pdbx_struct_conn_angle.ptnr2_symmetry 
_pdbx_struct_conn_angle.ptnr3_label_atom_id 
_pdbx_struct_conn_angle.ptnr3_label_alt_id 
_pdbx_struct_conn_angle.ptnr3_label_asym_id 
_pdbx_struct_conn_angle.ptnr3_label_comp_id 
_pdbx_struct_conn_angle.ptnr3_label_seq_id 
_pdbx_struct_conn_angle.ptnr3_auth_atom_id 
_pdbx_struct_conn_angle.ptnr3_auth_asym_id 
_pdbx_struct_conn_angle.ptnr3_auth_comp_id 
_pdbx_struct_conn_angle.ptnr3_auth_seq_id 
_pdbx_struct_conn_angle.ptnr3_PDB_ins_code 
_pdbx_struct_conn_angle.ptnr3_symmetry 
_pdbx_struct_conn_angle.value 
_pdbx_struct_conn_angle.value_esd 
1  OE1 ? A GLU 28 ? A GLU 24 ? 1_555 CD ? E CD . ? A CD 1056 ? 1_555 OE2 ? A GLU 28 ? A GLU 24   ? 1_555 55.6  ? 
2  OE1 ? A GLU 28 ? A GLU 24 ? 1_555 CD ? E CD . ? A CD 1056 ? 1_555 NE2 ? A HIS 46 ? A HIS 42   ? 1_555 89.5  ? 
3  OE2 ? A GLU 28 ? A GLU 24 ? 1_555 CD ? E CD . ? A CD 1056 ? 1_555 NE2 ? A HIS 46 ? A HIS 42   ? 1_555 100.4 ? 
4  OE1 ? A GLU 28 ? A GLU 24 ? 1_555 CD ? E CD . ? A CD 1056 ? 1_555 OE2 ? B GLU 28 ? B GLU 24   ? 1_555 167.0 ? 
5  OE2 ? A GLU 28 ? A GLU 24 ? 1_555 CD ? E CD . ? A CD 1056 ? 1_555 OE2 ? B GLU 28 ? B GLU 24   ? 1_555 137.4 ? 
6  NE2 ? A HIS 46 ? A HIS 42 ? 1_555 CD ? E CD . ? A CD 1056 ? 1_555 OE2 ? B GLU 28 ? B GLU 24   ? 1_555 88.6  ? 
7  OE1 ? A GLU 28 ? A GLU 24 ? 1_555 CD ? E CD . ? A CD 1056 ? 1_555 OE1 ? B GLU 28 ? B GLU 24   ? 1_555 140.2 ? 
8  OE2 ? A GLU 28 ? A GLU 24 ? 1_555 CD ? E CD . ? A CD 1056 ? 1_555 OE1 ? B GLU 28 ? B GLU 24   ? 1_555 85.2  ? 
9  NE2 ? A HIS 46 ? A HIS 42 ? 1_555 CD ? E CD . ? A CD 1056 ? 1_555 OE1 ? B GLU 28 ? B GLU 24   ? 1_555 91.3  ? 
10 OE2 ? B GLU 28 ? B GLU 24 ? 1_555 CD ? E CD . ? A CD 1056 ? 1_555 OE1 ? B GLU 28 ? B GLU 24   ? 1_555 52.7  ? 
11 OE1 ? A GLU 28 ? A GLU 24 ? 1_555 CD ? E CD . ? A CD 1056 ? 1_555 NE2 ? B HIS 46 ? B HIS 42   ? 1_555 89.2  ? 
12 OE2 ? A GLU 28 ? A GLU 24 ? 1_555 CD ? E CD . ? A CD 1056 ? 1_555 NE2 ? B HIS 46 ? B HIS 42   ? 1_555 88.6  ? 
13 NE2 ? A HIS 46 ? A HIS 42 ? 1_555 CD ? E CD . ? A CD 1056 ? 1_555 NE2 ? B HIS 46 ? B HIS 42   ? 1_555 168.0 ? 
14 OE2 ? B GLU 28 ? B GLU 24 ? 1_555 CD ? E CD . ? A CD 1056 ? 1_555 NE2 ? B HIS 46 ? B HIS 42   ? 1_555 89.9  ? 
15 OE1 ? B GLU 28 ? B GLU 24 ? 1_555 CD ? E CD . ? A CD 1056 ? 1_555 NE2 ? B HIS 46 ? B HIS 42   ? 1_555 97.3  ? 
16 OE1 ? A GLU 28 ? A GLU 24 ? 1_555 CD ? E CD . ? A CD 1056 ? 1_555 O   ? G HOH .  ? B HOH 2049 ? 1_555 89.8  ? 
17 OE2 ? A GLU 28 ? A GLU 24 ? 1_555 CD ? E CD . ? A CD 1056 ? 1_555 O   ? G HOH .  ? B HOH 2049 ? 1_555 145.0 ? 
18 NE2 ? A HIS 46 ? A HIS 42 ? 1_555 CD ? E CD . ? A CD 1056 ? 1_555 O   ? G HOH .  ? B HOH 2049 ? 1_555 82.7  ? 
19 OE2 ? B GLU 28 ? B GLU 24 ? 1_555 CD ? E CD . ? A CD 1056 ? 1_555 O   ? G HOH .  ? B HOH 2049 ? 1_555 77.2  ? 
20 OE1 ? B GLU 28 ? B GLU 24 ? 1_555 CD ? E CD . ? A CD 1056 ? 1_555 O   ? G HOH .  ? B HOH 2049 ? 1_555 129.7 ? 
21 NE2 ? B HIS 46 ? B HIS 42 ? 1_555 CD ? E CD . ? A CD 1056 ? 1_555 O   ? G HOH .  ? B HOH 2049 ? 1_555 85.4  ? 
# 
loop_
_struct_sheet.id 
_struct_sheet.type 
_struct_sheet.number_strands 
_struct_sheet.details 
AA ? 5 ? 
BA ? 5 ? 
# 
loop_
_struct_sheet_order.sheet_id 
_struct_sheet_order.range_id_1 
_struct_sheet_order.range_id_2 
_struct_sheet_order.offset 
_struct_sheet_order.sense 
AA 1 2 ? anti-parallel 
AA 2 3 ? anti-parallel 
AA 3 4 ? anti-parallel 
AA 4 5 ? anti-parallel 
BA 1 2 ? anti-parallel 
BA 2 3 ? anti-parallel 
BA 3 4 ? anti-parallel 
BA 4 5 ? anti-parallel 
# 
loop_
_struct_sheet_range.sheet_id 
_struct_sheet_range.id 
_struct_sheet_range.beg_label_comp_id 
_struct_sheet_range.beg_label_asym_id 
_struct_sheet_range.beg_label_seq_id 
_struct_sheet_range.pdbx_beg_PDB_ins_code 
_struct_sheet_range.end_label_comp_id 
_struct_sheet_range.end_label_asym_id 
_struct_sheet_range.end_label_seq_id 
_struct_sheet_range.pdbx_end_PDB_ins_code 
_struct_sheet_range.beg_auth_comp_id 
_struct_sheet_range.beg_auth_asym_id 
_struct_sheet_range.beg_auth_seq_id 
_struct_sheet_range.end_auth_comp_id 
_struct_sheet_range.end_auth_asym_id 
_struct_sheet_range.end_auth_seq_id 
AA 1 LYS A 48 ? PRO A 53 ? LYS A 44 PRO A 49 
AA 2 TRP A 40 ? LEU A 45 ? TRP A 36 LEU A 41 
AA 3 VAL A 29 ? ASP A 34 ? VAL A 25 ASP A 30 
AA 4 TRP A 7  ? ALA A 10 ? TRP A 3  ALA A 6  
AA 5 VAL A 57 ? ALA A 58 ? VAL A 53 ALA A 54 
BA 1 LYS B 48 ? PRO B 53 ? LYS B 44 PRO B 49 
BA 2 TRP B 40 ? LEU B 45 ? TRP B 36 LEU B 41 
BA 3 VAL B 29 ? ASP B 34 ? VAL B 25 ASP B 30 
BA 4 ALA B 8  ? ALA B 10 ? ALA B 4  ALA B 6  
BA 5 VAL B 57 ? PRO B 59 ? VAL B 53 PRO B 55 
# 
loop_
_pdbx_struct_sheet_hbond.sheet_id 
_pdbx_struct_sheet_hbond.range_id_1 
_pdbx_struct_sheet_hbond.range_id_2 
_pdbx_struct_sheet_hbond.range_1_label_atom_id 
_pdbx_struct_sheet_hbond.range_1_label_comp_id 
_pdbx_struct_sheet_hbond.range_1_label_asym_id 
_pdbx_struct_sheet_hbond.range_1_label_seq_id 
_pdbx_struct_sheet_hbond.range_1_PDB_ins_code 
_pdbx_struct_sheet_hbond.range_1_auth_atom_id 
_pdbx_struct_sheet_hbond.range_1_auth_comp_id 
_pdbx_struct_sheet_hbond.range_1_auth_asym_id 
_pdbx_struct_sheet_hbond.range_1_auth_seq_id 
_pdbx_struct_sheet_hbond.range_2_label_atom_id 
_pdbx_struct_sheet_hbond.range_2_label_comp_id 
_pdbx_struct_sheet_hbond.range_2_label_asym_id 
_pdbx_struct_sheet_hbond.range_2_label_seq_id 
_pdbx_struct_sheet_hbond.range_2_PDB_ins_code 
_pdbx_struct_sheet_hbond.range_2_auth_atom_id 
_pdbx_struct_sheet_hbond.range_2_auth_comp_id 
_pdbx_struct_sheet_hbond.range_2_auth_asym_id 
_pdbx_struct_sheet_hbond.range_2_auth_seq_id 
AA 1 2 N PHE A 52 ? N PHE A 48 O TRP A 41 ? O TRP A 37 
AA 2 3 N ARG A 44 ? N ARG A 40 O GLU A 31 ? O GLU A 27 
AA 3 4 N VAL A 30 ? N VAL A 26 O ALA A 8  ? O ALA A 4  
AA 4 5 N ARG A 9  ? N ARG A 5  O ALA A 58 ? O ALA A 54 
BA 1 2 N PHE B 52 ? N PHE B 48 O TRP B 41 ? O TRP B 37 
BA 2 3 N ARG B 44 ? N ARG B 40 O GLU B 31 ? O GLU B 27 
BA 3 4 N VAL B 30 ? N VAL B 26 O ALA B 8  ? O ALA B 4  
BA 4 5 N ARG B 9  ? N ARG B 5  O ALA B 58 ? O ALA B 54 
# 
_struct_site.id                   AC1 
_struct_site.pdbx_evidence_code   Software 
_struct_site.pdbx_auth_asym_id    ? 
_struct_site.pdbx_auth_comp_id    ? 
_struct_site.pdbx_auth_seq_id     ? 
_struct_site.pdbx_auth_ins_code   ? 
_struct_site.pdbx_num_residues    5 
_struct_site.details              'BINDING SITE FOR RESIDUE CD A1056' 
# 
loop_
_struct_site_gen.id 
_struct_site_gen.site_id 
_struct_site_gen.pdbx_num_res 
_struct_site_gen.label_comp_id 
_struct_site_gen.label_asym_id 
_struct_site_gen.label_seq_id 
_struct_site_gen.pdbx_auth_ins_code 
_struct_site_gen.auth_comp_id 
_struct_site_gen.auth_asym_id 
_struct_site_gen.auth_seq_id 
_struct_site_gen.label_atom_id 
_struct_site_gen.label_alt_id 
_struct_site_gen.symmetry 
_struct_site_gen.details 
1 AC1 5 GLU A 28 ? GLU A 24   . ? 1_555 ? 
2 AC1 5 HIS A 46 ? HIS A 42   . ? 1_555 ? 
3 AC1 5 GLU B 28 ? GLU B 24   . ? 1_555 ? 
4 AC1 5 HIS B 46 ? HIS B 42   . ? 1_555 ? 
5 AC1 5 HOH G .  ? HOH B 2049 . ? 1_555 ? 
# 
loop_
_pdbx_validate_close_contact.id 
_pdbx_validate_close_contact.PDB_model_num 
_pdbx_validate_close_contact.auth_atom_id_1 
_pdbx_validate_close_contact.auth_asym_id_1 
_pdbx_validate_close_contact.auth_comp_id_1 
_pdbx_validate_close_contact.auth_seq_id_1 
_pdbx_validate_close_contact.PDB_ins_code_1 
_pdbx_validate_close_contact.label_alt_id_1 
_pdbx_validate_close_contact.auth_atom_id_2 
_pdbx_validate_close_contact.auth_asym_id_2 
_pdbx_validate_close_contact.auth_comp_id_2 
_pdbx_validate_close_contact.auth_seq_id_2 
_pdbx_validate_close_contact.PDB_ins_code_2 
_pdbx_validate_close_contact.label_alt_id_2 
_pdbx_validate_close_contact.dist 
1 1 OE1 A GLU 14   ? ? O A HOH 2059 ? ? 2.18 
2 1 O   B HOH 2084 ? ? O B HOH 2085 ? ? 2.18 
# 
_pdbx_entry_details.entry_id                 1OEB 
_pdbx_entry_details.compound_details         
;GADS/MONA:INTERACTS WITH SLP-76 TO REGULATE NF-AT
  ACTIVATION.
 SLP-76:INVOLVED IN T CELL ANTIGEN RECEPTOR MEDIATED
  SIGNALING
;
_pdbx_entry_details.source_details           ? 
_pdbx_entry_details.nonpolymer_details       ? 
_pdbx_entry_details.sequence_details         
;SELENOMETHIONYL MONA/GADS SH3C WAS PRODUCED IN BL21(DE3)
 CELLS BY INHIBITION OF ENDOGENOUS METHIONINE PRODUCTION AND
 SUPPLEMENTATION WITH SELENOMETHIONINE THROUGH THE MEDIUM.
;
_pdbx_entry_details.has_ligand_of_interest   ? 
# 
loop_
_pdbx_distant_solvent_atoms.id 
_pdbx_distant_solvent_atoms.PDB_model_num 
_pdbx_distant_solvent_atoms.auth_atom_id 
_pdbx_distant_solvent_atoms.label_alt_id 
_pdbx_distant_solvent_atoms.auth_asym_id 
_pdbx_distant_solvent_atoms.auth_comp_id 
_pdbx_distant_solvent_atoms.auth_seq_id 
_pdbx_distant_solvent_atoms.PDB_ins_code 
_pdbx_distant_solvent_atoms.neighbor_macromolecule_distance 
_pdbx_distant_solvent_atoms.neighbor_ligand_distance 
1 1 O ? A HOH 2007 ? 6.13 . 
2 1 O ? A HOH 2018 ? 6.77 . 
3 1 O ? A HOH 2021 ? 6.55 . 
4 1 O ? A HOH 2033 ? 5.82 . 
5 1 O ? D HOH 2006 ? 6.25 . 
6 1 O ? D HOH 2007 ? 6.65 . 
# 
loop_
_pdbx_unobs_or_zero_occ_residues.id 
_pdbx_unobs_or_zero_occ_residues.PDB_model_num 
_pdbx_unobs_or_zero_occ_residues.polymer_flag 
_pdbx_unobs_or_zero_occ_residues.occupancy_flag 
_pdbx_unobs_or_zero_occ_residues.auth_asym_id 
_pdbx_unobs_or_zero_occ_residues.auth_comp_id 
_pdbx_unobs_or_zero_occ_residues.auth_seq_id 
_pdbx_unobs_or_zero_occ_residues.PDB_ins_code 
_pdbx_unobs_or_zero_occ_residues.label_asym_id 
_pdbx_unobs_or_zero_occ_residues.label_comp_id 
_pdbx_unobs_or_zero_occ_residues.label_seq_id 
1  1 Y 1 A MET 56 ? A MET 60 
2  1 Y 1 A MET 57 ? A MET 61 
3  1 Y 1 A ARG 58 ? A ARG 62 
4  1 Y 1 B PRO -4 ? B PRO 1  
5  1 Y 1 B LEU -3 ? B LEU 2  
6  1 Y 1 B GLY -2 ? B GLY 3  
7  1 Y 1 B SER -1 ? B SER 4  
8  1 Y 1 B VAL 1  ? B VAL 5  
9  1 Y 1 B ARG 2  ? B ARG 6  
10 1 Y 1 B ARG 58 ? B ARG 62 
11 1 Y 1 C PRO 1  ? C PRO 1  
12 1 Y 1 D PRO 1  ? D PRO 1  
# 
loop_
_chem_comp_atom.comp_id 
_chem_comp_atom.atom_id 
_chem_comp_atom.type_symbol 
_chem_comp_atom.pdbx_aromatic_flag 
_chem_comp_atom.pdbx_stereo_config 
_chem_comp_atom.pdbx_ordinal 
ALA N    N  N N 1   
ALA CA   C  N S 2   
ALA C    C  N N 3   
ALA O    O  N N 4   
ALA CB   C  N N 5   
ALA OXT  O  N N 6   
ALA H    H  N N 7   
ALA H2   H  N N 8   
ALA HA   H  N N 9   
ALA HB1  H  N N 10  
ALA HB2  H  N N 11  
ALA HB3  H  N N 12  
ALA HXT  H  N N 13  
ARG N    N  N N 14  
ARG CA   C  N S 15  
ARG C    C  N N 16  
ARG O    O  N N 17  
ARG CB   C  N N 18  
ARG CG   C  N N 19  
ARG CD   C  N N 20  
ARG NE   N  N N 21  
ARG CZ   C  N N 22  
ARG NH1  N  N N 23  
ARG NH2  N  N N 24  
ARG OXT  O  N N 25  
ARG H    H  N N 26  
ARG H2   H  N N 27  
ARG HA   H  N N 28  
ARG HB2  H  N N 29  
ARG HB3  H  N N 30  
ARG HG2  H  N N 31  
ARG HG3  H  N N 32  
ARG HD2  H  N N 33  
ARG HD3  H  N N 34  
ARG HE   H  N N 35  
ARG HH11 H  N N 36  
ARG HH12 H  N N 37  
ARG HH21 H  N N 38  
ARG HH22 H  N N 39  
ARG HXT  H  N N 40  
ASN N    N  N N 41  
ASN CA   C  N S 42  
ASN C    C  N N 43  
ASN O    O  N N 44  
ASN CB   C  N N 45  
ASN CG   C  N N 46  
ASN OD1  O  N N 47  
ASN ND2  N  N N 48  
ASN OXT  O  N N 49  
ASN H    H  N N 50  
ASN H2   H  N N 51  
ASN HA   H  N N 52  
ASN HB2  H  N N 53  
ASN HB3  H  N N 54  
ASN HD21 H  N N 55  
ASN HD22 H  N N 56  
ASN HXT  H  N N 57  
ASP N    N  N N 58  
ASP CA   C  N S 59  
ASP C    C  N N 60  
ASP O    O  N N 61  
ASP CB   C  N N 62  
ASP CG   C  N N 63  
ASP OD1  O  N N 64  
ASP OD2  O  N N 65  
ASP OXT  O  N N 66  
ASP H    H  N N 67  
ASP H2   H  N N 68  
ASP HA   H  N N 69  
ASP HB2  H  N N 70  
ASP HB3  H  N N 71  
ASP HD2  H  N N 72  
ASP HXT  H  N N 73  
CD  CD   CD N N 74  
GLU N    N  N N 75  
GLU CA   C  N S 76  
GLU C    C  N N 77  
GLU O    O  N N 78  
GLU CB   C  N N 79  
GLU CG   C  N N 80  
GLU CD   C  N N 81  
GLU OE1  O  N N 82  
GLU OE2  O  N N 83  
GLU OXT  O  N N 84  
GLU H    H  N N 85  
GLU H2   H  N N 86  
GLU HA   H  N N 87  
GLU HB2  H  N N 88  
GLU HB3  H  N N 89  
GLU HG2  H  N N 90  
GLU HG3  H  N N 91  
GLU HE2  H  N N 92  
GLU HXT  H  N N 93  
GLY N    N  N N 94  
GLY CA   C  N N 95  
GLY C    C  N N 96  
GLY O    O  N N 97  
GLY OXT  O  N N 98  
GLY H    H  N N 99  
GLY H2   H  N N 100 
GLY HA2  H  N N 101 
GLY HA3  H  N N 102 
GLY HXT  H  N N 103 
HIS N    N  N N 104 
HIS CA   C  N S 105 
HIS C    C  N N 106 
HIS O    O  N N 107 
HIS CB   C  N N 108 
HIS CG   C  Y N 109 
HIS ND1  N  Y N 110 
HIS CD2  C  Y N 111 
HIS CE1  C  Y N 112 
HIS NE2  N  Y N 113 
HIS OXT  O  N N 114 
HIS H    H  N N 115 
HIS H2   H  N N 116 
HIS HA   H  N N 117 
HIS HB2  H  N N 118 
HIS HB3  H  N N 119 
HIS HD1  H  N N 120 
HIS HD2  H  N N 121 
HIS HE1  H  N N 122 
HIS HE2  H  N N 123 
HIS HXT  H  N N 124 
HOH O    O  N N 125 
HOH H1   H  N N 126 
HOH H2   H  N N 127 
ILE N    N  N N 128 
ILE CA   C  N S 129 
ILE C    C  N N 130 
ILE O    O  N N 131 
ILE CB   C  N S 132 
ILE CG1  C  N N 133 
ILE CG2  C  N N 134 
ILE CD1  C  N N 135 
ILE OXT  O  N N 136 
ILE H    H  N N 137 
ILE H2   H  N N 138 
ILE HA   H  N N 139 
ILE HB   H  N N 140 
ILE HG12 H  N N 141 
ILE HG13 H  N N 142 
ILE HG21 H  N N 143 
ILE HG22 H  N N 144 
ILE HG23 H  N N 145 
ILE HD11 H  N N 146 
ILE HD12 H  N N 147 
ILE HD13 H  N N 148 
ILE HXT  H  N N 149 
LEU N    N  N N 150 
LEU CA   C  N S 151 
LEU C    C  N N 152 
LEU O    O  N N 153 
LEU CB   C  N N 154 
LEU CG   C  N N 155 
LEU CD1  C  N N 156 
LEU CD2  C  N N 157 
LEU OXT  O  N N 158 
LEU H    H  N N 159 
LEU H2   H  N N 160 
LEU HA   H  N N 161 
LEU HB2  H  N N 162 
LEU HB3  H  N N 163 
LEU HG   H  N N 164 
LEU HD11 H  N N 165 
LEU HD12 H  N N 166 
LEU HD13 H  N N 167 
LEU HD21 H  N N 168 
LEU HD22 H  N N 169 
LEU HD23 H  N N 170 
LEU HXT  H  N N 171 
LYS N    N  N N 172 
LYS CA   C  N S 173 
LYS C    C  N N 174 
LYS O    O  N N 175 
LYS CB   C  N N 176 
LYS CG   C  N N 177 
LYS CD   C  N N 178 
LYS CE   C  N N 179 
LYS NZ   N  N N 180 
LYS OXT  O  N N 181 
LYS H    H  N N 182 
LYS H2   H  N N 183 
LYS HA   H  N N 184 
LYS HB2  H  N N 185 
LYS HB3  H  N N 186 
LYS HG2  H  N N 187 
LYS HG3  H  N N 188 
LYS HD2  H  N N 189 
LYS HD3  H  N N 190 
LYS HE2  H  N N 191 
LYS HE3  H  N N 192 
LYS HZ1  H  N N 193 
LYS HZ2  H  N N 194 
LYS HZ3  H  N N 195 
LYS HXT  H  N N 196 
MET N    N  N N 197 
MET CA   C  N S 198 
MET C    C  N N 199 
MET O    O  N N 200 
MET CB   C  N N 201 
MET CG   C  N N 202 
MET SD   S  N N 203 
MET CE   C  N N 204 
MET OXT  O  N N 205 
MET H    H  N N 206 
MET H2   H  N N 207 
MET HA   H  N N 208 
MET HB2  H  N N 209 
MET HB3  H  N N 210 
MET HG2  H  N N 211 
MET HG3  H  N N 212 
MET HE1  H  N N 213 
MET HE2  H  N N 214 
MET HE3  H  N N 215 
MET HXT  H  N N 216 
PHE N    N  N N 217 
PHE CA   C  N S 218 
PHE C    C  N N 219 
PHE O    O  N N 220 
PHE CB   C  N N 221 
PHE CG   C  Y N 222 
PHE CD1  C  Y N 223 
PHE CD2  C  Y N 224 
PHE CE1  C  Y N 225 
PHE CE2  C  Y N 226 
PHE CZ   C  Y N 227 
PHE OXT  O  N N 228 
PHE H    H  N N 229 
PHE H2   H  N N 230 
PHE HA   H  N N 231 
PHE HB2  H  N N 232 
PHE HB3  H  N N 233 
PHE HD1  H  N N 234 
PHE HD2  H  N N 235 
PHE HE1  H  N N 236 
PHE HE2  H  N N 237 
PHE HZ   H  N N 238 
PHE HXT  H  N N 239 
PRO N    N  N N 240 
PRO CA   C  N S 241 
PRO C    C  N N 242 
PRO O    O  N N 243 
PRO CB   C  N N 244 
PRO CG   C  N N 245 
PRO CD   C  N N 246 
PRO OXT  O  N N 247 
PRO H    H  N N 248 
PRO HA   H  N N 249 
PRO HB2  H  N N 250 
PRO HB3  H  N N 251 
PRO HG2  H  N N 252 
PRO HG3  H  N N 253 
PRO HD2  H  N N 254 
PRO HD3  H  N N 255 
PRO HXT  H  N N 256 
SER N    N  N N 257 
SER CA   C  N S 258 
SER C    C  N N 259 
SER O    O  N N 260 
SER CB   C  N N 261 
SER OG   O  N N 262 
SER OXT  O  N N 263 
SER H    H  N N 264 
SER H2   H  N N 265 
SER HA   H  N N 266 
SER HB2  H  N N 267 
SER HB3  H  N N 268 
SER HG   H  N N 269 
SER HXT  H  N N 270 
THR N    N  N N 271 
THR CA   C  N S 272 
THR C    C  N N 273 
THR O    O  N N 274 
THR CB   C  N R 275 
THR OG1  O  N N 276 
THR CG2  C  N N 277 
THR OXT  O  N N 278 
THR H    H  N N 279 
THR H2   H  N N 280 
THR HA   H  N N 281 
THR HB   H  N N 282 
THR HG1  H  N N 283 
THR HG21 H  N N 284 
THR HG22 H  N N 285 
THR HG23 H  N N 286 
THR HXT  H  N N 287 
TRP N    N  N N 288 
TRP CA   C  N S 289 
TRP C    C  N N 290 
TRP O    O  N N 291 
TRP CB   C  N N 292 
TRP CG   C  Y N 293 
TRP CD1  C  Y N 294 
TRP CD2  C  Y N 295 
TRP NE1  N  Y N 296 
TRP CE2  C  Y N 297 
TRP CE3  C  Y N 298 
TRP CZ2  C  Y N 299 
TRP CZ3  C  Y N 300 
TRP CH2  C  Y N 301 
TRP OXT  O  N N 302 
TRP H    H  N N 303 
TRP H2   H  N N 304 
TRP HA   H  N N 305 
TRP HB2  H  N N 306 
TRP HB3  H  N N 307 
TRP HD1  H  N N 308 
TRP HE1  H  N N 309 
TRP HE3  H  N N 310 
TRP HZ2  H  N N 311 
TRP HZ3  H  N N 312 
TRP HH2  H  N N 313 
TRP HXT  H  N N 314 
TYR N    N  N N 315 
TYR CA   C  N S 316 
TYR C    C  N N 317 
TYR O    O  N N 318 
TYR CB   C  N N 319 
TYR CG   C  Y N 320 
TYR CD1  C  Y N 321 
TYR CD2  C  Y N 322 
TYR CE1  C  Y N 323 
TYR CE2  C  Y N 324 
TYR CZ   C  Y N 325 
TYR OH   O  N N 326 
TYR OXT  O  N N 327 
TYR H    H  N N 328 
TYR H2   H  N N 329 
TYR HA   H  N N 330 
TYR HB2  H  N N 331 
TYR HB3  H  N N 332 
TYR HD1  H  N N 333 
TYR HD2  H  N N 334 
TYR HE1  H  N N 335 
TYR HE2  H  N N 336 
TYR HH   H  N N 337 
TYR HXT  H  N N 338 
VAL N    N  N N 339 
VAL CA   C  N S 340 
VAL C    C  N N 341 
VAL O    O  N N 342 
VAL CB   C  N N 343 
VAL CG1  C  N N 344 
VAL CG2  C  N N 345 
VAL OXT  O  N N 346 
VAL H    H  N N 347 
VAL H2   H  N N 348 
VAL HA   H  N N 349 
VAL HB   H  N N 350 
VAL HG11 H  N N 351 
VAL HG12 H  N N 352 
VAL HG13 H  N N 353 
VAL HG21 H  N N 354 
VAL HG22 H  N N 355 
VAL HG23 H  N N 356 
VAL HXT  H  N N 357 
# 
loop_
_chem_comp_bond.comp_id 
_chem_comp_bond.atom_id_1 
_chem_comp_bond.atom_id_2 
_chem_comp_bond.value_order 
_chem_comp_bond.pdbx_aromatic_flag 
_chem_comp_bond.pdbx_stereo_config 
_chem_comp_bond.pdbx_ordinal 
ALA N   CA   sing N N 1   
ALA N   H    sing N N 2   
ALA N   H2   sing N N 3   
ALA CA  C    sing N N 4   
ALA CA  CB   sing N N 5   
ALA CA  HA   sing N N 6   
ALA C   O    doub N N 7   
ALA C   OXT  sing N N 8   
ALA CB  HB1  sing N N 9   
ALA CB  HB2  sing N N 10  
ALA CB  HB3  sing N N 11  
ALA OXT HXT  sing N N 12  
ARG N   CA   sing N N 13  
ARG N   H    sing N N 14  
ARG N   H2   sing N N 15  
ARG CA  C    sing N N 16  
ARG CA  CB   sing N N 17  
ARG CA  HA   sing N N 18  
ARG C   O    doub N N 19  
ARG C   OXT  sing N N 20  
ARG CB  CG   sing N N 21  
ARG CB  HB2  sing N N 22  
ARG CB  HB3  sing N N 23  
ARG CG  CD   sing N N 24  
ARG CG  HG2  sing N N 25  
ARG CG  HG3  sing N N 26  
ARG CD  NE   sing N N 27  
ARG CD  HD2  sing N N 28  
ARG CD  HD3  sing N N 29  
ARG NE  CZ   sing N N 30  
ARG NE  HE   sing N N 31  
ARG CZ  NH1  sing N N 32  
ARG CZ  NH2  doub N N 33  
ARG NH1 HH11 sing N N 34  
ARG NH1 HH12 sing N N 35  
ARG NH2 HH21 sing N N 36  
ARG NH2 HH22 sing N N 37  
ARG OXT HXT  sing N N 38  
ASN N   CA   sing N N 39  
ASN N   H    sing N N 40  
ASN N   H2   sing N N 41  
ASN CA  C    sing N N 42  
ASN CA  CB   sing N N 43  
ASN CA  HA   sing N N 44  
ASN C   O    doub N N 45  
ASN C   OXT  sing N N 46  
ASN CB  CG   sing N N 47  
ASN CB  HB2  sing N N 48  
ASN CB  HB3  sing N N 49  
ASN CG  OD1  doub N N 50  
ASN CG  ND2  sing N N 51  
ASN ND2 HD21 sing N N 52  
ASN ND2 HD22 sing N N 53  
ASN OXT HXT  sing N N 54  
ASP N   CA   sing N N 55  
ASP N   H    sing N N 56  
ASP N   H2   sing N N 57  
ASP CA  C    sing N N 58  
ASP CA  CB   sing N N 59  
ASP CA  HA   sing N N 60  
ASP C   O    doub N N 61  
ASP C   OXT  sing N N 62  
ASP CB  CG   sing N N 63  
ASP CB  HB2  sing N N 64  
ASP CB  HB3  sing N N 65  
ASP CG  OD1  doub N N 66  
ASP CG  OD2  sing N N 67  
ASP OD2 HD2  sing N N 68  
ASP OXT HXT  sing N N 69  
GLU N   CA   sing N N 70  
GLU N   H    sing N N 71  
GLU N   H2   sing N N 72  
GLU CA  C    sing N N 73  
GLU CA  CB   sing N N 74  
GLU CA  HA   sing N N 75  
GLU C   O    doub N N 76  
GLU C   OXT  sing N N 77  
GLU CB  CG   sing N N 78  
GLU CB  HB2  sing N N 79  
GLU CB  HB3  sing N N 80  
GLU CG  CD   sing N N 81  
GLU CG  HG2  sing N N 82  
GLU CG  HG3  sing N N 83  
GLU CD  OE1  doub N N 84  
GLU CD  OE2  sing N N 85  
GLU OE2 HE2  sing N N 86  
GLU OXT HXT  sing N N 87  
GLY N   CA   sing N N 88  
GLY N   H    sing N N 89  
GLY N   H2   sing N N 90  
GLY CA  C    sing N N 91  
GLY CA  HA2  sing N N 92  
GLY CA  HA3  sing N N 93  
GLY C   O    doub N N 94  
GLY C   OXT  sing N N 95  
GLY OXT HXT  sing N N 96  
HIS N   CA   sing N N 97  
HIS N   H    sing N N 98  
HIS N   H2   sing N N 99  
HIS CA  C    sing N N 100 
HIS CA  CB   sing N N 101 
HIS CA  HA   sing N N 102 
HIS C   O    doub N N 103 
HIS C   OXT  sing N N 104 
HIS CB  CG   sing N N 105 
HIS CB  HB2  sing N N 106 
HIS CB  HB3  sing N N 107 
HIS CG  ND1  sing Y N 108 
HIS CG  CD2  doub Y N 109 
HIS ND1 CE1  doub Y N 110 
HIS ND1 HD1  sing N N 111 
HIS CD2 NE2  sing Y N 112 
HIS CD2 HD2  sing N N 113 
HIS CE1 NE2  sing Y N 114 
HIS CE1 HE1  sing N N 115 
HIS NE2 HE2  sing N N 116 
HIS OXT HXT  sing N N 117 
HOH O   H1   sing N N 118 
HOH O   H2   sing N N 119 
ILE N   CA   sing N N 120 
ILE N   H    sing N N 121 
ILE N   H2   sing N N 122 
ILE CA  C    sing N N 123 
ILE CA  CB   sing N N 124 
ILE CA  HA   sing N N 125 
ILE C   O    doub N N 126 
ILE C   OXT  sing N N 127 
ILE CB  CG1  sing N N 128 
ILE CB  CG2  sing N N 129 
ILE CB  HB   sing N N 130 
ILE CG1 CD1  sing N N 131 
ILE CG1 HG12 sing N N 132 
ILE CG1 HG13 sing N N 133 
ILE CG2 HG21 sing N N 134 
ILE CG2 HG22 sing N N 135 
ILE CG2 HG23 sing N N 136 
ILE CD1 HD11 sing N N 137 
ILE CD1 HD12 sing N N 138 
ILE CD1 HD13 sing N N 139 
ILE OXT HXT  sing N N 140 
LEU N   CA   sing N N 141 
LEU N   H    sing N N 142 
LEU N   H2   sing N N 143 
LEU CA  C    sing N N 144 
LEU CA  CB   sing N N 145 
LEU CA  HA   sing N N 146 
LEU C   O    doub N N 147 
LEU C   OXT  sing N N 148 
LEU CB  CG   sing N N 149 
LEU CB  HB2  sing N N 150 
LEU CB  HB3  sing N N 151 
LEU CG  CD1  sing N N 152 
LEU CG  CD2  sing N N 153 
LEU CG  HG   sing N N 154 
LEU CD1 HD11 sing N N 155 
LEU CD1 HD12 sing N N 156 
LEU CD1 HD13 sing N N 157 
LEU CD2 HD21 sing N N 158 
LEU CD2 HD22 sing N N 159 
LEU CD2 HD23 sing N N 160 
LEU OXT HXT  sing N N 161 
LYS N   CA   sing N N 162 
LYS N   H    sing N N 163 
LYS N   H2   sing N N 164 
LYS CA  C    sing N N 165 
LYS CA  CB   sing N N 166 
LYS CA  HA   sing N N 167 
LYS C   O    doub N N 168 
LYS C   OXT  sing N N 169 
LYS CB  CG   sing N N 170 
LYS CB  HB2  sing N N 171 
LYS CB  HB3  sing N N 172 
LYS CG  CD   sing N N 173 
LYS CG  HG2  sing N N 174 
LYS CG  HG3  sing N N 175 
LYS CD  CE   sing N N 176 
LYS CD  HD2  sing N N 177 
LYS CD  HD3  sing N N 178 
LYS CE  NZ   sing N N 179 
LYS CE  HE2  sing N N 180 
LYS CE  HE3  sing N N 181 
LYS NZ  HZ1  sing N N 182 
LYS NZ  HZ2  sing N N 183 
LYS NZ  HZ3  sing N N 184 
LYS OXT HXT  sing N N 185 
MET N   CA   sing N N 186 
MET N   H    sing N N 187 
MET N   H2   sing N N 188 
MET CA  C    sing N N 189 
MET CA  CB   sing N N 190 
MET CA  HA   sing N N 191 
MET C   O    doub N N 192 
MET C   OXT  sing N N 193 
MET CB  CG   sing N N 194 
MET CB  HB2  sing N N 195 
MET CB  HB3  sing N N 196 
MET CG  SD   sing N N 197 
MET CG  HG2  sing N N 198 
MET CG  HG3  sing N N 199 
MET SD  CE   sing N N 200 
MET CE  HE1  sing N N 201 
MET CE  HE2  sing N N 202 
MET CE  HE3  sing N N 203 
MET OXT HXT  sing N N 204 
PHE N   CA   sing N N 205 
PHE N   H    sing N N 206 
PHE N   H2   sing N N 207 
PHE CA  C    sing N N 208 
PHE CA  CB   sing N N 209 
PHE CA  HA   sing N N 210 
PHE C   O    doub N N 211 
PHE C   OXT  sing N N 212 
PHE CB  CG   sing N N 213 
PHE CB  HB2  sing N N 214 
PHE CB  HB3  sing N N 215 
PHE CG  CD1  doub Y N 216 
PHE CG  CD2  sing Y N 217 
PHE CD1 CE1  sing Y N 218 
PHE CD1 HD1  sing N N 219 
PHE CD2 CE2  doub Y N 220 
PHE CD2 HD2  sing N N 221 
PHE CE1 CZ   doub Y N 222 
PHE CE1 HE1  sing N N 223 
PHE CE2 CZ   sing Y N 224 
PHE CE2 HE2  sing N N 225 
PHE CZ  HZ   sing N N 226 
PHE OXT HXT  sing N N 227 
PRO N   CA   sing N N 228 
PRO N   CD   sing N N 229 
PRO N   H    sing N N 230 
PRO CA  C    sing N N 231 
PRO CA  CB   sing N N 232 
PRO CA  HA   sing N N 233 
PRO C   O    doub N N 234 
PRO C   OXT  sing N N 235 
PRO CB  CG   sing N N 236 
PRO CB  HB2  sing N N 237 
PRO CB  HB3  sing N N 238 
PRO CG  CD   sing N N 239 
PRO CG  HG2  sing N N 240 
PRO CG  HG3  sing N N 241 
PRO CD  HD2  sing N N 242 
PRO CD  HD3  sing N N 243 
PRO OXT HXT  sing N N 244 
SER N   CA   sing N N 245 
SER N   H    sing N N 246 
SER N   H2   sing N N 247 
SER CA  C    sing N N 248 
SER CA  CB   sing N N 249 
SER CA  HA   sing N N 250 
SER C   O    doub N N 251 
SER C   OXT  sing N N 252 
SER CB  OG   sing N N 253 
SER CB  HB2  sing N N 254 
SER CB  HB3  sing N N 255 
SER OG  HG   sing N N 256 
SER OXT HXT  sing N N 257 
THR N   CA   sing N N 258 
THR N   H    sing N N 259 
THR N   H2   sing N N 260 
THR CA  C    sing N N 261 
THR CA  CB   sing N N 262 
THR CA  HA   sing N N 263 
THR C   O    doub N N 264 
THR C   OXT  sing N N 265 
THR CB  OG1  sing N N 266 
THR CB  CG2  sing N N 267 
THR CB  HB   sing N N 268 
THR OG1 HG1  sing N N 269 
THR CG2 HG21 sing N N 270 
THR CG2 HG22 sing N N 271 
THR CG2 HG23 sing N N 272 
THR OXT HXT  sing N N 273 
TRP N   CA   sing N N 274 
TRP N   H    sing N N 275 
TRP N   H2   sing N N 276 
TRP CA  C    sing N N 277 
TRP CA  CB   sing N N 278 
TRP CA  HA   sing N N 279 
TRP C   O    doub N N 280 
TRP C   OXT  sing N N 281 
TRP CB  CG   sing N N 282 
TRP CB  HB2  sing N N 283 
TRP CB  HB3  sing N N 284 
TRP CG  CD1  doub Y N 285 
TRP CG  CD2  sing Y N 286 
TRP CD1 NE1  sing Y N 287 
TRP CD1 HD1  sing N N 288 
TRP CD2 CE2  doub Y N 289 
TRP CD2 CE3  sing Y N 290 
TRP NE1 CE2  sing Y N 291 
TRP NE1 HE1  sing N N 292 
TRP CE2 CZ2  sing Y N 293 
TRP CE3 CZ3  doub Y N 294 
TRP CE3 HE3  sing N N 295 
TRP CZ2 CH2  doub Y N 296 
TRP CZ2 HZ2  sing N N 297 
TRP CZ3 CH2  sing Y N 298 
TRP CZ3 HZ3  sing N N 299 
TRP CH2 HH2  sing N N 300 
TRP OXT HXT  sing N N 301 
TYR N   CA   sing N N 302 
TYR N   H    sing N N 303 
TYR N   H2   sing N N 304 
TYR CA  C    sing N N 305 
TYR CA  CB   sing N N 306 
TYR CA  HA   sing N N 307 
TYR C   O    doub N N 308 
TYR C   OXT  sing N N 309 
TYR CB  CG   sing N N 310 
TYR CB  HB2  sing N N 311 
TYR CB  HB3  sing N N 312 
TYR CG  CD1  doub Y N 313 
TYR CG  CD2  sing Y N 314 
TYR CD1 CE1  sing Y N 315 
TYR CD1 HD1  sing N N 316 
TYR CD2 CE2  doub Y N 317 
TYR CD2 HD2  sing N N 318 
TYR CE1 CZ   doub Y N 319 
TYR CE1 HE1  sing N N 320 
TYR CE2 CZ   sing Y N 321 
TYR CE2 HE2  sing N N 322 
TYR CZ  OH   sing N N 323 
TYR OH  HH   sing N N 324 
TYR OXT HXT  sing N N 325 
VAL N   CA   sing N N 326 
VAL N   H    sing N N 327 
VAL N   H2   sing N N 328 
VAL CA  C    sing N N 329 
VAL CA  CB   sing N N 330 
VAL CA  HA   sing N N 331 
VAL C   O    doub N N 332 
VAL C   OXT  sing N N 333 
VAL CB  CG1  sing N N 334 
VAL CB  CG2  sing N N 335 
VAL CB  HB   sing N N 336 
VAL CG1 HG11 sing N N 337 
VAL CG1 HG12 sing N N 338 
VAL CG1 HG13 sing N N 339 
VAL CG2 HG21 sing N N 340 
VAL CG2 HG22 sing N N 341 
VAL CG2 HG23 sing N N 342 
VAL OXT HXT  sing N N 343 
# 
_atom_sites.entry_id                    1OEB 
_atom_sites.fract_transf_matrix[1][1]   -0.00146904 
_atom_sites.fract_transf_matrix[1][2]   -0.02408530 
_atom_sites.fract_transf_matrix[1][3]   -0.02558798 
_atom_sites.fract_transf_matrix[2][1]   0.01010123 
_atom_sites.fract_transf_matrix[2][2]   -0.00720900 
_atom_sites.fract_transf_matrix[2][3]   0.00620572 
_atom_sites.fract_transf_matrix[3][1]   -0.02019208 
_atom_sites.fract_transf_matrix[3][2]   -0.01766403 
_atom_sites.fract_transf_matrix[3][3]   0.01234747 
_atom_sites.fract_transf_vector[1]      0.171585 
_atom_sites.fract_transf_vector[2]      0.057756 
_atom_sites.fract_transf_vector[3]      0.803179 
# 
loop_
_atom_type.symbol 
C  
CD 
N  
O  
S  
# 
loop_
_atom_site.group_PDB 
_atom_site.id 
_atom_site.type_symbol 
_atom_site.label_atom_id 
_atom_site.label_alt_id 
_atom_site.label_comp_id 
_atom_site.label_asym_id 
_atom_site.label_entity_id 
_atom_site.label_seq_id 
_atom_site.pdbx_PDB_ins_code 
_atom_site.Cartn_x 
_atom_site.Cartn_y 
_atom_site.Cartn_z 
_atom_site.occupancy 
_atom_site.B_iso_or_equiv 
_atom_site.pdbx_formal_charge 
_atom_site.auth_seq_id 
_atom_site.auth_comp_id 
_atom_site.auth_asym_id 
_atom_site.auth_atom_id 
_atom_site.pdbx_PDB_model_num 
ATOM   1    N  N   . PRO A 1 1  ? -18.026 3.907   14.770  1.00 37.08 ? -4   PRO A N   1 
ATOM   2    C  CA  . PRO A 1 1  ? -17.591 5.335   14.837  1.00 37.47 ? -4   PRO A CA  1 
ATOM   3    C  C   . PRO A 1 1  ? -16.566 5.721   13.753  1.00 37.35 ? -4   PRO A C   1 
ATOM   4    O  O   . PRO A 1 1  ? -16.578 6.875   13.321  1.00 37.33 ? -4   PRO A O   1 
ATOM   5    C  CB  . PRO A 1 1  ? -16.945 5.448   16.222  1.00 37.15 ? -4   PRO A CB  1 
ATOM   6    C  CG  . PRO A 1 1  ? -17.481 4.307   17.012  1.00 38.12 ? -4   PRO A CG  1 
ATOM   7    C  CD  . PRO A 1 1  ? -17.791 3.193   16.032  1.00 37.62 ? -4   PRO A CD  1 
ATOM   8    N  N   . LEU A 1 2  ? -15.688 4.793   13.358  1.00 37.01 ? -3   LEU A N   1 
ATOM   9    C  CA  . LEU A 1 2  ? -14.631 5.078   12.370  1.00 36.55 ? -3   LEU A CA  1 
ATOM   10   C  C   . LEU A 1 2  ? -14.904 4.418   11.012  1.00 36.55 ? -3   LEU A C   1 
ATOM   11   O  O   . LEU A 1 2  ? -13.978 4.207   10.194  1.00 34.95 ? -3   LEU A O   1 
ATOM   12   C  CB  . LEU A 1 2  ? -13.262 4.658   12.904  1.00 37.31 ? -3   LEU A CB  1 
ATOM   13   C  CG  . LEU A 1 2  ? -12.857 5.215   14.266  1.00 38.66 ? -3   LEU A CG  1 
ATOM   14   C  CD1 . LEU A 1 2  ? -12.169 4.142   15.086  1.00 39.31 ? -3   LEU A CD1 1 
ATOM   15   C  CD2 . LEU A 1 2  ? -11.981 6.444   14.118  1.00 39.75 ? -3   LEU A CD2 1 
ATOM   16   N  N   . GLY A 1 3  ? -16.182 4.119   10.775  1.00 35.68 ? -2   GLY A N   1 
ATOM   17   C  CA  . GLY A 1 3  ? -16.623 3.547   9.520   1.00 36.72 ? -2   GLY A CA  1 
ATOM   18   C  C   . GLY A 1 3  ? -16.408 2.039   9.480   1.00 37.34 ? -2   GLY A C   1 
ATOM   19   O  O   . GLY A 1 3  ? -15.809 1.471   10.401  1.00 37.62 ? -2   GLY A O   1 
ATOM   20   N  N   . SER A 1 4  ? -16.886 1.402   8.411   1.00 37.97 ? -1   SER A N   1 
ATOM   21   C  CA  . SER A 1 4  ? -16.752 -0.027  8.171   1.00 37.78 ? -1   SER A CA  1 
ATOM   22   C  C   . SER A 1 4  ? -15.602 -0.444  7.286   1.00 37.56 ? -1   SER A C   1 
ATOM   23   O  O   . SER A 1 4  ? -15.407 -1.643  7.086   1.00 36.45 ? -1   SER A O   1 
ATOM   24   C  CB  . SER A 1 4  ? -18.017 -0.538  7.484   1.00 38.62 ? -1   SER A CB  1 
ATOM   25   O  OG  . SER A 1 4  ? -19.173 -0.289  8.257   1.00 40.65 ? -1   SER A OG  1 
ATOM   26   N  N   . VAL A 1 5  ? -14.922 0.522   6.672   1.00 36.28 ? 1    VAL A N   1 
ATOM   27   C  CA  . VAL A 1 5  ? -13.804 0.264   5.662   1.00 33.44 ? 1    VAL A CA  1 
ATOM   28   C  C   . VAL A 1 5  ? -12.452 0.418   6.378   1.00 33.89 ? 1    VAL A C   1 
ATOM   29   O  O   . VAL A 1 5  ? -12.194 1.462   7.009   1.00 34.24 ? 1    VAL A O   1 
ATOM   30   C  CB  . VAL A 1 5  ? -13.911 1.076   4.349   1.00 33.56 ? 1    VAL A CB  1 
ATOM   31   C  CG1 . VAL A 1 5  ? -12.785 0.727   3.400   1.00 32.08 ? 1    VAL A CG1 1 
ATOM   32   C  CG2 . VAL A 1 5  ? -15.286 0.793   3.681   1.00 32.63 ? 1    VAL A CG2 1 
ATOM   33   N  N   . ARG A 1 6  ? -11.633 -0.645  6.316   1.00 32.53 ? 2    ARG A N   1 
ATOM   34   C  CA  . ARG A 1 6  ? -10.314 -0.658  6.929   1.00 32.59 ? 2    ARG A CA  1 
ATOM   35   C  C   . ARG A 1 6  ? -9.157  -0.697  5.897   1.00 30.92 ? 2    ARG A C   1 
ATOM   36   O  O   . ARG A 1 6  ? -8.038  -0.349  6.230   1.00 30.99 ? 2    ARG A O   1 
ATOM   37   C  CB  . ARG A 1 6  ? -10.168 -1.826  7.941   1.00 32.60 ? 2    ARG A CB  1 
ATOM   38   C  CG  . ARG A 1 6  ? -11.172 -1.804  9.164   1.00 34.66 ? 2    ARG A CG  1 
ATOM   39   C  CD  . ARG A 1 6  ? -10.762 -0.919  10.387  1.00 36.26 ? 2    ARG A CD  1 
ATOM   40   N  NE  . ARG A 1 6  ? -10.697 0.495   10.023  1.00 36.79 ? 2    ARG A NE  1 
ATOM   41   C  CZ  . ARG A 1 6  ? -11.671 1.382   10.222  1.00 40.29 ? 2    ARG A CZ  1 
ATOM   42   N  NH1 . ARG A 1 6  ? -12.802 1.028   10.836  1.00 39.59 ? 2    ARG A NH1 1 
ATOM   43   N  NH2 . ARG A 1 6  ? -11.519 2.632   9.804   1.00 36.90 ? 2    ARG A NH2 1 
ATOM   44   N  N   . TRP A 1 7  ? -9.434  -1.117  4.660   1.00 29.81 ? 3    TRP A N   1 
ATOM   45   C  CA  . TRP A 1 7  ? -8.424  -1.276  3.593   1.00 28.55 ? 3    TRP A CA  1 
ATOM   46   C  C   . TRP A 1 7  ? -9.033  -0.931  2.253   1.00 28.03 ? 3    TRP A C   1 
ATOM   47   O  O   . TRP A 1 7  ? -10.204 -1.244  2.024   1.00 27.93 ? 3    TRP A O   1 
ATOM   48   C  CB  . TRP A 1 7  ? -7.901  -2.692  3.547   1.00 28.65 ? 3    TRP A CB  1 
ATOM   49   C  CG  . TRP A 1 7  ? -7.088  -2.948  4.745   1.00 30.11 ? 3    TRP A CG  1 
ATOM   50   C  CD1 . TRP A 1 7  ? -7.514  -3.512  5.919   1.00 31.17 ? 3    TRP A CD1 1 
ATOM   51   C  CD2 . TRP A 1 7  ? -5.713  -2.587  4.942   1.00 29.78 ? 3    TRP A CD2 1 
ATOM   52   N  NE1 . TRP A 1 7  ? -6.483  -3.538  6.824   1.00 32.13 ? 3    TRP A NE1 1 
ATOM   53   C  CE2 . TRP A 1 7  ? -5.361  -2.991  6.250   1.00 30.46 ? 3    TRP A CE2 1 
ATOM   54   C  CE3 . TRP A 1 7  ? -4.733  -1.971  4.138   1.00 27.34 ? 3    TRP A CE3 1 
ATOM   55   C  CZ2 . TRP A 1 7  ? -4.066  -2.808  6.777   1.00 31.05 ? 3    TRP A CZ2 1 
ATOM   56   C  CZ3 . TRP A 1 7  ? -3.476  -1.771  4.655   1.00 26.73 ? 3    TRP A CZ3 1 
ATOM   57   C  CH2 . TRP A 1 7  ? -3.147  -2.191  5.981   1.00 28.68 ? 3    TRP A CH2 1 
ATOM   58   N  N   . ALA A 1 8  ? -8.282  -0.251  1.385   1.00 25.77 ? 4    ALA A N   1 
ATOM   59   C  CA  . ALA A 1 8  ? -8.849  0.142   0.083   1.00 23.91 ? 4    ALA A CA  1 
ATOM   60   C  C   . ALA A 1 8  ? -7.792  0.340   -0.976  1.00 22.91 ? 4    ALA A C   1 
ATOM   61   O  O   . ALA A 1 8  ? -6.673  0.704   -0.678  1.00 22.90 ? 4    ALA A O   1 
ATOM   62   C  CB  . ALA A 1 8  ? -9.736  1.426   0.221   1.00 23.58 ? 4    ALA A CB  1 
ATOM   63   N  N   . ARG A 1 9  ? -8.207  0.136   -2.220  1.00 22.05 ? 5    ARG A N   1 
ATOM   64   C  CA  . ARG A 1 9  ? -7.381  0.225   -3.387  1.00 21.07 ? 5    ARG A CA  1 
ATOM   65   C  C   . ARG A 1 9  ? -7.659  1.527   -4.133  1.00 20.04 ? 5    ARG A C   1 
ATOM   66   O  O   . ARG A 1 9  ? -8.820  1.865   -4.443  1.00 19.04 ? 5    ARG A O   1 
ATOM   67   C  CB  . ARG A 1 9  ? -7.769  -0.967  -4.277  1.00 23.68 ? 5    ARG A CB  1 
ATOM   68   C  CG  . ARG A 1 9  ? -7.172  -0.920  -5.624  1.00 27.03 ? 5    ARG A CG  1 
ATOM   69   C  CD  . ARG A 1 9  ? -5.858  -1.596  -5.666  1.00 32.83 ? 5    ARG A CD  1 
ATOM   70   N  NE  . ARG A 1 9  ? -5.946  -2.977  -5.161  1.00 36.22 ? 5    ARG A NE  1 
ATOM   71   C  CZ  . ARG A 1 9  ? -4.878  -3.757  -4.940  1.00 37.86 ? 5    ARG A CZ  1 
ATOM   72   N  NH1 . ARG A 1 9  ? -3.661  -3.279  -5.168  1.00 37.53 ? 5    ARG A NH1 1 
ATOM   73   N  NH2 . ARG A 1 9  ? -5.020  -5.004  -4.499  1.00 37.58 ? 5    ARG A NH2 1 
ATOM   74   N  N   . ALA A 1 10 ? -6.597  2.262   -4.435  1.00 17.61 ? 6    ALA A N   1 
ATOM   75   C  CA  . ALA A 1 10 ? -6.716  3.504   -5.179  1.00 17.84 ? 6    ALA A CA  1 
ATOM   76   C  C   . ALA A 1 10 ? -7.138  3.217   -6.614  1.00 17.57 ? 6    ALA A C   1 
ATOM   77   O  O   . ALA A 1 10 ? -6.463  2.449   -7.318  1.00 19.12 ? 6    ALA A O   1 
ATOM   78   C  CB  . ALA A 1 10 ? -5.369  4.172   -5.217  1.00 17.07 ? 6    ALA A CB  1 
ATOM   79   N  N   . LEU A 1 11 ? -8.175  3.912   -7.069  1.00 17.30 ? 7    LEU A N   1 
ATOM   80   C  CA  . LEU A 1 11 ? -8.703  3.749   -8.439  1.00 17.93 ? 7    LEU A CA  1 
ATOM   81   C  C   . LEU A 1 11 ? -8.121  4.730   -9.430  1.00 19.04 ? 7    LEU A C   1 
ATOM   82   O  O   . LEU A 1 11 ? -8.029  4.453   -10.633 1.00 19.89 ? 7    LEU A O   1 
ATOM   83   C  CB  . LEU A 1 11 ? -10.217 3.966   -8.406  1.00 18.79 ? 7    LEU A CB  1 
ATOM   84   C  CG  . LEU A 1 11 ? -10.976 3.022   -7.517  1.00 19.98 ? 7    LEU A CG  1 
ATOM   85   C  CD1 . LEU A 1 11 ? -12.422 3.510   -7.317  1.00 17.07 ? 7    LEU A CD1 1 
ATOM   86   C  CD2 . LEU A 1 11 ? -10.929 1.606   -8.125  1.00 26.15 ? 7    LEU A CD2 1 
ATOM   87   N  N   . TYR A 1 12 ? -7.810  5.925   -8.942  1.00 18.45 ? 8    TYR A N   1 
ATOM   88   C  CA  . TYR A 1 12 ? -7.314  7.022   -9.771  1.00 18.94 ? 8    TYR A CA  1 
ATOM   89   C  C   . TYR A 1 12 ? -6.156  7.653   -9.036  1.00 19.26 ? 8    TYR A C   1 
ATOM   90   O  O   . TYR A 1 12 ? -6.104  7.561   -7.795  1.00 20.20 ? 8    TYR A O   1 
ATOM   91   C  CB  . TYR A 1 12 ? -8.414  8.081   -9.960  1.00 19.24 ? 8    TYR A CB  1 
ATOM   92   C  CG  . TYR A 1 12 ? -9.658  7.493   -10.566 1.00 21.05 ? 8    TYR A CG  1 
ATOM   93   C  CD1 . TYR A 1 12 ? -9.706  7.220   -11.935 1.00 25.32 ? 8    TYR A CD1 1 
ATOM   94   C  CD2 . TYR A 1 12 ? -10.774 7.174   -9.785  1.00 23.02 ? 8    TYR A CD2 1 
ATOM   95   C  CE1 . TYR A 1 12 ? -10.821 6.649   -12.509 1.00 28.59 ? 8    TYR A CE1 1 
ATOM   96   C  CE2 . TYR A 1 12 ? -11.909 6.582   -10.372 1.00 26.42 ? 8    TYR A CE2 1 
ATOM   97   C  CZ  . TYR A 1 12 ? -11.915 6.344   -11.732 1.00 27.05 ? 8    TYR A CZ  1 
ATOM   98   O  OH  . TYR A 1 12 ? -13.006 5.770   -12.357 1.00 32.78 ? 8    TYR A OH  1 
ATOM   99   N  N   . ASP A 1 13 ? -5.255  8.313   -9.767  1.00 18.44 ? 9    ASP A N   1 
ATOM   100  C  CA  . ASP A 1 13 ? -4.269  9.185   -9.149  1.00 17.80 ? 9    ASP A CA  1 
ATOM   101  C  C   . ASP A 1 13 ? -4.977  10.308  -8.396  1.00 16.67 ? 9    ASP A C   1 
ATOM   102  O  O   . ASP A 1 13 ? -5.881  10.976  -8.935  1.00 16.78 ? 9    ASP A O   1 
ATOM   103  C  CB  . ASP A 1 13 ? -3.341  9.829   -10.194 1.00 17.80 ? 9    ASP A CB  1 
ATOM   104  C  CG  . ASP A 1 13 ? -2.393  8.829   -10.874 1.00 23.04 ? 9    ASP A CG  1 
ATOM   105  O  OD1 . ASP A 1 13 ? -2.369  7.610   -10.534 1.00 21.49 ? 9    ASP A OD1 1 
ATOM   106  O  OD2 . ASP A 1 13 ? -1.699  9.201   -11.852 1.00 24.88 ? 9    ASP A OD2 1 
ATOM   107  N  N   . PHE A 1 14 ? -4.620  10.457  -7.136  1.00 16.39 ? 10   PHE A N   1 
ATOM   108  C  CA  . PHE A 1 14 ? -5.030  11.621  -6.363  1.00 16.05 ? 10   PHE A CA  1 
ATOM   109  C  C   . PHE A 1 14 ? -3.796  12.455  -6.028  1.00 16.37 ? 10   PHE A C   1 
ATOM   110  O  O   . PHE A 1 14 ? -2.891  12.038  -5.285  1.00 15.45 ? 10   PHE A O   1 
ATOM   111  C  CB  . PHE A 1 14 ? -5.757  11.181  -5.070  1.00 17.42 ? 10   PHE A CB  1 
ATOM   112  C  CG  . PHE A 1 14 ? -6.008  12.317  -4.109  1.00 13.81 ? 10   PHE A CG  1 
ATOM   113  C  CD1 . PHE A 1 14 ? -6.701  13.463  -4.511  1.00 16.12 ? 10   PHE A CD1 1 
ATOM   114  C  CD2 . PHE A 1 14 ? -5.493  12.248  -2.803  1.00 13.03 ? 10   PHE A CD2 1 
ATOM   115  C  CE1 . PHE A 1 14 ? -6.908  14.557  -3.605  1.00 13.34 ? 10   PHE A CE1 1 
ATOM   116  C  CE2 . PHE A 1 14 ? -5.718  13.262  -1.905  1.00 13.14 ? 10   PHE A CE2 1 
ATOM   117  C  CZ  . PHE A 1 14 ? -6.376  14.448  -2.305  1.00 13.43 ? 10   PHE A CZ  1 
ATOM   118  N  N   . GLU A 1 15 ? -3.765  13.681  -6.525  1.00 16.85 ? 11   GLU A N   1 
ATOM   119  C  CA  . GLU A 1 15 ? -2.658  14.579  -6.168  1.00 18.13 ? 11   GLU A CA  1 
ATOM   120  C  C   . GLU A 1 15 ? -2.932  15.390  -4.896  1.00 17.82 ? 11   GLU A C   1 
ATOM   121  O  O   . GLU A 1 15 ? -3.869  16.221  -4.873  1.00 18.32 ? 11   GLU A O   1 
ATOM   122  C  CB  . GLU A 1 15 ? -2.388  15.508  -7.368  1.00 19.52 ? 11   GLU A CB  1 
ATOM   123  C  CG  . GLU A 1 15 ? -1.243  16.493  -7.155  1.00 24.53 ? 11   GLU A CG  1 
ATOM   124  C  CD  . GLU A 1 15 ? 0.113   15.909  -7.547  1.00 25.29 ? 11   GLU A CD  1 
ATOM   125  O  OE1 . GLU A 1 15 ? 0.181   14.818  -8.173  1.00 29.27 ? 11   GLU A OE1 1 
ATOM   126  O  OE2 . GLU A 1 15 ? 1.122   16.574  -7.246  1.00 31.35 ? 11   GLU A OE2 1 
ATOM   127  N  N   . ALA A 1 16 ? -2.121  15.189  -3.845  1.00 17.25 ? 12   ALA A N   1 
ATOM   128  C  CA  . ALA A 1 16 ? -2.304  15.935  -2.605  1.00 17.95 ? 12   ALA A CA  1 
ATOM   129  C  C   . ALA A 1 16 ? -1.844  17.351  -2.846  1.00 18.76 ? 12   ALA A C   1 
ATOM   130  O  O   . ALA A 1 16 ? -0.730  17.548  -3.321  1.00 19.44 ? 12   ALA A O   1 
ATOM   131  C  CB  . ALA A 1 16 ? -1.508  15.288  -1.409  1.00 18.17 ? 12   ALA A CB  1 
ATOM   132  N  N   . LEU A 1 17 ? -2.674  18.312  -2.485  1.00 18.64 ? 13   LEU A N   1 
ATOM   133  C  CA  . LEU A 1 17 ? -2.337  19.726  -2.710  1.00 21.17 ? 13   LEU A CA  1 
ATOM   134  C  C   . LEU A 1 17 ? -2.143  20.472  -1.419  1.00 22.81 ? 13   LEU A C   1 
ATOM   135  O  O   . LEU A 1 17 ? -1.654  21.610  -1.411  1.00 24.19 ? 13   LEU A O   1 
ATOM   136  C  CB  . LEU A 1 17 ? -3.449  20.381  -3.496  1.00 21.43 ? 13   LEU A CB  1 
ATOM   137  C  CG  . LEU A 1 17 ? -3.791  19.784  -4.843  1.00 22.63 ? 13   LEU A CG  1 
ATOM   138  C  CD1 . LEU A 1 17 ? -4.954  20.616  -5.400  1.00 26.12 ? 13   LEU A CD1 1 
ATOM   139  C  CD2 . LEU A 1 17 ? -2.598  19.813  -5.800  1.00 24.75 ? 13   LEU A CD2 1 
ATOM   140  N  N   . GLU A 1 18 ? -2.544  19.849  -0.315  1.00 22.88 ? 14   GLU A N   1 
ATOM   141  C  CA  . GLU A 1 18 ? -2.395  20.442  0.988   1.00 24.01 ? 14   GLU A CA  1 
ATOM   142  C  C   . GLU A 1 18 ? -1.683  19.467  1.870   1.00 23.49 ? 14   GLU A C   1 
ATOM   143  O  O   . GLU A 1 18 ? -1.699  18.271  1.597   1.00 22.31 ? 14   GLU A O   1 
ATOM   144  C  CB  . GLU A 1 18 ? -3.771  20.736  1.580   1.00 24.63 ? 14   GLU A CB  1 
ATOM   145  C  CG  . GLU A 1 18 ? -4.603  21.751  0.827   1.00 28.69 ? 14   GLU A CG  1 
ATOM   146  C  CD  . GLU A 1 18 ? -5.692  22.258  1.740   1.00 32.98 ? 14   GLU A CD  1 
ATOM   147  O  OE1 . GLU A 1 18 ? -5.486  22.176  2.970   1.00 35.28 ? 14   GLU A OE1 1 
ATOM   148  O  OE2 . GLU A 1 18 ? -6.756  22.661  1.257   1.00 33.57 ? 14   GLU A OE2 1 
ATOM   149  N  N   . GLU A 1 19 ? -1.104  19.967  2.972   1.00 23.49 ? 15   GLU A N   1 
ATOM   150  C  CA  . GLU A 1 19 ? -0.421  19.132  3.918   1.00 23.53 ? 15   GLU A CA  1 
ATOM   151  C  C   . GLU A 1 19 ? -1.302  18.041  4.521   1.00 22.08 ? 15   GLU A C   1 
ATOM   152  O  O   . GLU A 1 19 ? -0.835  16.960  4.819   1.00 23.36 ? 15   GLU A O   1 
ATOM   153  C  CB  . GLU A 1 19 ? 0.164   19.977  5.078   1.00 25.57 ? 15   GLU A CB  1 
ATOM   154  C  CG  . GLU A 1 19 ? 1.628   20.306  4.885   1.00 32.73 ? 15   GLU A CG  1 
ATOM   155  C  CD  . GLU A 1 19 ? 2.557   19.112  5.059   1.00 40.09 ? 15   GLU A CD  1 
ATOM   156  O  OE1 . GLU A 1 19 ? 2.157   18.111  5.717   1.00 45.77 ? 15   GLU A OE1 1 
ATOM   157  O  OE2 . GLU A 1 19 ? 3.705   19.185  4.550   1.00 43.74 ? 15   GLU A OE2 1 
ATOM   158  N  N   . ASP A 1 20 ? -2.571  18.310  4.701   1.00 20.40 ? 16   ASP A N   1 
ATOM   159  C  CA  . ASP A 1 20 ? -3.423  17.305  5.351   1.00 18.88 ? 16   ASP A CA  1 
ATOM   160  C  C   . ASP A 1 20 ? -3.947  16.261  4.346   1.00 17.52 ? 16   ASP A C   1 
ATOM   161  O  O   . ASP A 1 20 ? -4.792  15.437  4.682   1.00 17.08 ? 16   ASP A O   1 
ATOM   162  C  CB  . ASP A 1 20 ? -4.570  17.998  6.140   1.00 20.01 ? 16   ASP A CB  1 
ATOM   163  C  CG  . ASP A 1 20 ? -5.534  18.820  5.240   1.00 23.04 ? 16   ASP A CG  1 
ATOM   164  O  OD1 . ASP A 1 20 ? -5.385  18.808  4.006   1.00 20.16 ? 16   ASP A OD1 1 
ATOM   165  O  OD2 . ASP A 1 20 ? -6.477  19.535  5.713   1.00 26.04 ? 16   ASP A OD2 1 
ATOM   166  N  N   . GLU A 1 21 ? -3.498  16.320  3.099   1.00 16.54 ? 17   GLU A N   1 
ATOM   167  C  CA  . GLU A 1 21 ? -4.013  15.365  2.108   1.00 15.62 ? 17   GLU A CA  1 
ATOM   168  C  C   . GLU A 1 21 ? -3.038  14.223  1.864   1.00 15.76 ? 17   GLU A C   1 
ATOM   169  O  O   . GLU A 1 21 ? -1.825  14.407  1.883   1.00 16.51 ? 17   GLU A O   1 
ATOM   170  C  CB  . GLU A 1 21 ? -4.353  16.070  0.773   1.00 13.84 ? 17   GLU A CB  1 
ATOM   171  C  CG  . GLU A 1 21 ? -5.507  17.076  0.945   1.00 13.41 ? 17   GLU A CG  1 
ATOM   172  C  CD  . GLU A 1 21 ? -5.816  17.894  -0.313  1.00 16.95 ? 17   GLU A CD  1 
ATOM   173  O  OE1 . GLU A 1 21 ? -5.223  17.641  -1.396  1.00 17.18 ? 17   GLU A OE1 1 
ATOM   174  O  OE2 . GLU A 1 21 ? -6.684  18.816  -0.201  1.00 16.71 ? 17   GLU A OE2 1 
ATOM   175  N  N   . LEU A 1 22 ? -3.598  13.048  1.610   1.00 15.85 ? 18   LEU A N   1 
ATOM   176  C  CA  . LEU A 1 22 ? -2.782  11.855  1.367   1.00 14.85 ? 18   LEU A CA  1 
ATOM   177  C  C   . LEU A 1 22 ? -2.836  11.483  -0.082  1.00 15.86 ? 18   LEU A C   1 
ATOM   178  O  O   . LEU A 1 22 ? -3.828  10.871  -0.522  1.00 16.23 ? 18   LEU A O   1 
ATOM   179  C  CB  . LEU A 1 22 ? -3.323  10.692  2.193   1.00 14.37 ? 18   LEU A CB  1 
ATOM   180  C  CG  . LEU A 1 22 ? -2.416  9.462   2.254   1.00 13.77 ? 18   LEU A CG  1 
ATOM   181  C  CD1 . LEU A 1 22 ? -1.260  9.637   3.302   1.00 12.46 ? 18   LEU A CD1 1 
ATOM   182  C  CD2 . LEU A 1 22 ? -3.331  8.382   2.727   1.00 11.87 ? 18   LEU A CD2 1 
ATOM   183  N  N   . GLY A 1 23 ? -1.795  11.852  -0.836  1.00 15.34 ? 19   GLY A N   1 
ATOM   184  C  CA  . GLY A 1 23 ? -1.798  11.637  -2.282  1.00 15.31 ? 19   GLY A CA  1 
ATOM   185  C  C   . GLY A 1 23 ? -1.329  10.215  -2.620  1.00 15.11 ? 19   GLY A C   1 
ATOM   186  O  O   . GLY A 1 23 ? -0.626  9.557   -1.823  1.00 14.73 ? 19   GLY A O   1 
ATOM   187  N  N   . PHE A 1 24 ? -1.737  9.745   -3.792  1.00 15.80 ? 20   PHE A N   1 
ATOM   188  C  CA  . PHE A 1 24 ? -1.428  8.372   -4.238  1.00 15.99 ? 20   PHE A CA  1 
ATOM   189  C  C   . PHE A 1 24 ? -1.627  8.214   -5.731  1.00 17.27 ? 20   PHE A C   1 
ATOM   190  O  O   . PHE A 1 24 ? -2.393  8.940   -6.349  1.00 18.39 ? 20   PHE A O   1 
ATOM   191  C  CB  . PHE A 1 24 ? -2.233  7.287   -3.496  1.00 15.45 ? 20   PHE A CB  1 
ATOM   192  C  CG  . PHE A 1 24 ? -3.728  7.568   -3.363  1.00 15.49 ? 20   PHE A CG  1 
ATOM   193  C  CD1 . PHE A 1 24 ? -4.597  7.455   -4.480  1.00 17.49 ? 20   PHE A CD1 1 
ATOM   194  C  CD2 . PHE A 1 24 ? -4.265  7.903   -2.132  1.00 14.85 ? 20   PHE A CD2 1 
ATOM   195  C  CE1 . PHE A 1 24 ? -5.975  7.692   -4.359  1.00 15.38 ? 20   PHE A CE1 1 
ATOM   196  C  CE2 . PHE A 1 24 ? -5.665  8.137   -1.985  1.00 15.04 ? 20   PHE A CE2 1 
ATOM   197  C  CZ  . PHE A 1 24 ? -6.510  8.058   -3.138  1.00 15.28 ? 20   PHE A CZ  1 
ATOM   198  N  N   . ARG A 1 25 ? -0.911  7.251   -6.287  1.00 18.14 ? 21   ARG A N   1 
ATOM   199  C  CA  . ARG A 1 25 ? -1.126  6.783   -7.649  1.00 19.20 ? 21   ARG A CA  1 
ATOM   200  C  C   . ARG A 1 25 ? -2.144  5.656   -7.639  1.00 19.02 ? 21   ARG A C   1 
ATOM   201  O  O   . ARG A 1 25 ? -2.288  4.949   -6.638  1.00 19.47 ? 21   ARG A O   1 
ATOM   202  C  CB  . ARG A 1 25 ? 0.211   6.306   -8.228  1.00 20.22 ? 21   ARG A CB  1 
ATOM   203  C  CG  . ARG A 1 25 ? 1.194   7.486   -8.475  1.00 24.58 ? 21   ARG A CG  1 
ATOM   204  C  CD  . ARG A 1 25 ? 2.202   7.247   -9.586  1.00 37.07 ? 21   ARG A CD  1 
ATOM   205  N  NE  . ARG A 1 25 ? 1.757   7.782   -10.880 1.00 43.89 ? 21   ARG A NE  1 
ATOM   206  C  CZ  . ARG A 1 25 ? 2.412   8.722   -11.572 1.00 47.52 ? 21   ARG A CZ  1 
ATOM   207  N  NH1 . ARG A 1 25 ? 3.548   9.223   -11.096 1.00 48.15 ? 21   ARG A NH1 1 
ATOM   208  N  NH2 . ARG A 1 25 ? 1.935   9.161   -12.743 1.00 49.49 ? 21   ARG A NH2 1 
ATOM   209  N  N   . SER A 1 26 ? -2.872  5.478   -8.748  1.00 19.25 ? 22   SER A N   1 
ATOM   210  C  CA  . SER A 1 26 ? -3.830  4.371   -8.837  1.00 20.01 ? 22   SER A CA  1 
ATOM   211  C  C   . SER A 1 26 ? -3.140  3.036   -8.564  1.00 19.67 ? 22   SER A C   1 
ATOM   212  O  O   . SER A 1 26 ? -1.975  2.846   -8.967  1.00 20.30 ? 22   SER A O   1 
ATOM   213  C  CB  . SER A 1 26 ? -4.516  4.309   -10.238 1.00 20.99 ? 22   SER A CB  1 
ATOM   214  O  OG  . SER A 1 26 ? -3.534  4.374   -11.265 1.00 28.14 ? 22   SER A OG  1 
ATOM   215  N  N   . GLY A 1 27 ? -3.849  2.106   -7.900  1.00 19.55 ? 23   GLY A N   1 
ATOM   216  C  CA  . GLY A 1 27 ? -3.266  0.782   -7.618  1.00 19.34 ? 23   GLY A CA  1 
ATOM   217  C  C   . GLY A 1 27 ? -2.590  0.649   -6.240  1.00 19.51 ? 23   GLY A C   1 
ATOM   218  O  O   . GLY A 1 27 ? -2.336  -0.470  -5.763  1.00 18.82 ? 23   GLY A O   1 
ATOM   219  N  N   . GLU A 1 28 ? -2.372  1.783   -5.569  1.00 18.69 ? 24   GLU A N   1 
ATOM   220  C  CA  . GLU A 1 28 ? -1.861  1.784   -4.209  1.00 19.27 ? 24   GLU A CA  1 
ATOM   221  C  C   . GLU A 1 28 ? -2.867  1.138   -3.262  1.00 18.83 ? 24   GLU A C   1 
ATOM   222  O  O   . GLU A 1 28 ? -4.100  1.343   -3.376  1.00 18.23 ? 24   GLU A O   1 
ATOM   223  C  CB  . GLU A 1 28 ? -1.624  3.255   -3.804  1.00 19.77 ? 24   GLU A CB  1 
ATOM   224  C  CG  . GLU A 1 28 ? -0.534  3.635   -2.820  1.00 22.68 ? 24   GLU A CG  1 
ATOM   225  C  CD  . GLU A 1 28 ? 0.893   3.198   -3.153  1.00 19.29 ? 24   GLU A CD  1 
ATOM   226  O  OE1 . GLU A 1 28 ? 1.661   3.971   -3.842  1.00 18.53 ? 24   GLU A OE1 1 
ATOM   227  O  OE2 . GLU A 1 28 ? 1.257   2.113   -2.618  1.00 17.06 ? 24   GLU A OE2 1 
ATOM   228  N  N   . VAL A 1 29 ? -2.351  0.393   -2.284  1.00 18.25 ? 25   VAL A N   1 
ATOM   229  C  CA  . VAL A 1 29 ? -3.191  -0.097  -1.179  1.00 18.89 ? 25   VAL A CA  1 
ATOM   230  C  C   . VAL A 1 29 ? -3.100  0.834   0.062   1.00 19.16 ? 25   VAL A C   1 
ATOM   231  O  O   . VAL A 1 29 ? -2.021  1.011   0.656   1.00 18.05 ? 25   VAL A O   1 
ATOM   232  C  CB  . VAL A 1 29 ? -2.853  -1.574  -0.861  1.00 18.61 ? 25   VAL A CB  1 
ATOM   233  C  CG1 . VAL A 1 29 ? -3.655  -2.138  0.362   1.00 19.91 ? 25   VAL A CG1 1 
ATOM   234  C  CG2 . VAL A 1 29 ? -3.117  -2.420  -2.105  1.00 20.52 ? 25   VAL A CG2 1 
ATOM   235  N  N   . VAL A 1 30 ? -4.241  1.436   0.418   1.00 18.41 ? 26   VAL A N   1 
ATOM   236  C  CA  . VAL A 1 30 ? -4.333  2.430   1.478   1.00 19.17 ? 26   VAL A CA  1 
ATOM   237  C  C   . VAL A 1 30 ? -4.923  1.785   2.716   1.00 19.25 ? 26   VAL A C   1 
ATOM   238  O  O   . VAL A 1 30 ? -5.958  1.100   2.644   1.00 18.47 ? 26   VAL A O   1 
ATOM   239  C  CB  . VAL A 1 30 ? -5.294  3.569   1.009   1.00 18.95 ? 26   VAL A CB  1 
ATOM   240  C  CG1 . VAL A 1 30 ? -5.621  4.574   2.111   1.00 20.94 ? 26   VAL A CG1 1 
ATOM   241  C  CG2 . VAL A 1 30 ? -4.704  4.254   -0.217  1.00 20.72 ? 26   VAL A CG2 1 
ATOM   242  N  N   . GLU A 1 31 ? -4.322  2.048   3.872   1.00 19.32 ? 27   GLU A N   1 
ATOM   243  C  CA  . GLU A 1 31 ? -4.942  1.618   5.115   1.00 20.36 ? 27   GLU A CA  1 
ATOM   244  C  C   . GLU A 1 31 ? -5.933  2.716   5.524   1.00 20.22 ? 27   GLU A C   1 
ATOM   245  O  O   . GLU A 1 31 ? -5.571  3.875   5.629   1.00 20.01 ? 27   GLU A O   1 
ATOM   246  C  CB  . GLU A 1 31 ? -3.892  1.453   6.210   1.00 21.97 ? 27   GLU A CB  1 
ATOM   247  C  CG  . GLU A 1 31 ? -4.469  0.943   7.539   1.00 22.54 ? 27   GLU A CG  1 
ATOM   248  C  CD  . GLU A 1 31 ? -3.395  0.674   8.586   1.00 26.79 ? 27   GLU A CD  1 
ATOM   249  O  OE1 . GLU A 1 31 ? -2.213  1.000   8.358   1.00 24.38 ? 27   GLU A OE1 1 
ATOM   250  O  OE2 . GLU A 1 31 ? -3.730  0.116   9.655   1.00 30.56 ? 27   GLU A OE2 1 
ATOM   251  N  N   . VAL A 1 32 ? -7.182  2.347   5.751   1.00 21.25 ? 28   VAL A N   1 
ATOM   252  C  CA  . VAL A 1 32 ? -8.186  3.372   6.001   1.00 21.77 ? 28   VAL A CA  1 
ATOM   253  C  C   . VAL A 1 32 ? -8.392  3.491   7.487   1.00 22.69 ? 28   VAL A C   1 
ATOM   254  O  O   . VAL A 1 32 ? -8.789  2.517   8.131   1.00 23.86 ? 28   VAL A O   1 
ATOM   255  C  CB  . VAL A 1 32 ? -9.498  3.131   5.193   1.00 20.79 ? 28   VAL A CB  1 
ATOM   256  C  CG1 . VAL A 1 32 ? -10.495 4.298   5.437   1.00 19.75 ? 28   VAL A CG1 1 
ATOM   257  C  CG2 . VAL A 1 32 ? -9.164  2.985   3.724   1.00 21.01 ? 28   VAL A CG2 1 
ATOM   258  N  N   . LEU A 1 33 ? -8.072  4.654   8.042   1.00 23.17 ? 29   LEU A N   1 
ATOM   259  C  CA  . LEU A 1 33 ? -8.182  4.839   9.498   1.00 24.39 ? 29   LEU A CA  1 
ATOM   260  C  C   . LEU A 1 33 ? -9.571  5.281   9.909   1.00 24.95 ? 29   LEU A C   1 
ATOM   261  O  O   . LEU A 1 33 ? -10.042 4.912   10.994  1.00 25.73 ? 29   LEU A O   1 
ATOM   262  C  CB  . LEU A 1 33 ? -7.173  5.852   10.025  1.00 24.66 ? 29   LEU A CB  1 
ATOM   263  C  CG  . LEU A 1 33 ? -5.678  5.591   9.746   1.00 26.00 ? 29   LEU A CG  1 
ATOM   264  C  CD1 . LEU A 1 33 ? -4.855  6.541   10.592  1.00 27.57 ? 29   LEU A CD1 1 
ATOM   265  C  CD2 . LEU A 1 33 ? -5.298  4.180   10.033  1.00 28.29 ? 29   LEU A CD2 1 
ATOM   266  N  N   . ASP A 1 34 ? -10.212 6.072   9.048   1.00 23.68 ? 30   ASP A N   1 
ATOM   267  C  CA  . ASP A 1 34 ? -11.571 6.577   9.312   1.00 24.19 ? 30   ASP A CA  1 
ATOM   268  C  C   . ASP A 1 34 ? -12.358 6.603   8.015   1.00 24.40 ? 30   ASP A C   1 
ATOM   269  O  O   . ASP A 1 34 ? -11.962 7.295   7.086   1.00 25.11 ? 30   ASP A O   1 
ATOM   270  C  CB  . ASP A 1 34 ? -11.512 7.984   9.944   1.00 23.99 ? 30   ASP A CB  1 
ATOM   271  C  CG  . ASP A 1 34 ? -12.854 8.416   10.549  1.00 25.68 ? 30   ASP A CG  1 
ATOM   272  O  OD1 . ASP A 1 34 ? -13.870 7.728   10.316  1.00 26.54 ? 30   ASP A OD1 1 
ATOM   273  O  OD2 . ASP A 1 34 ? -12.984 9.431   11.245  1.00 29.43 ? 30   ASP A OD2 1 
ATOM   274  N  N   . SER A 1 35 ? -13.430 5.818   7.932   1.00 24.11 ? 31   SER A N   1 
ATOM   275  C  CA  . SER A 1 35 ? -14.309 5.833   6.776   1.00 24.65 ? 31   SER A CA  1 
ATOM   276  C  C   . SER A 1 35 ? -15.740 6.309   7.094   1.00 24.66 ? 31   SER A C   1 
ATOM   277  O  O   . SER A 1 35 ? -16.658 5.997   6.349   1.00 26.20 ? 31   SER A O   1 
ATOM   278  C  CB  . SER A 1 35 ? -14.357 4.456   6.103   1.00 25.03 ? 31   SER A CB  1 
ATOM   279  O  OG  . SER A 1 35 ? -14.642 3.400   7.034   1.00 26.33 ? 31   SER A OG  1 
ATOM   280  N  N   . SER A 1 36 ? -15.902 7.084   8.150   1.00 25.05 ? 32   SER A N   1 
ATOM   281  C  CA  . SER A 1 36 ? -17.253 7.462   8.597   1.00 25.35 ? 32   SER A CA  1 
ATOM   282  C  C   . SER A 1 36 ? -17.773 8.645   7.798   1.00 24.84 ? 32   SER A C   1 
ATOM   283  O  O   . SER A 1 36 ? -18.995 8.742   7.550   1.00 24.56 ? 32   SER A O   1 
ATOM   284  C  CB  . SER A 1 36 ? -17.292 7.731   10.104  1.00 24.55 ? 32   SER A CB  1 
ATOM   285  O  OG  . SER A 1 36 ? -16.360 8.715   10.502  1.00 25.88 ? 32   SER A OG  1 
ATOM   286  N  N   . ASN A 1 37 ? -16.845 9.499   7.355   1.00 22.28 ? 33   ASN A N   1 
ATOM   287  C  CA  . ASN A 1 37 ? -17.200 10.646  6.532   1.00 21.69 ? 33   ASN A CA  1 
ATOM   288  C  C   . ASN A 1 37 ? -17.504 10.188  5.100   1.00 20.88 ? 33   ASN A C   1 
ATOM   289  O  O   . ASN A 1 37 ? -16.693 9.465   4.510   1.00 21.38 ? 33   ASN A O   1 
ATOM   290  C  CB  . ASN A 1 37 ? -16.030 11.636  6.545   1.00 19.76 ? 33   ASN A CB  1 
ATOM   291  C  CG  . ASN A 1 37 ? -16.400 12.947  5.905   1.00 21.46 ? 33   ASN A CG  1 
ATOM   292  O  OD1 . ASN A 1 37 ? -16.495 13.047  4.678   1.00 18.33 ? 33   ASN A OD1 1 
ATOM   293  N  ND2 . ASN A 1 37 ? -16.623 13.965  6.729   1.00 21.06 ? 33   ASN A ND2 1 
ATOM   294  N  N   . PRO A 1 38 ? -18.608 10.636  4.497   1.00 19.91 ? 34   PRO A N   1 
ATOM   295  C  CA  . PRO A 1 38 ? -19.001 10.144  3.179   1.00 20.23 ? 34   PRO A CA  1 
ATOM   296  C  C   . PRO A 1 38 ? -18.146 10.717  2.037   1.00 20.63 ? 34   PRO A C   1 
ATOM   297  O  O   . PRO A 1 38 ? -18.132 10.136  0.972   1.00 21.07 ? 34   PRO A O   1 
ATOM   298  C  CB  . PRO A 1 38 ? -20.423 10.689  3.009   1.00 19.96 ? 34   PRO A CB  1 
ATOM   299  C  CG  . PRO A 1 38 ? -20.501 11.854  3.870   1.00 19.24 ? 34   PRO A CG  1 
ATOM   300  C  CD  . PRO A 1 38 ? -19.551 11.641  5.014   1.00 19.25 ? 34   PRO A CD  1 
ATOM   301  N  N   . SER A 1 39 ? -17.484 11.836  2.290   1.00 19.20 ? 35   SER A N   1 
ATOM   302  C  CA  . SER A 1 39 ? -16.787 12.608  1.252   1.00 18.57 ? 35   SER A CA  1 
ATOM   303  C  C   . SER A 1 39 ? -15.284 12.359  1.218   1.00 18.16 ? 35   SER A C   1 
ATOM   304  O  O   . SER A 1 39 ? -14.717 12.103  0.146   1.00 17.63 ? 35   SER A O   1 
ATOM   305  C  CB  . SER A 1 39 ? -17.047 14.096  1.524   1.00 17.04 ? 35   SER A CB  1 
ATOM   306  O  OG  . SER A 1 39 ? -18.462 14.308  1.471   1.00 18.20 ? 35   SER A OG  1 
ATOM   307  N  N   . TRP A 1 40 ? -14.659 12.453  2.401   1.00 16.81 ? 36   TRP A N   1 
ATOM   308  C  CA  . TRP A 1 40 ? -13.219 12.324  2.557   1.00 17.51 ? 36   TRP A CA  1 
ATOM   309  C  C   . TRP A 1 40 ? -12.882 11.394  3.710   1.00 16.83 ? 36   TRP A C   1 
ATOM   310  O  O   . TRP A 1 40 ? -13.316 11.605  4.828   1.00 16.60 ? 36   TRP A O   1 
ATOM   311  C  CB  . TRP A 1 40 ? -12.604 13.689  2.858   1.00 17.36 ? 36   TRP A CB  1 
ATOM   312  C  CG  . TRP A 1 40 ? -12.635 14.678  1.692   1.00 18.58 ? 36   TRP A CG  1 
ATOM   313  C  CD1 . TRP A 1 40 ? -13.714 15.442  1.276   1.00 18.12 ? 36   TRP A CD1 1 
ATOM   314  C  CD2 . TRP A 1 40 ? -11.537 15.040  0.844   1.00 15.42 ? 36   TRP A CD2 1 
ATOM   315  N  NE1 . TRP A 1 40 ? -13.345 16.246  0.218   1.00 16.55 ? 36   TRP A NE1 1 
ATOM   316  C  CE2 . TRP A 1 40 ? -12.018 16.016  -0.078  1.00 15.30 ? 36   TRP A CE2 1 
ATOM   317  C  CE3 . TRP A 1 40 ? -10.182 14.637  0.758   1.00 14.20 ? 36   TRP A CE3 1 
ATOM   318  C  CZ2 . TRP A 1 40 ? -11.191 16.604  -1.058  1.00 15.66 ? 36   TRP A CZ2 1 
ATOM   319  C  CZ3 . TRP A 1 40 ? -9.332  15.242  -0.246  1.00 15.33 ? 36   TRP A CZ3 1 
ATOM   320  C  CH2 . TRP A 1 40 ? -9.849  16.206  -1.121  1.00 12.97 ? 36   TRP A CH2 1 
ATOM   321  N  N   . TRP A 1 41 ? -12.080 10.371  3.415   1.00 16.10 ? 37   TRP A N   1 
ATOM   322  C  CA  . TRP A 1 41 ? -11.622 9.405   4.398   1.00 17.25 ? 37   TRP A CA  1 
ATOM   323  C  C   . TRP A 1 41 ? -10.242 9.728   4.861   1.00 16.67 ? 37   TRP A C   1 
ATOM   324  O  O   . TRP A 1 41 ? -9.500  10.436  4.183   1.00 16.14 ? 37   TRP A O   1 
ATOM   325  C  CB  . TRP A 1 41 ? -11.573 8.035   3.759   1.00 17.00 ? 37   TRP A CB  1 
ATOM   326  C  CG  . TRP A 1 41 ? -12.947 7.492   3.540   1.00 16.66 ? 37   TRP A CG  1 
ATOM   327  C  CD1 . TRP A 1 41 ? -14.151 8.066   3.913   1.00 17.33 ? 37   TRP A CD1 1 
ATOM   328  C  CD2 . TRP A 1 41 ? -13.274 6.265   2.913   1.00 15.54 ? 37   TRP A CD2 1 
ATOM   329  N  NE1 . TRP A 1 41 ? -15.192 7.263   3.514   1.00 17.08 ? 37   TRP A NE1 1 
ATOM   330  C  CE2 . TRP A 1 41 ? -14.670 6.153   2.902   1.00 18.10 ? 37   TRP A CE2 1 
ATOM   331  C  CE3 . TRP A 1 41 ? -12.509 5.246   2.310   1.00 18.84 ? 37   TRP A CE3 1 
ATOM   332  C  CZ2 . TRP A 1 41 ? -15.324 5.045   2.347   1.00 21.30 ? 37   TRP A CZ2 1 
ATOM   333  C  CZ3 . TRP A 1 41 ? -13.164 4.140   1.775   1.00 22.12 ? 37   TRP A CZ3 1 
ATOM   334  C  CH2 . TRP A 1 41 ? -14.547 4.059   1.793   1.00 19.00 ? 37   TRP A CH2 1 
ATOM   335  N  N   . THR A 1 42 ? -9.881  9.160   5.995   1.00 16.64 ? 38   THR A N   1 
ATOM   336  C  CA  . THR A 1 42 ? -8.574  9.336   6.569   1.00 17.17 ? 38   THR A CA  1 
ATOM   337  C  C   . THR A 1 42 ? -7.786  8.052   6.379   1.00 17.72 ? 38   THR A C   1 
ATOM   338  O  O   . THR A 1 42 ? -8.289  6.969   6.654   1.00 18.03 ? 38   THR A O   1 
ATOM   339  C  CB  . THR A 1 42 ? -8.749  9.655   8.063   1.00 17.35 ? 38   THR A CB  1 
ATOM   340  O  OG1 . THR A 1 42 ? -9.324  10.964  8.179   1.00 20.90 ? 38   THR A OG1 1 
ATOM   341  C  CG2 . THR A 1 42 ? -7.404  9.841   8.690   1.00 17.34 ? 38   THR A CG2 1 
ATOM   342  N  N   . GLY A 1 43 ? -6.560  8.168   5.912   1.00 17.07 ? 39   GLY A N   1 
ATOM   343  C  CA  . GLY A 1 43 ? -5.803  6.980   5.569   1.00 16.66 ? 39   GLY A CA  1 
ATOM   344  C  C   . GLY A 1 43 ? -4.358  7.044   5.958   1.00 17.58 ? 39   GLY A C   1 
ATOM   345  O  O   . GLY A 1 43 ? -3.882  8.125   6.316   1.00 16.58 ? 39   GLY A O   1 
ATOM   346  N  N   . ARG A 1 44 ? -3.685  5.892   5.897   1.00 16.01 ? 40   ARG A N   1 
ATOM   347  C  CA  . ARG A 1 44 ? -2.254  5.825   6.156   1.00 16.80 ? 40   ARG A CA  1 
ATOM   348  C  C   . ARG A 1 44 ? -1.602  5.143   4.938   1.00 16.31 ? 40   ARG A C   1 
ATOM   349  O  O   . ARG A 1 44 ? -2.065  4.098   4.482   1.00 17.30 ? 40   ARG A O   1 
ATOM   350  C  CB  . ARG A 1 44 ? -1.977  5.077   7.489   1.00 17.29 ? 40   ARG A CB  1 
ATOM   351  C  CG  . ARG A 1 44 ? -0.552  4.553   7.658   1.00 18.76 ? 40   ARG A CG  1 
ATOM   352  C  CD  . ARG A 1 44 ? -0.323  3.870   9.014   1.00 23.95 ? 40   ARG A CD  1 
ATOM   353  N  NE  . ARG A 1 44 ? 1.010   3.294   9.072   1.00 26.88 ? 40   ARG A NE  1 
ATOM   354  C  CZ  . ARG A 1 44 ? 1.517   2.654   10.117  1.00 30.12 ? 40   ARG A CZ  1 
ATOM   355  N  NH1 . ARG A 1 44 ? 0.782   2.472   11.211  1.00 28.76 ? 40   ARG A NH1 1 
ATOM   356  N  NH2 . ARG A 1 44 ? 2.762   2.173   10.045  1.00 29.88 ? 40   ARG A NH2 1 
ATOM   357  N  N   . LEU A 1 45 ? -0.554  5.759   4.402   1.00 15.24 ? 41   LEU A N   1 
ATOM   358  C  CA  . LEU A 1 45 ? 0.131   5.253   3.239   1.00 15.16 ? 41   LEU A CA  1 
ATOM   359  C  C   . LEU A 1 45 ? 1.561   5.648   3.373   1.00 15.63 ? 41   LEU A C   1 
ATOM   360  O  O   . LEU A 1 45 ? 1.843   6.810   3.609   1.00 15.66 ? 41   LEU A O   1 
ATOM   361  C  CB  . LEU A 1 45 ? -0.438  5.917   1.960   1.00 16.13 ? 41   LEU A CB  1 
ATOM   362  C  CG  . LEU A 1 45 ? 0.126   5.384   0.659   1.00 15.81 ? 41   LEU A CG  1 
ATOM   363  C  CD1 . LEU A 1 45 ? -0.104  3.895   0.446   1.00 16.86 ? 41   LEU A CD1 1 
ATOM   364  C  CD2 . LEU A 1 45 ? -0.555  6.178   -0.486  1.00 19.52 ? 41   LEU A CD2 1 
ATOM   365  N  N   . HIS A 1 46 ? 2.460   4.696   3.200   1.00 15.53 ? 42   HIS A N   1 
ATOM   366  C  CA  . HIS A 1 46 ? 3.893   4.918   3.345   1.00 15.18 ? 42   HIS A CA  1 
ATOM   367  C  C   . HIS A 1 46 ? 4.212   5.617   4.701   1.00 15.49 ? 42   HIS A C   1 
ATOM   368  O  O   . HIS A 1 46 ? 5.036   6.497   4.742   1.00 16.48 ? 42   HIS A O   1 
ATOM   369  C  CB  . HIS A 1 46 ? 4.430   5.791   2.211   1.00 15.65 ? 42   HIS A CB  1 
ATOM   370  C  CG  . HIS A 1 46 ? 4.006   5.362   0.842   1.00 16.00 ? 42   HIS A CG  1 
ATOM   371  N  ND1 . HIS A 1 46 ? 3.549   6.262   -0.100  1.00 18.23 ? 42   HIS A ND1 1 
ATOM   372  C  CD2 . HIS A 1 46 ? 4.000   4.149   0.240   1.00 14.43 ? 42   HIS A CD2 1 
ATOM   373  C  CE1 . HIS A 1 46 ? 3.284   5.624   -1.228  1.00 18.72 ? 42   HIS A CE1 1 
ATOM   374  N  NE2 . HIS A 1 46 ? 3.532   4.341   -1.041  1.00 18.36 ? 42   HIS A NE2 1 
ATOM   375  N  N   . ASN A 1 47 ? 3.553   5.193   5.780   1.00 17.07 ? 43   ASN A N   1 
ATOM   376  C  CA  . ASN A 1 47 ? 3.682   5.805   7.134   1.00 17.68 ? 43   ASN A CA  1 
ATOM   377  C  C   . ASN A 1 47 ? 3.349   7.284   7.214   1.00 17.77 ? 43   ASN A C   1 
ATOM   378  O  O   . ASN A 1 47 ? 3.886   7.980   8.104   1.00 17.93 ? 43   ASN A O   1 
ATOM   379  C  CB  . ASN A 1 47 ? 5.086   5.630   7.699   1.00 19.26 ? 43   ASN A CB  1 
ATOM   380  C  CG  . ASN A 1 47 ? 5.457   4.185   7.853   1.00 21.45 ? 43   ASN A CG  1 
ATOM   381  O  OD1 . ASN A 1 47 ? 4.635   3.391   8.346   1.00 23.05 ? 43   ASN A OD1 1 
ATOM   382  N  ND2 . ASN A 1 47 ? 6.686   3.827   7.470   1.00 21.53 ? 43   ASN A ND2 1 
ATOM   383  N  N   . LYS A 1 48 ? 2.588   7.784   6.236   1.00 17.17 ? 44   LYS A N   1 
ATOM   384  C  CA  . LYS A 1 48 ? 2.085   9.145   6.310   1.00 16.26 ? 44   LYS A CA  1 
ATOM   385  C  C   . LYS A 1 48 ? 0.582   9.036   6.541   1.00 16.55 ? 44   LYS A C   1 
ATOM   386  O  O   . LYS A 1 48 ? -0.045  8.045   6.156   1.00 15.86 ? 44   LYS A O   1 
ATOM   387  C  CB  . LYS A 1 48 ? 2.351   9.990   5.045   1.00 17.15 ? 44   LYS A CB  1 
ATOM   388  C  CG  . LYS A 1 48 ? 3.776   9.973   4.489   1.00 18.48 ? 44   LYS A CG  1 
ATOM   389  C  CD  . LYS A 1 48 ? 4.723   10.841  5.301   1.00 27.68 ? 44   LYS A CD  1 
ATOM   390  C  CE  . LYS A 1 48 ? 6.137   10.538  4.915   1.00 31.75 ? 44   LYS A CE  1 
ATOM   391  N  NZ  . LYS A 1 48 ? 6.522   9.222   5.526   1.00 37.75 ? 44   LYS A NZ  1 
ATOM   392  N  N   . LEU A 1 49 ? 0.025   10.084  7.150   1.00 16.94 ? 45   LEU A N   1 
ATOM   393  C  CA  . LEU A 1 49 ? -1.405  10.188  7.442   1.00 17.07 ? 45   LEU A CA  1 
ATOM   394  C  C   . LEU A 1 49 ? -2.026  11.361  6.643   1.00 17.13 ? 45   LEU A C   1 
ATOM   395  O  O   . LEU A 1 49 ? -1.379  12.407  6.474   1.00 18.32 ? 45   LEU A O   1 
ATOM   396  C  CB  . LEU A 1 49 ? -1.608  10.497  8.945   1.00 17.27 ? 45   LEU A CB  1 
ATOM   397  C  CG  . LEU A 1 49 ? -1.178  9.445   9.946   1.00 21.04 ? 45   LEU A CG  1 
ATOM   398  C  CD1 . LEU A 1 49 ? -1.496  9.921   11.375  1.00 22.60 ? 45   LEU A CD1 1 
ATOM   399  C  CD2 . LEU A 1 49 ? -1.884  8.117   9.628   1.00 25.75 ? 45   LEU A CD2 1 
ATOM   400  N  N   . GLY A 1 50 ? -3.273  11.215  6.175   1.00 17.53 ? 46   GLY A N   1 
ATOM   401  C  CA  . GLY A 1 50 ? -3.911  12.297  5.435   1.00 17.04 ? 46   GLY A CA  1 
ATOM   402  C  C   . GLY A 1 50 ? -5.319  11.947  4.955   1.00 16.89 ? 46   GLY A C   1 
ATOM   403  O  O   . GLY A 1 50 ? -5.778  10.787  5.089   1.00 16.86 ? 46   GLY A O   1 
ATOM   404  N  N   . LEU A 1 51 ? -5.986  12.948  4.422   1.00 15.31 ? 47   LEU A N   1 
ATOM   405  C  CA  . LEU A 1 51 ? -7.329  12.837  3.861   1.00 14.71 ? 47   LEU A CA  1 
ATOM   406  C  C   . LEU A 1 51 ? -7.276  12.569  2.364   1.00 15.08 ? 47   LEU A C   1 
ATOM   407  O  O   . LEU A 1 51 ? -6.405  13.061  1.650   1.00 14.97 ? 47   LEU A O   1 
ATOM   408  C  CB  . LEU A 1 51 ? -8.076  14.186  4.081   1.00 14.89 ? 47   LEU A CB  1 
ATOM   409  C  CG  . LEU A 1 51 ? -8.251  14.611  5.536   1.00 15.37 ? 47   LEU A CG  1 
ATOM   410  C  CD1 . LEU A 1 51 ? -8.780  16.040  5.550   1.00 17.80 ? 47   LEU A CD1 1 
ATOM   411  C  CD2 . LEU A 1 51 ? -9.283  13.680  6.152   1.00 14.54 ? 47   LEU A CD2 1 
ATOM   412  N  N   . PHE A 1 52 ? -8.257  11.824  1.848   1.00 13.63 ? 48   PHE A N   1 
ATOM   413  C  CA  . PHE A 1 52 ? -8.340  11.642  0.423   1.00 12.93 ? 48   PHE A CA  1 
ATOM   414  C  C   . PHE A 1 52 ? -9.831  11.425  0.084   1.00 14.45 ? 48   PHE A C   1 
ATOM   415  O  O   . PHE A 1 52 ? -10.621 11.030  0.972   1.00 14.57 ? 48   PHE A O   1 
ATOM   416  C  CB  . PHE A 1 52 ? -7.461  10.434  -0.029  1.00 13.79 ? 48   PHE A CB  1 
ATOM   417  C  CG  . PHE A 1 52 ? -7.896  9.142   0.614   1.00 13.57 ? 48   PHE A CG  1 
ATOM   418  C  CD1 . PHE A 1 52 ? -8.953  8.387   0.067   1.00 14.45 ? 48   PHE A CD1 1 
ATOM   419  C  CD2 . PHE A 1 52 ? -7.321  8.753   1.804   1.00 14.44 ? 48   PHE A CD2 1 
ATOM   420  C  CE1 . PHE A 1 52 ? -9.402  7.225   0.721   1.00 13.77 ? 48   PHE A CE1 1 
ATOM   421  C  CE2 . PHE A 1 52 ? -7.748  7.598   2.472   1.00 14.65 ? 48   PHE A CE2 1 
ATOM   422  C  CZ  . PHE A 1 52 ? -8.805  6.827   1.913   1.00 15.18 ? 48   PHE A CZ  1 
ATOM   423  N  N   . PRO A 1 53 ? -10.241 11.683  -1.169  1.00 14.73 ? 49   PRO A N   1 
ATOM   424  C  CA  . PRO A 1 53 ? -11.668 11.515  -1.502  1.00 13.65 ? 49   PRO A CA  1 
ATOM   425  C  C   . PRO A 1 53 ? -12.077 10.075  -1.442  1.00 14.98 ? 49   PRO A C   1 
ATOM   426  O  O   . PRO A 1 53 ? -11.372 9.235   -1.998  1.00 14.76 ? 49   PRO A O   1 
ATOM   427  C  CB  . PRO A 1 53 ? -11.761 12.013  -2.960  1.00 15.51 ? 49   PRO A CB  1 
ATOM   428  C  CG  . PRO A 1 53 ? -10.494 12.973  -3.147  1.00 13.07 ? 49   PRO A CG  1 
ATOM   429  C  CD  . PRO A 1 53 ? -9.473  12.230  -2.309  1.00 13.48 ? 49   PRO A CD  1 
ATOM   430  N  N   . ALA A 1 54 ? -13.193 9.784   -0.781  1.00 15.17 ? 50   ALA A N   1 
ATOM   431  C  CA  . ALA A 1 54 ? -13.621 8.410   -0.601  1.00 16.86 ? 50   ALA A CA  1 
ATOM   432  C  C   . ALA A 1 54 ? -13.875 7.758   -1.950  1.00 16.59 ? 50   ALA A C   1 
ATOM   433  O  O   . ALA A 1 54 ? -13.644 6.543   -2.112  1.00 17.11 ? 50   ALA A O   1 
ATOM   434  C  CB  . ALA A 1 54 ? -14.905 8.357   0.229   1.00 16.74 ? 50   ALA A CB  1 
ATOM   435  N  N   . ASN A 1 55 ? -14.345 8.548   -2.911  1.00 16.51 ? 51   ASN A N   1 
ATOM   436  C  CA  . ASN A 1 55 ? -14.690 7.975   -4.206  1.00 16.94 ? 51   ASN A CA  1 
ATOM   437  C  C   . ASN A 1 55 ? -13.496 7.740   -5.115  1.00 15.68 ? 51   ASN A C   1 
ATOM   438  O  O   . ASN A 1 55 ? -13.626 7.283   -6.248  1.00 17.33 ? 51   ASN A O   1 
ATOM   439  C  CB  . ASN A 1 55 ? -15.883 8.699   -4.894  1.00 16.54 ? 51   ASN A CB  1 
ATOM   440  C  CG  . ASN A 1 55 ? -15.558 10.125  -5.346  1.00 19.59 ? 51   ASN A CG  1 
ATOM   441  O  OD1 . ASN A 1 55 ? -14.431 10.618  -5.210  1.00 18.17 ? 51   ASN A OD1 1 
ATOM   442  N  ND2 . ASN A 1 55 ? -16.570 10.806  -5.848  1.00 20.09 ? 51   ASN A ND2 1 
ATOM   443  N  N   . TYR A 1 56 ? -12.308 8.051   -4.618  1.00 15.90 ? 52   TYR A N   1 
ATOM   444  C  CA  . TYR A 1 56 ? -11.081 7.700   -5.335  1.00 15.84 ? 52   TYR A CA  1 
ATOM   445  C  C   . TYR A 1 56 ? -10.537 6.317   -5.016  1.00 15.49 ? 52   TYR A C   1 
ATOM   446  O  O   . TYR A 1 56 ? -9.551  5.915   -5.623  1.00 17.24 ? 52   TYR A O   1 
ATOM   447  C  CB  . TYR A 1 56 ? -9.984  8.767   -5.113  1.00 14.83 ? 52   TYR A CB  1 
ATOM   448  C  CG  . TYR A 1 56 ? -10.078 9.900   -6.110  1.00 15.34 ? 52   TYR A CG  1 
ATOM   449  C  CD1 . TYR A 1 56 ? -11.240 10.671  -6.217  1.00 15.42 ? 52   TYR A CD1 1 
ATOM   450  C  CD2 . TYR A 1 56 ? -8.990  10.210  -6.943  1.00 16.18 ? 52   TYR A CD2 1 
ATOM   451  C  CE1 . TYR A 1 56 ? -11.336 11.693  -7.176  1.00 15.71 ? 52   TYR A CE1 1 
ATOM   452  C  CE2 . TYR A 1 56 ? -9.080  11.247  -7.896  1.00 17.85 ? 52   TYR A CE2 1 
ATOM   453  C  CZ  . TYR A 1 56 ? -10.253 11.982  -7.985  1.00 18.19 ? 52   TYR A CZ  1 
ATOM   454  O  OH  . TYR A 1 56 ? -10.380 13.000  -8.918  1.00 18.51 ? 52   TYR A OH  1 
ATOM   455  N  N   . VAL A 1 57 ? -11.182 5.574   -4.117  1.00 16.68 ? 53   VAL A N   1 
ATOM   456  C  CA  . VAL A 1 57 ? -10.722 4.245   -3.725  1.00 17.01 ? 53   VAL A CA  1 
ATOM   457  C  C   . VAL A 1 57 ? -11.877 3.261   -3.757  1.00 18.31 ? 53   VAL A C   1 
ATOM   458  O  O   . VAL A 1 57 ? -13.043 3.682   -3.828  1.00 17.41 ? 53   VAL A O   1 
ATOM   459  C  CB  . VAL A 1 57 ? -10.045 4.223   -2.297  1.00 16.32 ? 53   VAL A CB  1 
ATOM   460  C  CG1 . VAL A 1 57 ? -8.820  5.199   -2.264  1.00 15.66 ? 53   VAL A CG1 1 
ATOM   461  C  CG2 . VAL A 1 57 ? -11.031 4.503   -1.148  1.00 17.39 ? 53   VAL A CG2 1 
ATOM   462  N  N   . ALA A 1 58 ? -11.543 1.972   -3.757  1.00 20.48 ? 54   ALA A N   1 
ATOM   463  C  CA  . ALA A 1 58 ? -12.532 0.908   -3.661  1.00 21.72 ? 54   ALA A CA  1 
ATOM   464  C  C   . ALA A 1 58 ? -12.165 0.073   -2.415  1.00 23.11 ? 54   ALA A C   1 
ATOM   465  O  O   . ALA A 1 58 ? -11.037 -0.397  -2.295  1.00 23.71 ? 54   ALA A O   1 
ATOM   466  C  CB  . ALA A 1 58 ? -12.510 0.065   -4.953  1.00 22.07 ? 54   ALA A CB  1 
ATOM   467  N  N   . PRO A 1 59 ? -13.102 -0.080  -1.478  1.00 24.21 ? 55   PRO A N   1 
ATOM   468  C  CA  . PRO A 1 59 ? -12.929 -0.963  -0.312  1.00 25.57 ? 55   PRO A CA  1 
ATOM   469  C  C   . PRO A 1 59 ? -12.523 -2.391  -0.682  1.00 27.07 ? 55   PRO A C   1 
ATOM   470  O  O   . PRO A 1 59 ? -12.892 -2.800  -1.795  1.00 27.58 ? 55   PRO A O   1 
ATOM   471  C  CB  . PRO A 1 59 ? -14.331 -0.965  0.309   1.00 26.28 ? 55   PRO A CB  1 
ATOM   472  C  CG  . PRO A 1 59 ? -14.841 0.436   -0.041  1.00 25.33 ? 55   PRO A CG  1 
ATOM   473  C  CD  . PRO A 1 59 ? -14.418 0.587   -1.453  1.00 24.52 ? 55   PRO A CD  1 
ATOM   474  N  N   . TRP B 1 7  ? -1.689  -10.611 2.379   1.00 28.47 ? 3    TRP B N   1 
ATOM   475  C  CA  . TRP B 1 7  ? -1.460  -9.162  2.723   1.00 28.18 ? 3    TRP B CA  1 
ATOM   476  C  C   . TRP B 1 7  ? -0.368  -8.867  3.777   1.00 27.86 ? 3    TRP B C   1 
ATOM   477  O  O   . TRP B 1 7  ? -0.434  -9.375  4.903   1.00 27.47 ? 3    TRP B O   1 
ATOM   478  C  CB  . TRP B 1 7  ? -2.764  -8.527  3.112   1.00 29.08 ? 3    TRP B CB  1 
ATOM   479  C  CG  . TRP B 1 7  ? -3.741  -8.529  1.973   1.00 30.64 ? 3    TRP B CG  1 
ATOM   480  C  CD1 . TRP B 1 7  ? -4.810  -9.374  1.799   1.00 33.07 ? 3    TRP B CD1 1 
ATOM   481  C  CD2 . TRP B 1 7  ? -3.727  -7.661  0.824   1.00 30.99 ? 3    TRP B CD2 1 
ATOM   482  N  NE1 . TRP B 1 7  ? -5.464  -9.065  0.630   1.00 33.70 ? 3    TRP B NE1 1 
ATOM   483  C  CE2 . TRP B 1 7  ? -4.819  -8.023  0.008   1.00 31.94 ? 3    TRP B CE2 1 
ATOM   484  C  CE3 . TRP B 1 7  ? -2.904  -6.603  0.410   1.00 27.51 ? 3    TRP B CE3 1 
ATOM   485  C  CZ2 . TRP B 1 7  ? -5.109  -7.365  -1.204  1.00 33.22 ? 3    TRP B CZ2 1 
ATOM   486  C  CZ3 . TRP B 1 7  ? -3.195  -5.949  -0.775  1.00 28.21 ? 3    TRP B CZ3 1 
ATOM   487  C  CH2 . TRP B 1 7  ? -4.275  -6.337  -1.576  1.00 30.22 ? 3    TRP B CH2 1 
ATOM   488  N  N   . ALA B 1 8  ? 0.626   -8.040  3.420   1.00 24.88 ? 4    ALA B N   1 
ATOM   489  C  CA  . ALA B 1 8  ? 1.782   -7.819  4.305   1.00 22.88 ? 4    ALA B CA  1 
ATOM   490  C  C   . ALA B 1 8  ? 2.374   -6.416  4.259   1.00 22.44 ? 4    ALA B C   1 
ATOM   491  O  O   . ALA B 1 8  ? 2.362   -5.777  3.226   1.00 21.97 ? 4    ALA B O   1 
ATOM   492  C  CB  . ALA B 1 8  ? 2.872   -8.818  3.985   1.00 22.35 ? 4    ALA B CB  1 
ATOM   493  N  N   . ARG B 1 9  ? 2.895   -5.946  5.394   1.00 20.80 ? 5    ARG B N   1 
ATOM   494  C  CA  . ARG B 1 9  ? 3.564   -4.656  5.453   1.00 20.68 ? 5    ARG B CA  1 
ATOM   495  C  C   . ARG B 1 9  ? 5.083   -4.834  5.377   1.00 19.58 ? 5    ARG B C   1 
ATOM   496  O  O   . ARG B 1 9  ? 5.654   -5.644  6.103   1.00 18.15 ? 5    ARG B O   1 
ATOM   497  C  CB  . ARG B 1 9  ? 3.204   -3.881  6.743   1.00 21.75 ? 5    ARG B CB  1 
ATOM   498  C  CG  . ARG B 1 9  ? 3.503   -2.368  6.680   1.00 25.83 ? 5    ARG B CG  1 
ATOM   499  C  CD  . ARG B 1 9  ? 2.720   -1.574  7.760   1.00 32.60 ? 5    ARG B CD  1 
ATOM   500  N  NE  . ARG B 1 9  ? 1.583   -0.868  7.166   1.00 35.84 ? 5    ARG B NE  1 
ATOM   501  C  CZ  . ARG B 1 9  ? 0.327   -0.889  7.619   1.00 38.48 ? 5    ARG B CZ  1 
ATOM   502  N  NH1 . ARG B 1 9  ? -0.026  -1.574  8.711   1.00 38.96 ? 5    ARG B NH1 1 
ATOM   503  N  NH2 . ARG B 1 9  ? -0.591  -0.183  6.970   1.00 40.72 ? 5    ARG B NH2 1 
ATOM   504  N  N   . ALA B 1 10 ? 5.731   -4.039  4.515   1.00 17.27 ? 6    ALA B N   1 
ATOM   505  C  CA  . ALA B 1 10 ? 7.181   -4.058  4.414   1.00 17.66 ? 6    ALA B CA  1 
ATOM   506  C  C   . ALA B 1 10 ? 7.766   -3.507  5.722   1.00 17.15 ? 6    ALA B C   1 
ATOM   507  O  O   . ALA B 1 10 ? 7.354   -2.452  6.200   1.00 17.29 ? 6    ALA B O   1 
ATOM   508  C  CB  . ALA B 1 10 ? 7.629   -3.199  3.248   1.00 16.35 ? 6    ALA B CB  1 
ATOM   509  N  N   . LEU B 1 11 ? 8.727   -4.241  6.264   1.00 16.86 ? 7    LEU B N   1 
ATOM   510  C  CA  . LEU B 1 11 ? 9.379   -3.869  7.511   1.00 17.52 ? 7    LEU B CA  1 
ATOM   511  C  C   . LEU B 1 11 ? 10.656  -3.052  7.249   1.00 17.78 ? 7    LEU B C   1 
ATOM   512  O  O   . LEU B 1 11 ? 11.062  -2.210  8.071   1.00 17.84 ? 7    LEU B O   1 
ATOM   513  C  CB  . LEU B 1 11 ? 9.677   -5.142  8.334   1.00 16.22 ? 7    LEU B CB  1 
ATOM   514  C  CG  . LEU B 1 11 ? 8.417   -5.867  8.719   1.00 18.17 ? 7    LEU B CG  1 
ATOM   515  C  CD1 . LEU B 1 11 ? 8.710   -7.266  9.353   1.00 17.77 ? 7    LEU B CD1 1 
ATOM   516  C  CD2 . LEU B 1 11 ? 7.581   -4.985  9.671   1.00 20.81 ? 7    LEU B CD2 1 
ATOM   517  N  N   . TYR B 1 12 ? 11.281  -3.320  6.117   1.00 17.65 ? 8    TYR B N   1 
ATOM   518  C  CA  . TYR B 1 12 ? 12.560  -2.717  5.761   1.00 18.17 ? 8    TYR B CA  1 
ATOM   519  C  C   . TYR B 1 12 ? 12.535  -2.441  4.285   1.00 18.29 ? 8    TYR B C   1 
ATOM   520  O  O   . TYR B 1 12 ? 11.752  -3.052  3.560   1.00 18.30 ? 8    TYR B O   1 
ATOM   521  C  CB  . TYR B 1 12 ? 13.707  -3.706  6.049   1.00 18.06 ? 8    TYR B CB  1 
ATOM   522  C  CG  . TYR B 1 12 ? 13.705  -4.233  7.459   1.00 17.47 ? 8    TYR B CG  1 
ATOM   523  C  CD1 . TYR B 1 12 ? 14.246  -3.479  8.496   1.00 24.18 ? 8    TYR B CD1 1 
ATOM   524  C  CD2 . TYR B 1 12 ? 13.114  -5.453  7.761   1.00 20.42 ? 8    TYR B CD2 1 
ATOM   525  C  CE1 . TYR B 1 12 ? 14.240  -3.951  9.825   1.00 25.70 ? 8    TYR B CE1 1 
ATOM   526  C  CE2 . TYR B 1 12 ? 13.099  -5.933  9.080   1.00 24.38 ? 8    TYR B CE2 1 
ATOM   527  C  CZ  . TYR B 1 12 ? 13.657  -5.165  10.099  1.00 25.72 ? 8    TYR B CZ  1 
ATOM   528  O  OH  . TYR B 1 12 ? 13.660  -5.625  11.398  1.00 30.61 ? 8    TYR B OH  1 
ATOM   529  N  N   . ASP B 1 13 ? 13.404  -1.533  3.829   1.00 16.74 ? 9    ASP B N   1 
ATOM   530  C  CA  . ASP B 1 13 ? 13.557  -1.343  2.392   1.00 16.58 ? 9    ASP B CA  1 
ATOM   531  C  C   . ASP B 1 13 ? 14.169  -2.603  1.791   1.00 16.11 ? 9    ASP B C   1 
ATOM   532  O  O   . ASP B 1 13 ? 15.179  -3.155  2.318   1.00 16.19 ? 9    ASP B O   1 
ATOM   533  C  CB  . ASP B 1 13 ? 14.524  -0.188  2.064   1.00 16.49 ? 9    ASP B CB  1 
ATOM   534  C  CG  . ASP B 1 13 ? 14.033  1.150   2.519   1.00 21.65 ? 9    ASP B CG  1 
ATOM   535  O  OD1 . ASP B 1 13 ? 12.856  1.311   2.923   1.00 18.37 ? 9    ASP B OD1 1 
ATOM   536  O  OD2 . ASP B 1 13 ? 14.798  2.131   2.503   1.00 22.22 ? 9    ASP B OD2 1 
ATOM   537  N  N   . PHE B 1 14 ? 13.615  -3.009  0.650   1.00 15.24 ? 10   PHE B N   1 
ATOM   538  C  CA  . PHE B 1 14 ? 14.174  -4.085  -0.161  1.00 15.67 ? 10   PHE B CA  1 
ATOM   539  C  C   . PHE B 1 14 ? 14.408  -3.551  -1.567  1.00 16.01 ? 10   PHE B C   1 
ATOM   540  O  O   . PHE B 1 14 ? 13.478  -3.163  -2.254  1.00 15.31 ? 10   PHE B O   1 
ATOM   541  C  CB  . PHE B 1 14 ? 13.292  -5.342  -0.170  1.00 16.29 ? 10   PHE B CB  1 
ATOM   542  C  CG  . PHE B 1 14 ? 13.733  -6.358  -1.191  1.00 13.18 ? 10   PHE B CG  1 
ATOM   543  C  CD1 . PHE B 1 14 ? 15.021  -6.886  -1.149  1.00 16.80 ? 10   PHE B CD1 1 
ATOM   544  C  CD2 . PHE B 1 14 ? 12.906  -6.664  -2.260  1.00 15.07 ? 10   PHE B CD2 1 
ATOM   545  C  CE1 . PHE B 1 14 ? 15.478  -7.791  -2.157  1.00 18.86 ? 10   PHE B CE1 1 
ATOM   546  C  CE2 . PHE B 1 14 ? 13.327  -7.551  -3.262  1.00 14.80 ? 10   PHE B CE2 1 
ATOM   547  C  CZ  . PHE B 1 14 ? 14.634  -8.103  -3.222  1.00 14.70 ? 10   PHE B CZ  1 
ATOM   548  N  N   . GLU B 1 15 ? 15.676  -3.513  -1.974  1.00 16.13 ? 11   GLU B N   1 
ATOM   549  C  CA  . GLU B 1 15 ? 16.041  -2.972  -3.270  1.00 17.44 ? 11   GLU B CA  1 
ATOM   550  C  C   . GLU B 1 15 ? 16.099  -4.075  -4.311  1.00 16.86 ? 11   GLU B C   1 
ATOM   551  O  O   . GLU B 1 15 ? 16.946  -4.969  -4.209  1.00 17.31 ? 11   GLU B O   1 
ATOM   552  C  CB  . GLU B 1 15 ? 17.403  -2.261  -3.161  1.00 16.60 ? 11   GLU B CB  1 
ATOM   553  C  CG  . GLU B 1 15 ? 17.838  -1.532  -4.424  1.00 20.21 ? 11   GLU B CG  1 
ATOM   554  C  CD  . GLU B 1 15 ? 19.156  -0.764  -4.241  1.00 24.93 ? 11   GLU B CD  1 
ATOM   555  O  OE1 . GLU B 1 15 ? 19.772  -0.790  -3.141  1.00 23.15 ? 11   GLU B OE1 1 
ATOM   556  O  OE2 . GLU B 1 15 ? 19.581  -0.116  -5.208  1.00 26.91 ? 11   GLU B OE2 1 
ATOM   557  N  N   . ALA B 1 16 ? 15.226  -4.019  -5.323  1.00 16.43 ? 12   ALA B N   1 
ATOM   558  C  CA  . ALA B 1 16 ? 15.241  -5.048  -6.358  1.00 17.26 ? 12   ALA B CA  1 
ATOM   559  C  C   . ALA B 1 16 ? 16.504  -4.899  -7.190  1.00 18.37 ? 12   ALA B C   1 
ATOM   560  O  O   . ALA B 1 16 ? 16.801  -3.800  -7.651  1.00 19.46 ? 12   ALA B O   1 
ATOM   561  C  CB  . ALA B 1 16 ? 14.003  -4.951  -7.240  1.00 16.80 ? 12   ALA B CB  1 
ATOM   562  N  N   . LEU B 1 17 ? 17.225  -5.992  -7.398  1.00 17.83 ? 13   LEU B N   1 
ATOM   563  C  CA  . LEU B 1 17 ? 18.456  -5.913  -8.190  1.00 19.97 ? 13   LEU B CA  1 
ATOM   564  C  C   . LEU B 1 17 ? 18.389  -6.814  -9.404  1.00 22.03 ? 13   LEU B C   1 
ATOM   565  O  O   . LEU B 1 17 ? 19.338  -6.842  -10.207 1.00 22.46 ? 13   LEU B O   1 
ATOM   566  C  CB  . LEU B 1 17 ? 19.673  -6.252  -7.330  1.00 17.70 ? 13   LEU B CB  1 
ATOM   567  C  CG  . LEU B 1 17 ? 19.991  -5.305  -6.178  1.00 18.54 ? 13   LEU B CG  1 
ATOM   568  C  CD1 . LEU B 1 17 ? 21.277  -5.733  -5.461  1.00 23.15 ? 13   LEU B CD1 1 
ATOM   569  C  CD2 . LEU B 1 17 ? 20.110  -3.886  -6.645  1.00 20.46 ? 13   LEU B CD2 1 
ATOM   570  N  N   . GLU B 1 18 ? 17.280  -7.546  -9.528  1.00 21.91 ? 14   GLU B N   1 
ATOM   571  C  CA  . GLU B 1 18 ? 17.042  -8.445  -10.659 1.00 23.06 ? 14   GLU B CA  1 
ATOM   572  C  C   . GLU B 1 18 ? 15.660  -8.174  -11.182 1.00 22.41 ? 14   GLU B C   1 
ATOM   573  O  O   . GLU B 1 18 ? 14.801  -7.703  -10.424 1.00 20.73 ? 14   GLU B O   1 
ATOM   574  C  CB  . GLU B 1 18 ? 17.177  -9.909  -10.247 1.00 22.38 ? 14   GLU B CB  1 
ATOM   575  C  CG  . GLU B 1 18 ? 18.533  -10.299 -9.639  1.00 24.54 ? 14   GLU B CG  1 
ATOM   576  C  CD  . GLU B 1 18 ? 19.692  -10.316 -10.639 1.00 29.92 ? 14   GLU B CD  1 
ATOM   577  O  OE1 . GLU B 1 18 ? 19.457  -10.358 -11.878 1.00 29.08 ? 14   GLU B OE1 1 
ATOM   578  O  OE2 . GLU B 1 18 ? 20.864  -10.261 -10.167 1.00 31.42 ? 14   GLU B OE2 1 
ATOM   579  N  N   . GLU B 1 19 ? 15.432  -8.525  -12.450 1.00 22.42 ? 15   GLU B N   1 
ATOM   580  C  CA  . GLU B 1 19 ? 14.186  -8.204  -13.121 1.00 23.14 ? 15   GLU B CA  1 
ATOM   581  C  C   . GLU B 1 19 ? 13.002  -8.896  -12.465 1.00 21.60 ? 15   GLU B C   1 
ATOM   582  O  O   . GLU B 1 19 ? 11.904  -8.410  -12.502 1.00 22.28 ? 15   GLU B O   1 
ATOM   583  C  CB  . GLU B 1 19 ? 14.259  -8.651  -14.595 1.00 23.80 ? 15   GLU B CB  1 
ATOM   584  C  CG  . GLU B 1 19 ? 15.454  -8.110  -15.357 1.00 29.93 ? 15   GLU B CG  1 
ATOM   585  C  CD  . GLU B 1 19 ? 15.302  -6.659  -15.807 1.00 37.47 ? 15   GLU B CD  1 
ATOM   586  O  OE1 . GLU B 1 19 ? 14.874  -5.807  -15.001 1.00 42.23 ? 15   GLU B OE1 1 
ATOM   587  O  OE2 . GLU B 1 19 ? 15.641  -6.355  -16.986 1.00 43.25 ? 15   GLU B OE2 1 
ATOM   588  N  N   . ASP B 1 20 ? 13.254  -10.060 -11.904 1.00 19.66 ? 16   ASP B N   1 
ATOM   589  C  CA  . ASP B 1 20 ? 12.179  -10.828 -11.277 1.00 17.85 ? 16   ASP B CA  1 
ATOM   590  C  C   . ASP B 1 20 ? 11.874  -10.479 -9.821  1.00 16.98 ? 16   ASP B C   1 
ATOM   591  O  O   . ASP B 1 20 ? 11.029  -11.153 -9.199  1.00 15.79 ? 16   ASP B O   1 
ATOM   592  C  CB  . ASP B 1 20 ? 12.441  -12.342 -11.473 1.00 18.17 ? 16   ASP B CB  1 
ATOM   593  C  CG  . ASP B 1 20 ? 13.655  -12.869 -10.711 1.00 19.54 ? 16   ASP B CG  1 
ATOM   594  O  OD1 . ASP B 1 20 ? 14.326  -12.102 -9.990  1.00 15.44 ? 16   ASP B OD1 1 
ATOM   595  O  OD2 . ASP B 1 20 ? 14.002  -14.097 -10.755 1.00 20.59 ? 16   ASP B OD2 1 
ATOM   596  N  N   . GLU B 1 21 ? 12.535  -9.456  -9.274  1.00 16.18 ? 17   GLU B N   1 
ATOM   597  C  CA  . GLU B 1 21 ? 12.297  -9.027  -7.891  1.00 14.87 ? 17   GLU B CA  1 
ATOM   598  C  C   . GLU B 1 21 ? 11.342  -7.839  -7.793  1.00 15.88 ? 17   GLU B C   1 
ATOM   599  O  O   . GLU B 1 21 ? 11.230  -7.020  -8.717  1.00 15.96 ? 17   GLU B O   1 
ATOM   600  C  CB  . GLU B 1 21 ? 13.643  -8.686  -7.205  1.00 14.68 ? 17   GLU B CB  1 
ATOM   601  C  CG  . GLU B 1 21 ? 14.523  -9.923  -7.131  1.00 13.54 ? 17   GLU B CG  1 
ATOM   602  C  CD  . GLU B 1 21 ? 15.932  -9.628  -6.696  1.00 13.95 ? 17   GLU B CD  1 
ATOM   603  O  OE1 . GLU B 1 21 ? 16.278  -8.432  -6.449  1.00 14.87 ? 17   GLU B OE1 1 
ATOM   604  O  OE2 . GLU B 1 21 ? 16.702  -10.609 -6.631  1.00 15.64 ? 17   GLU B OE2 1 
ATOM   605  N  N   . LEU B 1 22 ? 10.647  -7.783  -6.662  1.00 15.40 ? 18   LEU B N   1 
ATOM   606  C  CA  . LEU B 1 22 ? 9.682   -6.719  -6.373  1.00 14.82 ? 18   LEU B CA  1 
ATOM   607  C  C   . LEU B 1 22 ? 10.283  -5.883  -5.269  1.00 15.32 ? 18   LEU B C   1 
ATOM   608  O  O   . LEU B 1 22 ? 10.278  -6.309  -4.119  1.00 15.63 ? 18   LEU B O   1 
ATOM   609  C  CB  . LEU B 1 22 ? 8.362   -7.356  -5.911  1.00 15.49 ? 18   LEU B CB  1 
ATOM   610  C  CG  . LEU B 1 22 ? 7.194   -6.418  -5.597  1.00 15.22 ? 18   LEU B CG  1 
ATOM   611  C  CD1 . LEU B 1 22 ? 6.468   -5.993  -6.910  1.00 16.20 ? 18   LEU B CD1 1 
ATOM   612  C  CD2 . LEU B 1 22 ? 6.213   -7.161  -4.609  1.00 14.27 ? 18   LEU B CD2 1 
ATOM   613  N  N   . GLY B 1 23 ? 10.800  -4.704  -5.607  1.00 15.07 ? 19   GLY B N   1 
ATOM   614  C  CA  . GLY B 1 23 ? 11.423  -3.844  -4.606  1.00 14.65 ? 19   GLY B CA  1 
ATOM   615  C  C   . GLY B 1 23 ? 10.392  -3.001  -3.900  1.00 14.68 ? 19   GLY B C   1 
ATOM   616  O  O   . GLY B 1 23 ? 9.316   -2.774  -4.424  1.00 14.05 ? 19   GLY B O   1 
ATOM   617  N  N   . PHE B 1 24 ? 10.720  -2.563  -2.680  1.00 15.79 ? 20   PHE B N   1 
ATOM   618  C  CA  . PHE B 1 24 ? 9.820   -1.700  -1.913  1.00 15.60 ? 20   PHE B CA  1 
ATOM   619  C  C   . PHE B 1 24 ? 10.532  -0.975  -0.819  1.00 16.21 ? 20   PHE B C   1 
ATOM   620  O  O   . PHE B 1 24 ? 11.607  -1.371  -0.390  1.00 16.68 ? 20   PHE B O   1 
ATOM   621  C  CB  . PHE B 1 24 ? 8.634   -2.483  -1.300  1.00 13.50 ? 20   PHE B CB  1 
ATOM   622  C  CG  . PHE B 1 24 ? 9.000   -3.775  -0.617  1.00 15.48 ? 20   PHE B CG  1 
ATOM   623  C  CD1 . PHE B 1 24 ? 9.721   -3.803  0.590   1.00 15.41 ? 20   PHE B CD1 1 
ATOM   624  C  CD2 . PHE B 1 24 ? 8.622   -5.000  -1.203  1.00 15.54 ? 20   PHE B CD2 1 
ATOM   625  C  CE1 . PHE B 1 24 ? 10.032  -5.019  1.210   1.00 14.24 ? 20   PHE B CE1 1 
ATOM   626  C  CE2 . PHE B 1 24 ? 8.964   -6.211  -0.632  1.00 15.72 ? 20   PHE B CE2 1 
ATOM   627  C  CZ  . PHE B 1 24 ? 9.660   -6.220  0.616   1.00 15.85 ? 20   PHE B CZ  1 
ATOM   628  N  N   . ARG B 1 25 ? 9.909   0.132   -0.386  1.00 17.08 ? 21   ARG B N   1 
ATOM   629  C  CA  . ARG B 1 25 ? 10.336  0.860   0.790   1.00 18.74 ? 21   ARG B CA  1 
ATOM   630  C  C   . ARG B 1 25 ? 9.604   0.340   1.994   1.00 17.98 ? 21   ARG B C   1 
ATOM   631  O  O   . ARG B 1 25 ? 8.458   -0.147  1.881   1.00 18.86 ? 21   ARG B O   1 
ATOM   632  C  CB  . ARG B 1 25 ? 9.980   2.342   0.616   1.00 19.02 ? 21   ARG B CB  1 
ATOM   633  C  CG  . ARG B 1 25 ? 10.872  3.047   -0.400  1.00 25.00 ? 21   ARG B CG  1 
ATOM   634  C  CD  . ARG B 1 25 ? 12.162  3.548   0.214   1.00 35.11 ? 21   ARG B CD  1 
ATOM   635  N  NE  . ARG B 1 25 ? 13.268  3.691   -0.739  1.00 42.18 ? 21   ARG B NE  1 
ATOM   636  C  CZ  . ARG B 1 25 ? 14.483  4.140   -0.401  1.00 44.78 ? 21   ARG B CZ  1 
ATOM   637  N  NH1 . ARG B 1 25 ? 14.744  4.519   0.855   1.00 45.23 ? 21   ARG B NH1 1 
ATOM   638  N  NH2 . ARG B 1 25 ? 15.444  4.227   -1.319  1.00 47.56 ? 21   ARG B NH2 1 
ATOM   639  N  N   . SER B 1 26 ? 10.216  0.450   3.174   1.00 18.10 ? 22   SER B N   1 
ATOM   640  C  CA  . SER B 1 26 ? 9.485   0.072   4.379   1.00 18.77 ? 22   SER B CA  1 
ATOM   641  C  C   . SER B 1 26 ? 8.148   0.807   4.503   1.00 18.35 ? 22   SER B C   1 
ATOM   642  O  O   . SER B 1 26 ? 8.011   1.976   4.088   1.00 18.52 ? 22   SER B O   1 
ATOM   643  C  CB  . SER B 1 26 ? 10.313  0.133   5.691   1.00 18.85 ? 22   SER B CB  1 
ATOM   644  O  OG  . SER B 1 26 ? 10.662  1.470   5.999   1.00 26.30 ? 22   SER B OG  1 
ATOM   645  N  N   . GLY B 1 27 ? 7.137   0.107   4.978   1.00 18.10 ? 23   GLY B N   1 
ATOM   646  C  CA  . GLY B 1 27 ? 5.840   0.750   5.167   1.00 17.97 ? 23   GLY B CA  1 
ATOM   647  C  C   . GLY B 1 27 ? 4.859   0.435   4.045   1.00 19.07 ? 23   GLY B C   1 
ATOM   648  O  O   . GLY B 1 27 ? 3.639   0.633   4.222   1.00 17.76 ? 23   GLY B O   1 
ATOM   649  N  N   . GLU B 1 28 ? 5.365   -0.082  2.911   1.00 18.25 ? 24   GLU B N   1 
ATOM   650  C  CA  . GLU B 1 28 ? 4.486   -0.457  1.798   1.00 18.39 ? 24   GLU B CA  1 
ATOM   651  C  C   . GLU B 1 28 ? 3.590   -1.616  2.178   1.00 18.16 ? 24   GLU B C   1 
ATOM   652  O  O   . GLU B 1 28 ? 3.973   -2.478  2.941   1.00 18.11 ? 24   GLU B O   1 
ATOM   653  C  CB  . GLU B 1 28 ? 5.309   -0.900  0.585   1.00 19.06 ? 24   GLU B CB  1 
ATOM   654  C  CG  . GLU B 1 28 ? 5.977   0.240   -0.128  1.00 19.93 ? 24   GLU B CG  1 
ATOM   655  C  CD  . GLU B 1 28 ? 5.066   1.074   -1.046  1.00 21.16 ? 24   GLU B CD  1 
ATOM   656  O  OE1 . GLU B 1 28 ? 3.808   1.003   -1.050  1.00 18.12 ? 24   GLU B OE1 1 
ATOM   657  O  OE2 . GLU B 1 28 ? 5.661   1.864   -1.779  1.00 16.75 ? 24   GLU B OE2 1 
ATOM   658  N  N   . VAL B 1 29 ? 2.373   -1.613  1.664   1.00 17.89 ? 25   VAL B N   1 
ATOM   659  C  CA  . VAL B 1 29 ? 1.527   -2.765  1.828   1.00 17.84 ? 25   VAL B CA  1 
ATOM   660  C  C   . VAL B 1 29 ? 1.553   -3.589  0.525   1.00 18.96 ? 25   VAL B C   1 
ATOM   661  O  O   . VAL B 1 29 ? 1.245   -3.087  -0.551  1.00 19.23 ? 25   VAL B O   1 
ATOM   662  C  CB  . VAL B 1 29 ? 0.115   -2.382  2.218   1.00 17.95 ? 25   VAL B CB  1 
ATOM   663  C  CG1 . VAL B 1 29 ? -0.766  -3.644  2.250   1.00 16.52 ? 25   VAL B CG1 1 
ATOM   664  C  CG2 . VAL B 1 29 ? 0.130   -1.723  3.589   1.00 18.46 ? 25   VAL B CG2 1 
ATOM   665  N  N   . VAL B 1 30 ? 1.943   -4.854  0.669   1.00 18.25 ? 26   VAL B N   1 
ATOM   666  C  CA  . VAL B 1 30 ? 2.248   -5.736  -0.452  1.00 18.89 ? 26   VAL B CA  1 
ATOM   667  C  C   . VAL B 1 30 ? 1.193   -6.799  -0.483  1.00 18.87 ? 26   VAL B C   1 
ATOM   668  O  O   . VAL B 1 30 ? 0.882   -7.351  0.552   1.00 18.25 ? 26   VAL B O   1 
ATOM   669  C  CB  . VAL B 1 30 ? 3.616   -6.392  -0.195  1.00 19.12 ? 26   VAL B CB  1 
ATOM   670  C  CG1 . VAL B 1 30 ? 3.931   -7.521  -1.203  1.00 18.71 ? 26   VAL B CG1 1 
ATOM   671  C  CG2 . VAL B 1 30 ? 4.693   -5.279  -0.239  1.00 19.39 ? 26   VAL B CG2 1 
ATOM   672  N  N   . GLU B 1 31 ? 0.696   -7.101  -1.668  1.00 19.33 ? 27   GLU B N   1 
ATOM   673  C  CA  . GLU B 1 31 ? -0.265  -8.175  -1.852  1.00 20.58 ? 27   GLU B CA  1 
ATOM   674  C  C   . GLU B 1 31 ? 0.549   -9.463  -2.079  1.00 21.08 ? 27   GLU B C   1 
ATOM   675  O  O   . GLU B 1 31 ? 1.398   -9.500  -2.977  1.00 19.69 ? 27   GLU B O   1 
ATOM   676  C  CB  . GLU B 1 31 ? -1.195  -7.792  -3.032  1.00 21.41 ? 27   GLU B CB  1 
ATOM   677  C  CG  . GLU B 1 31 ? -2.313  -8.796  -3.315  1.00 22.59 ? 27   GLU B CG  1 
ATOM   678  C  CD  . GLU B 1 31 ? -3.161  -8.502  -4.556  1.00 24.32 ? 27   GLU B CD  1 
ATOM   679  O  OE1 . GLU B 1 31 ? -3.182  -7.388  -5.101  1.00 25.50 ? 27   GLU B OE1 1 
ATOM   680  O  OE2 . GLU B 1 31 ? -3.830  -9.443  -5.010  1.00 31.37 ? 27   GLU B OE2 1 
ATOM   681  N  N   . VAL B 1 32 ? 0.351   -10.486 -1.226  1.00 20.83 ? 28   VAL B N   1 
ATOM   682  C  CA  . VAL B 1 32 ? 1.191   -11.703 -1.277  1.00 21.52 ? 28   VAL B CA  1 
ATOM   683  C  C   . VAL B 1 32 ? 0.434   -12.747 -2.103  1.00 23.23 ? 28   VAL B C   1 
ATOM   684  O  O   . VAL B 1 32 ? -0.661  -13.191 -1.699  1.00 24.02 ? 28   VAL B O   1 
ATOM   685  C  CB  . VAL B 1 32 ? 1.563   -12.302 0.125   1.00 21.64 ? 28   VAL B CB  1 
ATOM   686  C  CG1 . VAL B 1 32 ? 2.447   -13.599 -0.011  1.00 19.34 ? 28   VAL B CG1 1 
ATOM   687  C  CG2 . VAL B 1 32 ? 2.249   -11.286 1.049   1.00 20.44 ? 28   VAL B CG2 1 
ATOM   688  N  N   . LEU B 1 33 ? 0.989   -13.103 -3.255  1.00 23.88 ? 29   LEU B N   1 
ATOM   689  C  CA  . LEU B 1 33 ? 0.349   -14.043 -4.172  1.00 25.11 ? 29   LEU B CA  1 
ATOM   690  C  C   . LEU B 1 33 ? 0.748   -15.496 -3.880  1.00 25.52 ? 29   LEU B C   1 
ATOM   691  O  O   . LEU B 1 33 ? -0.038  -16.413 -4.144  1.00 26.34 ? 29   LEU B O   1 
ATOM   692  C  CB  . LEU B 1 33 ? 0.652   -13.672 -5.615  1.00 26.60 ? 29   LEU B CB  1 
ATOM   693  C  CG  . LEU B 1 33 ? 0.275   -12.295 -6.123  1.00 27.69 ? 29   LEU B CG  1 
ATOM   694  C  CD1 . LEU B 1 33 ? 0.594   -12.259 -7.580  1.00 30.57 ? 29   LEU B CD1 1 
ATOM   695  C  CD2 . LEU B 1 33 ? -1.229  -11.979 -5.888  1.00 30.93 ? 29   LEU B CD2 1 
ATOM   696  N  N   . ASP B 1 34 ? 1.953   -15.703 -3.346  1.00 24.69 ? 30   ASP B N   1 
ATOM   697  C  CA  . ASP B 1 34 ? 2.452   -17.041 -3.003  1.00 25.07 ? 30   ASP B CA  1 
ATOM   698  C  C   . ASP B 1 34 ? 3.403   -16.967 -1.812  1.00 25.01 ? 30   ASP B C   1 
ATOM   699  O  O   . ASP B 1 34 ? 4.461   -16.328 -1.899  1.00 25.69 ? 30   ASP B O   1 
ATOM   700  C  CB  . ASP B 1 34 ? 3.141   -17.636 -4.245  1.00 25.60 ? 30   ASP B CB  1 
ATOM   701  C  CG  . ASP B 1 34 ? 3.417   -19.120 -4.125  1.00 28.53 ? 30   ASP B CG  1 
ATOM   702  O  OD1 . ASP B 1 34 ? 3.502   -19.655 -3.001  1.00 29.98 ? 30   ASP B OD1 1 
ATOM   703  O  OD2 . ASP B 1 34 ? 3.598   -19.812 -5.130  1.00 32.96 ? 30   ASP B OD2 1 
ATOM   704  N  N   . SER B 1 35 ? 3.034   -17.619 -0.708  1.00 25.07 ? 31   SER B N   1 
ATOM   705  C  CA  . SER B 1 35 ? 3.824   -17.628 0.521   1.00 25.58 ? 31   SER B CA  1 
ATOM   706  C  C   . SER B 1 35 ? 4.318   -19.029 0.865   1.00 26.15 ? 31   SER B C   1 
ATOM   707  O  O   . SER B 1 35 ? 4.687   -19.306 2.017   1.00 27.26 ? 31   SER B O   1 
ATOM   708  C  CB  . SER B 1 35 ? 3.011   -17.078 1.696   1.00 26.29 ? 31   SER B CB  1 
ATOM   709  O  OG  . SER B 1 35 ? 1.775   -17.789 1.879   1.00 29.44 ? 31   SER B OG  1 
ATOM   710  N  N   . SER B 1 36 ? 4.361   -19.917 -0.122  1.00 26.11 ? 32   SER B N   1 
ATOM   711  C  CA  . SER B 1 36 ? 4.705   -21.317 0.198   1.00 25.84 ? 32   SER B CA  1 
ATOM   712  C  C   . SER B 1 36 ? 6.188   -21.561 0.298   1.00 25.65 ? 32   SER B C   1 
ATOM   713  O  O   . SER B 1 36 ? 6.633   -22.482 1.016   1.00 26.08 ? 32   SER B O   1 
ATOM   714  C  CB  . SER B 1 36 ? 4.067   -22.290 -0.789  1.00 26.00 ? 32   SER B CB  1 
ATOM   715  O  OG  . SER B 1 36 ? 4.393   -21.979 -2.131  1.00 29.05 ? 32   SER B OG  1 
ATOM   716  N  N   . ASN B 1 37 ? 6.964   -20.753 -0.428  1.00 23.65 ? 33   ASN B N   1 
ATOM   717  C  CA  . ASN B 1 37 ? 8.411   -20.784 -0.330  1.00 22.78 ? 33   ASN B CA  1 
ATOM   718  C  C   . ASN B 1 37 ? 8.812   -20.091 0.957   1.00 21.71 ? 33   ASN B C   1 
ATOM   719  O  O   . ASN B 1 37 ? 8.303   -19.032 1.288   1.00 22.66 ? 33   ASN B O   1 
ATOM   720  C  CB  . ASN B 1 37 ? 9.073   -20.138 -1.565  1.00 22.54 ? 33   ASN B CB  1 
ATOM   721  C  CG  . ASN B 1 37 ? 10.582  -20.304 -1.587  1.00 23.62 ? 33   ASN B CG  1 
ATOM   722  O  OD1 . ASN B 1 37 ? 11.303  -19.679 -0.801  1.00 23.12 ? 33   ASN B OD1 1 
ATOM   723  N  ND2 . ASN B 1 37 ? 11.087  -21.154 -2.502  1.00 24.05 ? 33   ASN B ND2 1 
ATOM   724  N  N   . PRO B 1 38 ? 9.691   -20.704 1.719   1.00 21.71 ? 34   PRO B N   1 
ATOM   725  C  CA  . PRO B 1 38 ? 10.036  -20.165 3.039   1.00 21.92 ? 34   PRO B CA  1 
ATOM   726  C  C   . PRO B 1 38 ? 10.982  -18.952 3.004   1.00 21.65 ? 34   PRO B C   1 
ATOM   727  O  O   . PRO B 1 38 ? 11.094  -18.217 3.991   1.00 23.33 ? 34   PRO B O   1 
ATOM   728  C  CB  . PRO B 1 38 ? 10.745  -21.354 3.711   1.00 22.64 ? 34   PRO B CB  1 
ATOM   729  C  CG  . PRO B 1 38 ? 11.311  -22.125 2.644   1.00 22.77 ? 34   PRO B CG  1 
ATOM   730  C  CD  . PRO B 1 38 ? 10.367  -21.995 1.455   1.00 23.16 ? 34   PRO B CD  1 
ATOM   731  N  N   . SER B 1 39 ? 11.661  -18.775 1.880   1.00 21.59 ? 35   SER B N   1 
ATOM   732  C  CA  . SER B 1 39 ? 12.726  -17.805 1.738   1.00 20.70 ? 35   SER B CA  1 
ATOM   733  C  C   . SER B 1 39 ? 12.290  -16.604 0.913   1.00 19.83 ? 35   SER B C   1 
ATOM   734  O  O   . SER B 1 39 ? 12.520  -15.456 1.311   1.00 18.54 ? 35   SER B O   1 
ATOM   735  C  CB  . SER B 1 39 ? 13.922  -18.472 1.101   1.00 22.75 ? 35   SER B CB  1 
ATOM   736  O  OG  . SER B 1 39 ? 14.536  -19.391 2.026   1.00 27.69 ? 35   SER B OG  1 
ATOM   737  N  N   . TRP B 1 40 ? 11.656  -16.875 -0.229  1.00 17.67 ? 36   TRP B N   1 
ATOM   738  C  CA  . TRP B 1 40 ? 11.250  -15.819 -1.129  1.00 17.69 ? 36   TRP B CA  1 
ATOM   739  C  C   . TRP B 1 40 ? 9.785   -15.931 -1.527  1.00 17.56 ? 36   TRP B C   1 
ATOM   740  O  O   . TRP B 1 40 ? 9.372   -16.949 -2.085  1.00 18.38 ? 36   TRP B O   1 
ATOM   741  C  CB  . TRP B 1 40 ? 12.147  -15.867 -2.369  1.00 16.92 ? 36   TRP B CB  1 
ATOM   742  C  CG  . TRP B 1 40 ? 13.566  -15.376 -2.144  1.00 16.25 ? 36   TRP B CG  1 
ATOM   743  C  CD1 . TRP B 1 40 ? 14.586  -16.084 -1.625  1.00 15.03 ? 36   TRP B CD1 1 
ATOM   744  C  CD2 . TRP B 1 40 ? 14.098  -14.086 -2.468  1.00 15.97 ? 36   TRP B CD2 1 
ATOM   745  N  NE1 . TRP B 1 40 ? 15.739  -15.327 -1.594  1.00 17.55 ? 36   TRP B NE1 1 
ATOM   746  C  CE2 . TRP B 1 40 ? 15.465  -14.093 -2.112  1.00 16.43 ? 36   TRP B CE2 1 
ATOM   747  C  CE3 . TRP B 1 40 ? 13.566  -12.929 -3.048  1.00 15.14 ? 36   TRP B CE3 1 
ATOM   748  C  CZ2 . TRP B 1 40 ? 16.298  -12.991 -2.309  1.00 15.96 ? 36   TRP B CZ2 1 
ATOM   749  C  CZ3 . TRP B 1 40 ? 14.391  -11.817 -3.230  1.00 16.85 ? 36   TRP B CZ3 1 
ATOM   750  C  CH2 . TRP B 1 40 ? 15.733  -11.866 -2.886  1.00 13.27 ? 36   TRP B CH2 1 
ATOM   751  N  N   . TRP B 1 41 ? 8.993   -14.886 -1.253  1.00 17.08 ? 37   TRP B N   1 
ATOM   752  C  CA  . TRP B 1 41 ? 7.586   -14.870 -1.593  1.00 17.06 ? 37   TRP B CA  1 
ATOM   753  C  C   . TRP B 1 41 ? 7.351   -14.162 -2.919  1.00 16.02 ? 37   TRP B C   1 
ATOM   754  O  O   . TRP B 1 41 ? 8.186   -13.370 -3.373  1.00 16.59 ? 37   TRP B O   1 
ATOM   755  C  CB  . TRP B 1 41 ? 6.776   -14.188 -0.477  1.00 16.28 ? 37   TRP B CB  1 
ATOM   756  C  CG  . TRP B 1 41 ? 6.705   -15.064 0.783   1.00 18.27 ? 37   TRP B CG  1 
ATOM   757  C  CD1 . TRP B 1 41 ? 7.152   -16.356 0.932   1.00 18.59 ? 37   TRP B CD1 1 
ATOM   758  C  CD2 . TRP B 1 41 ? 6.097   -14.705 2.022   1.00 19.78 ? 37   TRP B CD2 1 
ATOM   759  N  NE1 . TRP B 1 41 ? 6.889   -16.805 2.205   1.00 21.55 ? 37   TRP B NE1 1 
ATOM   760  C  CE2 . TRP B 1 41 ? 6.227   -15.817 2.894   1.00 21.96 ? 37   TRP B CE2 1 
ATOM   761  C  CE3 . TRP B 1 41 ? 5.462   -13.536 2.497   1.00 20.67 ? 37   TRP B CE3 1 
ATOM   762  C  CZ2 . TRP B 1 41 ? 5.766   -15.795 4.228   1.00 23.40 ? 37   TRP B CZ2 1 
ATOM   763  C  CZ3 . TRP B 1 41 ? 4.996   -13.515 3.828   1.00 22.38 ? 37   TRP B CZ3 1 
ATOM   764  C  CH2 . TRP B 1 41 ? 5.151   -14.644 4.674   1.00 23.29 ? 37   TRP B CH2 1 
ATOM   765  N  N   . THR B 1 42 ? 6.201   -14.425 -3.511  1.00 16.39 ? 38   THR B N   1 
ATOM   766  C  CA  . THR B 1 42 ? 5.738   -13.717 -4.710  1.00 17.48 ? 38   THR B CA  1 
ATOM   767  C  C   . THR B 1 42 ? 4.653   -12.700 -4.343  1.00 17.96 ? 38   THR B C   1 
ATOM   768  O  O   . THR B 1 42 ? 3.664   -13.014 -3.655  1.00 19.96 ? 38   THR B O   1 
ATOM   769  C  CB  . THR B 1 42 ? 5.178   -14.711 -5.766  1.00 17.91 ? 38   THR B CB  1 
ATOM   770  O  OG1 . THR B 1 42 ? 6.217   -15.603 -6.179  1.00 20.65 ? 38   THR B OG1 1 
ATOM   771  C  CG2 . THR B 1 42 ? 4.763   -13.995 -7.072  1.00 17.54 ? 38   THR B CG2 1 
ATOM   772  N  N   . GLY B 1 43 ? 4.854   -11.481 -4.804  1.00 17.50 ? 39   GLY B N   1 
ATOM   773  C  CA  . GLY B 1 43 ? 4.020   -10.381 -4.409  1.00 16.63 ? 39   GLY B CA  1 
ATOM   774  C  C   . GLY B 1 43 ? 3.598   -9.502  -5.569  1.00 17.31 ? 39   GLY B C   1 
ATOM   775  O  O   . GLY B 1 43 ? 4.121   -9.598  -6.698  1.00 17.22 ? 39   GLY B O   1 
ATOM   776  N  N   . ARG B 1 44 ? 2.622   -8.635  -5.279  1.00 17.47 ? 40   ARG B N   1 
ATOM   777  C  CA  . ARG B 1 44 ? 2.140   -7.657  -6.213  1.00 16.46 ? 40   ARG B CA  1 
ATOM   778  C  C   . ARG B 1 44 ? 2.130   -6.313  -5.509  1.00 16.86 ? 40   ARG B C   1 
ATOM   779  O  O   . ARG B 1 44 ? 1.659   -6.176  -4.389  1.00 17.61 ? 40   ARG B O   1 
ATOM   780  C  CB  . ARG B 1 44 ? 0.714   -8.004  -6.679  1.00 17.70 ? 40   ARG B CB  1 
ATOM   781  C  CG  . ARG B 1 44 ? 0.097   -6.899  -7.516  1.00 16.80 ? 40   ARG B CG  1 
ATOM   782  C  CD  . ARG B 1 44 ? -1.260  -7.308  -8.076  1.00 19.67 ? 40   ARG B CD  1 
ATOM   783  N  NE  . ARG B 1 44 ? -1.913  -6.260  -8.836  1.00 19.90 ? 40   ARG B NE  1 
ATOM   784  C  CZ  . ARG B 1 44 ? -3.031  -6.474  -9.525  1.00 24.67 ? 40   ARG B CZ  1 
ATOM   785  N  NH1 . ARG B 1 44 ? -3.564  -7.704  -9.548  1.00 25.24 ? 40   ARG B NH1 1 
ATOM   786  N  NH2 . ARG B 1 44 ? -3.613  -5.494  -10.180 1.00 25.15 ? 40   ARG B NH2 1 
ATOM   787  N  N   . LEU B 1 45 ? 2.674   -5.332  -6.178  1.00 16.02 ? 41   LEU B N   1 
ATOM   788  C  CA  . LEU B 1 45 ? 2.789   -3.998  -5.624  1.00 15.83 ? 41   LEU B CA  1 
ATOM   789  C  C   . LEU B 1 45 ? 2.806   -3.052  -6.780  1.00 15.00 ? 41   LEU B C   1 
ATOM   790  O  O   . LEU B 1 45 ? 3.570   -3.224  -7.708  1.00 15.55 ? 41   LEU B O   1 
ATOM   791  C  CB  . LEU B 1 45 ? 4.076   -3.880  -4.790  1.00 15.34 ? 41   LEU B CB  1 
ATOM   792  C  CG  . LEU B 1 45 ? 4.280   -2.505  -4.140  1.00 16.85 ? 41   LEU B CG  1 
ATOM   793  C  CD1 . LEU B 1 45 ? 3.206   -2.131  -3.119  1.00 15.48 ? 41   LEU B CD1 1 
ATOM   794  C  CD2 . LEU B 1 45 ? 5.679   -2.452  -3.487  1.00 16.90 ? 41   LEU B CD2 1 
ATOM   795  N  N   . HIS B 1 46 ? 1.931   -2.054  -6.722  1.00 15.79 ? 42   HIS B N   1 
ATOM   796  C  CA  . HIS B 1 46 ? 1.812   -1.008  -7.744  1.00 15.78 ? 42   HIS B CA  1 
ATOM   797  C  C   . HIS B 1 46 ? 1.601   -1.632  -9.122  1.00 15.57 ? 42   HIS B C   1 
ATOM   798  O  O   . HIS B 1 46 ? 2.171   -1.179  -10.085 1.00 17.20 ? 42   HIS B O   1 
ATOM   799  C  CB  . HIS B 1 46 ? 3.056   -0.131  -7.819  1.00 15.73 ? 42   HIS B CB  1 
ATOM   800  C  CG  . HIS B 1 46 ? 3.498   0.429   -6.506  1.00 16.70 ? 42   HIS B CG  1 
ATOM   801  N  ND1 . HIS B 1 46 ? 4.816   0.442   -6.148  1.00 16.79 ? 42   HIS B ND1 1 
ATOM   802  C  CD2 . HIS B 1 46 ? 2.831   1.073   -5.520  1.00 14.93 ? 42   HIS B CD2 1 
ATOM   803  C  CE1 . HIS B 1 46 ? 4.944   0.999   -4.954  1.00 17.28 ? 42   HIS B CE1 1 
ATOM   804  N  NE2 . HIS B 1 46 ? 3.758   1.406   -4.559  1.00 17.54 ? 42   HIS B NE2 1 
ATOM   805  N  N   . ASN B 1 47 ? 0.796   -2.690  -9.178  1.00 17.15 ? 43   ASN B N   1 
ATOM   806  C  CA  . ASN B 1 47 ? 0.505   -3.413  -10.409 1.00 17.42 ? 43   ASN B CA  1 
ATOM   807  C  C   . ASN B 1 47 ? 1.739   -4.031  -11.079 1.00 18.04 ? 43   ASN B C   1 
ATOM   808  O  O   . ASN B 1 47 ? 1.756   -4.222  -12.310 1.00 18.29 ? 43   ASN B O   1 
ATOM   809  C  CB  . ASN B 1 47 ? -0.246  -2.537  -11.393 1.00 19.30 ? 43   ASN B CB  1 
ATOM   810  C  CG  . ASN B 1 47 ? -1.575  -2.071  -10.835 1.00 17.98 ? 43   ASN B CG  1 
ATOM   811  O  OD1 . ASN B 1 47 ? -2.370  -2.866  -10.371 1.00 23.03 ? 43   ASN B OD1 1 
ATOM   812  N  ND2 . ASN B 1 47 ? -1.794  -0.769  -10.863 1.00 23.13 ? 43   ASN B ND2 1 
ATOM   813  N  N   . LYS B 1 48 ? 2.758   -4.281  -10.269 1.00 16.60 ? 44   LYS B N   1 
ATOM   814  C  CA  . LYS B 1 48 ? 3.955   -5.039  -10.714 1.00 17.04 ? 44   LYS B CA  1 
ATOM   815  C  C   . LYS B 1 48 ? 4.018   -6.331  -9.932  1.00 17.05 ? 44   LYS B C   1 
ATOM   816  O  O   . LYS B 1 48 ? 3.597   -6.353  -8.791  1.00 16.64 ? 44   LYS B O   1 
ATOM   817  C  CB  . LYS B 1 48 ? 5.224   -4.264  -10.357 1.00 18.83 ? 44   LYS B CB  1 
ATOM   818  C  CG  . LYS B 1 48 ? 5.289   -2.838  -10.890 1.00 21.79 ? 44   LYS B CG  1 
ATOM   819  C  CD  . LYS B 1 48 ? 5.498   -2.843  -12.380 1.00 28.65 ? 44   LYS B CD  1 
ATOM   820  C  CE  . LYS B 1 48 ? 5.469   -1.421  -12.933 1.00 34.62 ? 44   LYS B CE  1 
ATOM   821  N  NZ  . LYS B 1 48 ? 5.192   -1.434  -14.414 1.00 34.98 ? 44   LYS B NZ  1 
ATOM   822  N  N   . LEU B 1 49 ? 4.618   -7.379  -10.514 1.00 16.95 ? 45   LEU B N   1 
ATOM   823  C  CA  . LEU B 1 49 ? 4.762   -8.671  -9.860  1.00 17.09 ? 45   LEU B CA  1 
ATOM   824  C  C   . LEU B 1 49 ? 6.262   -8.939  -9.624  1.00 17.29 ? 45   LEU B C   1 
ATOM   825  O  O   . LEU B 1 49 ? 7.086   -8.555  -10.451 1.00 18.17 ? 45   LEU B O   1 
ATOM   826  C  CB  . LEU B 1 49 ? 4.287   -9.771  -10.799 1.00 18.44 ? 45   LEU B CB  1 
ATOM   827  C  CG  . LEU B 1 49 ? 2.805   -9.838  -11.088 1.00 24.42 ? 45   LEU B CG  1 
ATOM   828  C  CD1 . LEU B 1 49 ? 2.604   -10.806 -12.260 1.00 26.19 ? 45   LEU B CD1 1 
ATOM   829  C  CD2 . LEU B 1 49 ? 2.028   -10.306 -9.839  1.00 27.16 ? 45   LEU B CD2 1 
ATOM   830  N  N   . GLY B 1 50 ? 6.612   -9.614  -8.541  1.00 16.66 ? 46   GLY B N   1 
ATOM   831  C  CA  . GLY B 1 50 ? 7.997   -10.005 -8.365  1.00 16.35 ? 46   GLY B CA  1 
ATOM   832  C  C   . GLY B 1 50 ? 8.245   -10.777 -7.084  1.00 16.96 ? 46   GLY B C   1 
ATOM   833  O  O   . GLY B 1 50 ? 7.307   -10.974 -6.285  1.00 16.11 ? 46   GLY B O   1 
ATOM   834  N  N   . LEU B 1 51 ? 9.488   -11.231 -6.943  1.00 15.33 ? 47   LEU B N   1 
ATOM   835  C  CA  . LEU B 1 51 ? 9.957   -11.962 -5.761  1.00 15.24 ? 47   LEU B CA  1 
ATOM   836  C  C   . LEU B 1 51 ? 10.495  -11.008 -4.728  1.00 14.73 ? 47   LEU B C   1 
ATOM   837  O  O   . LEU B 1 51 ? 11.111  -9.966  -5.070  1.00 15.31 ? 47   LEU B O   1 
ATOM   838  C  CB  . LEU B 1 51 ? 11.070  -12.966 -6.179  1.00 14.20 ? 47   LEU B CB  1 
ATOM   839  C  CG  . LEU B 1 51 ? 10.585  -14.080 -7.098  1.00 15.79 ? 47   LEU B CG  1 
ATOM   840  C  CD1 . LEU B 1 51 ? 11.818  -14.717 -7.777  1.00 16.17 ? 47   LEU B CD1 1 
ATOM   841  C  CD2 . LEU B 1 51 ? 9.783   -15.143 -6.333  1.00 17.56 ? 47   LEU B CD2 1 
ATOM   842  N  N   . PHE B 1 52 ? 10.300  -11.331 -3.459  1.00 13.99 ? 48   PHE B N   1 
ATOM   843  C  CA  . PHE B 1 52 ? 10.976  -10.542 -2.400  1.00 13.50 ? 48   PHE B CA  1 
ATOM   844  C  C   . PHE B 1 52 ? 11.247  -11.462 -1.205  1.00 14.28 ? 48   PHE B C   1 
ATOM   845  O  O   . PHE B 1 52 ? 10.622  -12.497 -1.089  1.00 14.45 ? 48   PHE B O   1 
ATOM   846  C  CB  . PHE B 1 52 ? 10.076  -9.354  -1.963  1.00 13.10 ? 48   PHE B CB  1 
ATOM   847  C  CG  . PHE B 1 52 ? 8.734   -9.800  -1.382  1.00 13.56 ? 48   PHE B CG  1 
ATOM   848  C  CD1 . PHE B 1 52 ? 8.613   -10.080 -0.021  1.00 14.64 ? 48   PHE B CD1 1 
ATOM   849  C  CD2 . PHE B 1 52 ? 7.618   -9.931  -2.212  1.00 14.32 ? 48   PHE B CD2 1 
ATOM   850  C  CE1 . PHE B 1 52 ? 7.375   -10.497 0.533   1.00 15.99 ? 48   PHE B CE1 1 
ATOM   851  C  CE2 . PHE B 1 52 ? 6.354   -10.345 -1.689  1.00 15.71 ? 48   PHE B CE2 1 
ATOM   852  C  CZ  . PHE B 1 52 ? 6.242   -10.632 -0.294  1.00 13.72 ? 48   PHE B CZ  1 
ATOM   853  N  N   . PRO B 1 53 ? 12.167  -11.118 -0.299  1.00 14.08 ? 49   PRO B N   1 
ATOM   854  C  CA  . PRO B 1 53 ? 12.399  -12.002 0.841   1.00 14.38 ? 49   PRO B CA  1 
ATOM   855  C  C   . PRO B 1 53 ? 11.228  -12.000 1.830   1.00 15.34 ? 49   PRO B C   1 
ATOM   856  O  O   . PRO B 1 53 ? 10.762  -10.946 2.286   1.00 15.13 ? 49   PRO B O   1 
ATOM   857  C  CB  . PRO B 1 53 ? 13.699  -11.459 1.465   1.00 14.44 ? 49   PRO B CB  1 
ATOM   858  C  CG  . PRO B 1 53 ? 14.297  -10.487 0.392   1.00 13.84 ? 49   PRO B CG  1 
ATOM   859  C  CD  . PRO B 1 53 ? 13.054  -9.941  -0.312  1.00 13.32 ? 49   PRO B CD  1 
ATOM   860  N  N   . ALA B 1 54 ? 10.785  -13.206 2.198   1.00 15.77 ? 50   ALA B N   1 
ATOM   861  C  CA  . ALA B 1 54 ? 9.651   -13.402 3.094   1.00 16.68 ? 50   ALA B CA  1 
ATOM   862  C  C   . ALA B 1 54 ? 9.851   -12.655 4.417   1.00 16.28 ? 50   ALA B C   1 
ATOM   863  O  O   . ALA B 1 54 ? 8.902   -12.083 4.952   1.00 16.58 ? 50   ALA B O   1 
ATOM   864  C  CB  . ALA B 1 54 ? 9.462   -14.918 3.356   1.00 16.21 ? 50   ALA B CB  1 
ATOM   865  N  N   . ASN B 1 55 ? 11.091  -12.612 4.909   1.00 17.33 ? 51   ASN B N   1 
ATOM   866  C  CA  . ASN B 1 55 ? 11.320  -11.960 6.191   1.00 17.25 ? 51   ASN B CA  1 
ATOM   867  C  C   . ASN B 1 55 ? 11.403  -10.460 6.184   1.00 15.71 ? 51   ASN B C   1 
ATOM   868  O  O   . ASN B 1 55 ? 11.647  -9.861  7.237   1.00 15.34 ? 51   ASN B O   1 
ATOM   869  C  CB  . ASN B 1 55 ? 12.477  -12.549 6.970   1.00 17.75 ? 51   ASN B CB  1 
ATOM   870  C  CG  . ASN B 1 55 ? 13.753  -12.588 6.224   1.00 22.62 ? 51   ASN B CG  1 
ATOM   871  O  OD1 . ASN B 1 55 ? 13.978  -11.857 5.244   1.00 24.98 ? 51   ASN B OD1 1 
ATOM   872  N  ND2 . ASN B 1 55 ? 14.659  -13.453 6.712   1.00 26.24 ? 51   ASN B ND2 1 
ATOM   873  N  N   . TYR B 1 56 ? 11.211  -9.861  5.011   1.00 15.78 ? 52   TYR B N   1 
ATOM   874  C  CA  . TYR B 1 56 ? 11.144  -8.420  4.911   1.00 14.86 ? 52   TYR B CA  1 
ATOM   875  C  C   . TYR B 1 56 ? 9.755   -7.866  5.177   1.00 15.34 ? 52   TYR B C   1 
ATOM   876  O  O   . TYR B 1 56 ? 9.550   -6.661  5.185   1.00 15.53 ? 52   TYR B O   1 
ATOM   877  C  CB  . TYR B 1 56 ? 11.669  -7.942  3.535   1.00 13.06 ? 52   TYR B CB  1 
ATOM   878  C  CG  . TYR B 1 56 ? 13.136  -7.673  3.619   1.00 13.26 ? 52   TYR B CG  1 
ATOM   879  C  CD1 . TYR B 1 56 ? 14.051  -8.709  3.843   1.00 14.33 ? 52   TYR B CD1 1 
ATOM   880  C  CD2 . TYR B 1 56 ? 13.621  -6.376  3.479   1.00 15.41 ? 52   TYR B CD2 1 
ATOM   881  C  CE1 . TYR B 1 56 ? 15.430  -8.468  3.949   1.00 16.71 ? 52   TYR B CE1 1 
ATOM   882  C  CE2 . TYR B 1 56 ? 14.988  -6.108  3.591   1.00 13.81 ? 52   TYR B CE2 1 
ATOM   883  C  CZ  . TYR B 1 56 ? 15.893  -7.141  3.795   1.00 15.46 ? 52   TYR B CZ  1 
ATOM   884  O  OH  . TYR B 1 56 ? 17.224  -6.846  3.915   1.00 18.94 ? 52   TYR B OH  1 
ATOM   885  N  N   . VAL B 1 57 ? 8.765   -8.736  5.327   1.00 16.30 ? 53   VAL B N   1 
ATOM   886  C  CA  . VAL B 1 57 ? 7.399   -8.250  5.508   1.00 16.09 ? 53   VAL B CA  1 
ATOM   887  C  C   . VAL B 1 57 ? 6.719   -8.885  6.723   1.00 17.51 ? 53   VAL B C   1 
ATOM   888  O  O   . VAL B 1 57 ? 7.087   -9.960  7.153   1.00 18.24 ? 53   VAL B O   1 
ATOM   889  C  CB  . VAL B 1 57 ? 6.474   -8.479  4.245   1.00 15.04 ? 53   VAL B CB  1 
ATOM   890  C  CG1 . VAL B 1 57 ? 7.125   -7.929  2.975   1.00 14.22 ? 53   VAL B CG1 1 
ATOM   891  C  CG2 . VAL B 1 57 ? 6.192   -9.971  4.058   1.00 13.59 ? 53   VAL B CG2 1 
ATOM   892  N  N   . ALA B 1 58 ? 5.714   -8.188  7.247   1.00 19.45 ? 54   ALA B N   1 
ATOM   893  C  CA  . ALA B 1 58 ? 4.951   -8.672  8.392   1.00 21.10 ? 54   ALA B CA  1 
ATOM   894  C  C   . ALA B 1 58 ? 3.523   -8.943  7.875   1.00 22.11 ? 54   ALA B C   1 
ATOM   895  O  O   . ALA B 1 58 ? 2.846   -7.987  7.487   1.00 22.57 ? 54   ALA B O   1 
ATOM   896  C  CB  . ALA B 1 58 ? 4.916   -7.611  9.480   1.00 20.12 ? 54   ALA B CB  1 
ATOM   897  N  N   . PRO B 1 59 ? 3.070   -10.197 7.817   1.00 23.68 ? 55   PRO B N   1 
ATOM   898  C  CA  . PRO B 1 59 ? 1.705   -10.474 7.357   1.00 24.89 ? 55   PRO B CA  1 
ATOM   899  C  C   . PRO B 1 59 ? 0.671   -9.838  8.289   1.00 27.53 ? 55   PRO B C   1 
ATOM   900  O  O   . PRO B 1 59 ? 0.916   -9.811  9.505   1.00 27.53 ? 55   PRO B O   1 
ATOM   901  C  CB  . PRO B 1 59 ? 1.623   -11.995 7.400   1.00 25.28 ? 55   PRO B CB  1 
ATOM   902  C  CG  . PRO B 1 59 ? 3.061   -12.405 7.271   1.00 24.03 ? 55   PRO B CG  1 
ATOM   903  C  CD  . PRO B 1 59 ? 3.787   -11.438 8.159   1.00 23.09 ? 55   PRO B CD  1 
ATOM   904  N  N   . MET B 1 60 ? -0.418  -9.296  7.751   1.00 29.75 ? 56   MET B N   1 
ATOM   905  C  CA  . MET B 1 60 ? -1.426  -8.703  8.641   1.00 35.23 ? 56   MET B CA  1 
ATOM   906  C  C   . MET B 1 60 ? -2.551  -9.646  9.057   1.00 37.17 ? 56   MET B C   1 
ATOM   907  O  O   . MET B 1 60 ? -2.751  -10.709 8.450   1.00 38.72 ? 56   MET B O   1 
ATOM   908  C  CB  . MET B 1 60 ? -2.016  -7.398  8.108   1.00 34.82 ? 56   MET B CB  1 
ATOM   909  C  CG  . MET B 1 60 ? -1.913  -7.176  6.635   1.00 38.43 ? 56   MET B CG  1 
ATOM   910  S  SD  . MET B 1 60 ? -0.986  -5.638  6.260   1.00 44.37 ? 56   MET B SD  1 
ATOM   911  C  CE  . MET B 1 60 ? -0.773  -4.852  7.985   1.00 30.58 ? 56   MET B CE  1 
ATOM   912  N  N   . MET B 1 61 ? -3.241  -9.230  10.121  1.00 40.77 ? 57   MET B N   1 
ATOM   913  C  CA  . MET B 1 61 ? -4.498  -9.799  10.654  1.00 42.96 ? 57   MET B CA  1 
ATOM   914  C  C   . MET B 1 61 ? -4.308  -10.131 12.133  1.00 43.70 ? 57   MET B C   1 
ATOM   915  O  O   . MET B 1 61 ? -3.166  -10.300 12.601  1.00 45.22 ? 57   MET B O   1 
ATOM   916  C  CB  . MET B 1 61 ? -4.980  -11.032 9.883   1.00 43.35 ? 57   MET B CB  1 
ATOM   917  C  CG  . MET B 1 61 ? -6.007  -10.746 8.803   1.00 46.70 ? 57   MET B CG  1 
ATOM   918  S  SD  . MET B 1 61 ? -7.063  -12.198 8.554   1.00 55.36 ? 57   MET B SD  1 
ATOM   919  C  CE  . MET B 1 61 ? -8.275  -11.976 9.942   1.00 53.85 ? 57   MET B CE  1 
ATOM   920  N  N   . ALA C 2 2  ? 17.664  -4.800  9.223   1.00 26.36 ? 2    ALA C N   1 
ATOM   921  C  CA  . ALA C 2 2  ? 17.170  -5.582  8.026   1.00 25.13 ? 2    ALA C CA  1 
ATOM   922  C  C   . ALA C 2 2  ? 17.764  -7.000  7.970   1.00 25.26 ? 2    ALA C C   1 
ATOM   923  O  O   . ALA C 2 2  ? 18.963  -7.166  8.206   1.00 24.42 ? 2    ALA C O   1 
ATOM   924  C  CB  . ALA C 2 2  ? 17.492  -4.844  6.722   1.00 24.91 ? 2    ALA C CB  1 
ATOM   925  N  N   . PRO C 2 3  ? 16.952  -8.006  7.615   1.00 24.77 ? 3    PRO C N   1 
ATOM   926  C  CA  . PRO C 2 3  ? 17.465  -9.376  7.489   1.00 24.34 ? 3    PRO C CA  1 
ATOM   927  C  C   . PRO C 2 3  ? 18.452  -9.532  6.324   1.00 23.26 ? 3    PRO C C   1 
ATOM   928  O  O   . PRO C 2 3  ? 18.402  -8.800  5.339   1.00 22.72 ? 3    PRO C O   1 
ATOM   929  C  CB  . PRO C 2 3  ? 16.217  -10.211 7.199   1.00 23.28 ? 3    PRO C CB  1 
ATOM   930  C  CG  . PRO C 2 3  ? 15.053  -9.339  7.582   1.00 24.56 ? 3    PRO C CG  1 
ATOM   931  C  CD  . PRO C 2 3  ? 15.494  -7.930  7.355   1.00 25.58 ? 3    PRO C CD  1 
ATOM   932  N  N   . SER C 2 4  ? 19.329  -10.517 6.467   1.00 23.45 ? 4    SER C N   1 
ATOM   933  C  CA  . SER C 2 4  ? 20.252  -10.916 5.406   1.00 24.20 ? 4    SER C CA  1 
ATOM   934  C  C   . SER C 2 4  ? 19.475  -11.303 4.180   1.00 22.98 ? 4    SER C C   1 
ATOM   935  O  O   . SER C 2 4  ? 18.362  -11.823 4.281   1.00 23.58 ? 4    SER C O   1 
ATOM   936  C  CB  . SER C 2 4  ? 21.106  -12.104 5.896   1.00 24.34 ? 4    SER C CB  1 
ATOM   937  O  OG  . SER C 2 4  ? 22.042  -11.600 6.844   1.00 31.91 ? 4    SER C OG  1 
ATOM   938  N  N   . ILE C 2 5  ? 20.024  -10.994 3.008   1.00 21.19 ? 5    ILE C N   1 
ATOM   939  C  CA  . ILE C 2 5  ? 19.405  -11.406 1.751   1.00 20.63 ? 5    ILE C CA  1 
ATOM   940  C  C   . ILE C 2 5  ? 20.246  -12.489 1.102   1.00 22.11 ? 5    ILE C C   1 
ATOM   941  O  O   . ILE C 2 5  ? 21.424  -12.262 0.797   1.00 21.66 ? 5    ILE C O   1 
ATOM   942  C  CB  . ILE C 2 5  ? 19.211  -10.201 0.795   1.00 19.61 ? 5    ILE C CB  1 
ATOM   943  C  CG1 . ILE C 2 5  ? 18.250  -9.158  1.404   1.00 19.68 ? 5    ILE C CG1 1 
ATOM   944  C  CG2 . ILE C 2 5  ? 18.656  -10.641 -0.526  1.00 20.66 ? 5    ILE C CG2 1 
ATOM   945  C  CD1 . ILE C 2 5  ? 18.244  -7.800  0.616   1.00 21.63 ? 5    ILE C CD1 1 
ATOM   946  N  N   . ASP C 2 6  ? 19.632  -13.646 0.863   1.00 21.36 ? 6    ASP C N   1 
ATOM   947  C  CA  . ASP C 2 6  ? 20.291  -14.724 0.133   1.00 21.81 ? 6    ASP C CA  1 
ATOM   948  C  C   . ASP C 2 6  ? 19.573  -15.071 -1.177  1.00 21.77 ? 6    ASP C C   1 
ATOM   949  O  O   . ASP C 2 6  ? 18.596  -15.806 -1.173  1.00 20.83 ? 6    ASP C O   1 
ATOM   950  C  CB  . ASP C 2 6  ? 20.394  -15.962 0.990   1.00 22.38 ? 6    ASP C CB  1 
ATOM   951  C  CG  . ASP C 2 6  ? 21.213  -17.055 0.339   1.00 24.61 ? 6    ASP C CG  1 
ATOM   952  O  OD1 . ASP C 2 6  ? 21.792  -16.842 -0.747  1.00 26.11 ? 6    ASP C OD1 1 
ATOM   953  O  OD2 . ASP C 2 6  ? 21.350  -18.177 0.867   1.00 29.63 ? 6    ASP C OD2 1 
ATOM   954  N  N   . ARG C 2 7  ? 20.090  -14.540 -2.287  1.00 22.29 ? 7    ARG C N   1 
ATOM   955  C  CA  . ARG C 2 7  ? 19.513  -14.780 -3.623  1.00 22.67 ? 7    ARG C CA  1 
ATOM   956  C  C   . ARG C 2 7  ? 19.677  -16.218 -4.110  1.00 23.92 ? 7    ARG C C   1 
ATOM   957  O  O   . ARG C 2 7  ? 18.917  -16.666 -4.978  1.00 23.60 ? 7    ARG C O   1 
ATOM   958  C  CB  . ARG C 2 7  ? 20.070  -13.790 -4.670  1.00 22.22 ? 7    ARG C CB  1 
ATOM   959  C  CG  . ARG C 2 7  ? 19.740  -12.318 -4.420  1.00 21.63 ? 7    ARG C CG  1 
ATOM   960  C  CD  . ARG C 2 7  ? 19.842  -11.407 -5.638  1.00 22.49 ? 7    ARG C CD  1 
ATOM   961  N  NE  . ARG C 2 7  ? 18.993  -10.227 -5.409  1.00 20.56 ? 7    ARG C NE  1 
ATOM   962  C  CZ  . ARG C 2 7  ? 19.230  -9.329  -4.474  1.00 20.61 ? 7    ARG C CZ  1 
ATOM   963  N  NH1 . ARG C 2 7  ? 20.320  -9.443  -3.719  1.00 22.62 ? 7    ARG C NH1 1 
ATOM   964  N  NH2 . ARG C 2 7  ? 18.368  -8.338  -4.252  1.00 16.86 ? 7    ARG C NH2 1 
ATOM   965  N  N   . SER C 2 8  ? 20.624  -16.968 -3.529  1.00 25.17 ? 8    SER C N   1 
ATOM   966  C  CA  . SER C 2 8  ? 20.762  -18.406 -3.862  1.00 26.25 ? 8    SER C CA  1 
ATOM   967  C  C   . SER C 2 8  ? 19.504  -19.285 -3.569  1.00 26.13 ? 8    SER C C   1 
ATOM   968  O  O   . SER C 2 8  ? 19.324  -20.345 -4.182  1.00 27.09 ? 8    SER C O   1 
ATOM   969  C  CB  . SER C 2 8  ? 22.029  -19.010 -3.219  1.00 27.16 ? 8    SER C CB  1 
ATOM   970  O  OG  . SER C 2 8  ? 21.805  -19.403 -1.870  1.00 28.09 ? 8    SER C OG  1 
ATOM   971  N  N   . THR C 2 9  ? 18.638  -18.840 -2.661  1.00 24.64 ? 9    THR C N   1 
ATOM   972  C  CA  . THR C 2 9  ? 17.400  -19.566 -2.351  1.00 24.68 ? 9    THR C CA  1 
ATOM   973  C  C   . THR C 2 9  ? 16.189  -19.081 -3.157  1.00 24.13 ? 9    THR C C   1 
ATOM   974  O  O   . THR C 2 9  ? 15.067  -19.559 -2.963  1.00 23.45 ? 9    THR C O   1 
ATOM   975  C  CB  . THR C 2 9  ? 17.059  -19.491 -0.860  1.00 24.70 ? 9    THR C CB  1 
ATOM   976  O  OG1 . THR C 2 9  ? 16.936  -18.112 -0.480  1.00 23.56 ? 9    THR C OG1 1 
ATOM   977  C  CG2 . THR C 2 9  ? 18.191  -20.029 -0.029  1.00 26.90 ? 9    THR C CG2 1 
ATOM   978  N  N   . LYS C 2 10 ? 16.419  -18.154 -4.078  1.00 23.44 ? 10   LYS C N   1 
ATOM   979  C  CA  . LYS C 2 10 ? 15.324  -17.651 -4.896  1.00 23.24 ? 10   LYS C CA  1 
ATOM   980  C  C   . LYS C 2 10 ? 14.759  -18.741 -5.810  1.00 23.03 ? 10   LYS C C   1 
ATOM   981  O  O   . LYS C 2 10 ? 15.543  -19.371 -6.559  1.00 22.57 ? 10   LYS C O   1 
ATOM   982  C  CB  . LYS C 2 10 ? 15.844  -16.536 -5.782  1.00 23.61 ? 10   LYS C CB  1 
ATOM   983  C  CG  . LYS C 2 10 ? 15.660  -15.198 -5.185  1.00 21.74 ? 10   LYS C CG  1 
ATOM   984  C  CD  . LYS C 2 10 ? 16.337  -14.125 -6.026  1.00 21.79 ? 10   LYS C CD  1 
ATOM   985  C  CE  . LYS C 2 10 ? 15.608  -13.921 -7.335  1.00 18.11 ? 10   LYS C CE  1 
ATOM   986  N  NZ  . LYS C 2 10 ? 16.249  -12.853 -8.152  1.00 15.53 ? 10   LYS C NZ  1 
ATOM   987  N  N   . PRO C 2 11 ? 13.433  -18.950 -5.775  1.00 22.50 ? 11   PRO C N   1 
ATOM   988  C  CA  . PRO C 2 11 ? 12.784  -19.811 -6.778  1.00 22.11 ? 11   PRO C CA  1 
ATOM   989  C  C   . PRO C 2 11 ? 12.545  -19.012 -8.058  1.00 23.16 ? 11   PRO C C   1 
ATOM   990  O  O   . PRO C 2 11 ? 12.725  -17.771 -8.040  1.00 23.13 ? 11   PRO C O   1 
ATOM   991  C  CB  . PRO C 2 11 ? 11.465  -20.205 -6.111  1.00 22.10 ? 11   PRO C CB  1 
ATOM   992  C  CG  . PRO C 2 11 ? 11.099  -18.916 -5.243  1.00 22.72 ? 11   PRO C CG  1 
ATOM   993  C  CD  . PRO C 2 11 ? 12.445  -18.340 -4.849  1.00 21.89 ? 11   PRO C CD  1 
ATOM   994  N  N   . PRO C 2 12 ? 12.221  -19.676 -9.177  1.00 23.28 ? 12   PRO C N   1 
ATOM   995  C  CA  . PRO C 2 12 ? 11.827  -18.933 -10.374 1.00 24.23 ? 12   PRO C CA  1 
ATOM   996  C  C   . PRO C 2 12 ? 10.545  -18.150 -10.105 1.00 25.31 ? 12   PRO C C   1 
ATOM   997  O  O   . PRO C 2 12 ? 9.684   -18.590 -9.330  1.00 25.81 ? 12   PRO C O   1 
ATOM   998  C  CB  . PRO C 2 12 ? 11.550  -20.026 -11.420 1.00 24.08 ? 12   PRO C CB  1 
ATOM   999  C  CG  . PRO C 2 12 ? 12.191  -21.256 -10.921 1.00 23.86 ? 12   PRO C CG  1 
ATOM   1000 C  CD  . PRO C 2 12 ? 12.217  -21.140 -9.393  1.00 23.78 ? 12   PRO C CD  1 
ATOM   1001 N  N   . LEU C 2 13 ? 10.413  -16.985 -10.724 1.00 24.90 ? 13   LEU C N   1 
ATOM   1002 C  CA  . LEU C 2 13 ? 9.146   -16.273 -10.634 1.00 26.66 ? 13   LEU C CA  1 
ATOM   1003 C  C   . LEU C 2 13 ? 8.128   -16.960 -11.535 1.00 28.60 ? 13   LEU C C   1 
ATOM   1004 O  O   . LEU C 2 13 ? 8.347   -16.847 -12.761 1.00 29.30 ? 13   LEU C O   1 
ATOM   1005 C  CB  . LEU C 2 13 ? 9.309   -14.805 -11.027 1.00 25.08 ? 13   LEU C CB  1 
ATOM   1006 C  CG  . LEU C 2 13 ? 8.066   -13.901 -11.133 1.00 25.25 ? 13   LEU C CG  1 
ATOM   1007 C  CD1 . LEU C 2 13 ? 7.317   -13.872 -9.815  1.00 23.29 ? 13   LEU C CD1 1 
ATOM   1008 C  CD2 . LEU C 2 13 ? 8.511   -12.510 -11.579 1.00 22.16 ? 13   LEU C CD2 1 
ATOM   1009 O  OXT . LEU C 2 13 ? 7.166   -17.554 -10.973 1.00 29.00 ? 13   LEU C OXT 1 
ATOM   1010 N  N   . ALA D 2 2  ? -11.727 10.401  -13.741 1.00 24.90 ? 2    ALA D N   1 
ATOM   1011 C  CA  . ALA D 2 2  ? -11.713 10.445  -12.242 1.00 23.96 ? 2    ALA D CA  1 
ATOM   1012 C  C   . ALA D 2 2  ? -12.765 11.428  -11.753 1.00 23.06 ? 2    ALA D C   1 
ATOM   1013 O  O   . ALA D 2 2  ? -12.962 12.465  -12.376 1.00 23.09 ? 2    ALA D O   1 
ATOM   1014 C  CB  . ALA D 2 2  ? -10.327 10.845  -11.718 1.00 23.48 ? 2    ALA D CB  1 
ATOM   1015 N  N   . PRO D 2 3  ? -13.435 11.116  -10.640 1.00 23.08 ? 3    PRO D N   1 
ATOM   1016 C  CA  . PRO D 2 3  ? -14.487 11.992  -10.093 1.00 22.64 ? 3    PRO D CA  1 
ATOM   1017 C  C   . PRO D 2 3  ? -14.019 13.421  -9.827  1.00 23.60 ? 3    PRO D C   1 
ATOM   1018 O  O   . PRO D 2 3  ? -12.814 13.681  -9.536  1.00 23.32 ? 3    PRO D O   1 
ATOM   1019 C  CB  . PRO D 2 3  ? -14.891 11.292  -8.767  1.00 23.19 ? 3    PRO D CB  1 
ATOM   1020 C  CG  . PRO D 2 3  ? -14.527 9.828   -8.981  1.00 21.99 ? 3    PRO D CG  1 
ATOM   1021 C  CD  . PRO D 2 3  ? -13.256 9.896   -9.832  1.00 22.48 ? 3    PRO D CD  1 
ATOM   1022 N  N   . SER D 2 4  ? -14.955 14.362  -9.926  1.00 23.10 ? 4    SER D N   1 
ATOM   1023 C  CA  . SER D 2 4  ? -14.669 15.750  -9.536  1.00 23.36 ? 4    SER D CA  1 
ATOM   1024 C  C   . SER D 2 4  ? -14.251 15.750  -8.074  1.00 22.07 ? 4    SER D C   1 
ATOM   1025 O  O   . SER D 2 4  ? -14.736 14.915  -7.317  1.00 22.74 ? 4    SER D O   1 
ATOM   1026 C  CB  . SER D 2 4  ? -15.907 16.624  -9.709  1.00 23.70 ? 4    SER D CB  1 
ATOM   1027 O  OG  . SER D 2 4  ? -16.096 16.881  -11.100 1.00 30.44 ? 4    SER D OG  1 
ATOM   1028 N  N   . ILE D 2 5  ? -13.380 16.674  -7.668  1.00 20.84 ? 5    ILE D N   1 
ATOM   1029 C  CA  . ILE D 2 5  ? -12.953 16.745  -6.273  1.00 19.01 ? 5    ILE D CA  1 
ATOM   1030 C  C   . ILE D 2 5  ? -13.513 18.001  -5.658  1.00 20.09 ? 5    ILE D C   1 
ATOM   1031 O  O   . ILE D 2 5  ? -13.363 19.086  -6.204  1.00 19.32 ? 5    ILE D O   1 
ATOM   1032 C  CB  . ILE D 2 5  ? -11.390 16.719  -6.158  1.00 19.41 ? 5    ILE D CB  1 
ATOM   1033 C  CG1 . ILE D 2 5  ? -10.868 15.354  -6.601  1.00 20.51 ? 5    ILE D CG1 1 
ATOM   1034 C  CG2 . ILE D 2 5  ? -10.895 17.071  -4.698  1.00 17.73 ? 5    ILE D CG2 1 
ATOM   1035 C  CD1 . ILE D 2 5  ? -9.356  15.313  -6.741  1.00 19.38 ? 5    ILE D CD1 1 
ATOM   1036 N  N   . ASP D 2 6  ? -14.198 17.843  -4.535  1.00 18.47 ? 6    ASP D N   1 
ATOM   1037 C  CA  . ASP D 2 6  ? -14.738 18.973  -3.799  1.00 20.23 ? 6    ASP D CA  1 
ATOM   1038 C  C   . ASP D 2 6  ? -14.040 19.122  -2.442  1.00 19.54 ? 6    ASP D C   1 
ATOM   1039 O  O   . ASP D 2 6  ? -14.329 18.398  -1.476  1.00 18.70 ? 6    ASP D O   1 
ATOM   1040 C  CB  . ASP D 2 6  ? -16.245 18.735  -3.639  1.00 20.94 ? 6    ASP D CB  1 
ATOM   1041 C  CG  . ASP D 2 6  ? -16.988 19.918  -3.057  1.00 26.80 ? 6    ASP D CG  1 
ATOM   1042 O  OD1 . ASP D 2 6  ? -16.361 20.929  -2.648  1.00 27.31 ? 6    ASP D OD1 1 
ATOM   1043 O  OD2 . ASP D 2 6  ? -18.236 19.893  -2.909  1.00 30.11 ? 6    ASP D OD2 1 
ATOM   1044 N  N   . ARG D 2 7  ? -13.129 20.096  -2.335  1.00 19.23 ? 7    ARG D N   1 
ATOM   1045 C  CA  . ARG D 2 7  ? -12.426 20.314  -1.081  1.00 18.63 ? 7    ARG D CA  1 
ATOM   1046 C  C   . ARG D 2 7  ? -13.281 21.053  -0.049  1.00 20.20 ? 7    ARG D C   1 
ATOM   1047 O  O   . ARG D 2 7  ? -12.942 21.085  1.105   1.00 19.63 ? 7    ARG D O   1 
ATOM   1048 C  CB  . ARG D 2 7  ? -11.097 21.058  -1.336  1.00 18.62 ? 7    ARG D CB  1 
ATOM   1049 C  CG  . ARG D 2 7  ? -10.097 20.205  -2.112  1.00 16.77 ? 7    ARG D CG  1 
ATOM   1050 C  CD  . ARG D 2 7  ? -8.686  20.790  -2.198  1.00 16.37 ? 7    ARG D CD  1 
ATOM   1051 N  NE  . ARG D 2 7  ? -7.767  19.708  -2.539  1.00 19.07 ? 7    ARG D NE  1 
ATOM   1052 C  CZ  . ARG D 2 7  ? -7.632  19.147  -3.737  1.00 16.59 ? 7    ARG D CZ  1 
ATOM   1053 N  NH1 . ARG D 2 7  ? -6.758  18.151  -3.879  1.00 16.68 ? 7    ARG D NH1 1 
ATOM   1054 N  NH2 . ARG D 2 7  ? -8.319  19.573  -4.812  1.00 17.37 ? 7    ARG D NH2 1 
ATOM   1055 N  N   . SER D 2 8  ? -14.390 21.651  -0.474  1.00 21.66 ? 8    SER D N   1 
ATOM   1056 C  CA  . SER D 2 8  ? -15.273 22.311  0.472   1.00 23.21 ? 8    SER D CA  1 
ATOM   1057 C  C   . SER D 2 8  ? -15.855 21.324  1.473   1.00 23.16 ? 8    SER D C   1 
ATOM   1058 O  O   . SER D 2 8  ? -16.267 21.707  2.578   1.00 24.88 ? 8    SER D O   1 
ATOM   1059 C  CB  . SER D 2 8  ? -16.347 23.132  -0.256  1.00 24.30 ? 8    SER D CB  1 
ATOM   1060 O  OG  . SER D 2 8  ? -17.292 22.292  -0.902  1.00 26.63 ? 8    SER D OG  1 
ATOM   1061 N  N   . THR D 2 9  ? -15.830 20.034  1.137   1.00 22.28 ? 9    THR D N   1 
ATOM   1062 C  CA  . THR D 2 9  ? -16.319 19.032  2.083   1.00 21.94 ? 9    THR D CA  1 
ATOM   1063 C  C   . THR D 2 9  ? -15.248 18.335  2.910   1.00 22.94 ? 9    THR D C   1 
ATOM   1064 O  O   . THR D 2 9  ? -15.574 17.416  3.637   1.00 22.42 ? 9    THR D O   1 
ATOM   1065 C  CB  . THR D 2 9  ? -17.152 17.986  1.337   1.00 21.96 ? 9    THR D CB  1 
ATOM   1066 O  OG1 . THR D 2 9  ? -16.345 17.411  0.304   1.00 19.69 ? 9    THR D OG1 1 
ATOM   1067 C  CG2 . THR D 2 9  ? -18.296 18.666  0.591   1.00 19.15 ? 9    THR D CG2 1 
ATOM   1068 N  N   . LYS D 2 10 ? -13.965 18.737  2.809   1.00 23.12 ? 10   LYS D N   1 
ATOM   1069 C  CA  . LYS D 2 10 ? -12.934 18.060  3.629   1.00 23.53 ? 10   LYS D CA  1 
ATOM   1070 C  C   . LYS D 2 10 ? -13.171 18.334  5.092   1.00 24.77 ? 10   LYS D C   1 
ATOM   1071 O  O   . LYS D 2 10 ? -13.281 19.507  5.486   1.00 26.66 ? 10   LYS D O   1 
ATOM   1072 C  CB  . LYS D 2 10 ? -11.506 18.555  3.335   1.00 24.52 ? 10   LYS D CB  1 
ATOM   1073 C  CG  . LYS D 2 10 ? -10.890 18.073  2.116   1.00 23.41 ? 10   LYS D CG  1 
ATOM   1074 C  CD  . LYS D 2 10 ? -9.386  18.093  2.234   1.00 22.90 ? 10   LYS D CD  1 
ATOM   1075 C  CE  . LYS D 2 10 ? -8.876  19.414  2.737   1.00 19.37 ? 10   LYS D CE  1 
ATOM   1076 N  NZ  . LYS D 2 10 ? -7.504  19.709  2.216   1.00 16.82 ? 10   LYS D NZ  1 
ATOM   1077 N  N   . PRO D 2 11 ? -13.244 17.300  5.920   1.00 24.25 ? 11   PRO D N   1 
ATOM   1078 C  CA  . PRO D 2 11 ? -13.332 17.541  7.353   1.00 24.62 ? 11   PRO D CA  1 
ATOM   1079 C  C   . PRO D 2 11 ? -11.919 17.876  7.861   1.00 25.76 ? 11   PRO D C   1 
ATOM   1080 O  O   . PRO D 2 11 ? -10.941 17.654  7.136   1.00 25.79 ? 11   PRO D O   1 
ATOM   1081 C  CB  . PRO D 2 11 ? -13.834 16.203  7.898   1.00 24.65 ? 11   PRO D CB  1 
ATOM   1082 C  CG  . PRO D 2 11 ? -13.247 15.151  6.914   1.00 23.59 ? 11   PRO D CG  1 
ATOM   1083 C  CD  . PRO D 2 11 ? -13.209 15.863  5.593   1.00 23.50 ? 11   PRO D CD  1 
ATOM   1084 N  N   . PRO D 2 12 ? -11.782 18.433  9.064   1.00 27.13 ? 12   PRO D N   1 
ATOM   1085 C  CA  . PRO D 2 12 ? -10.435 18.566  9.642   1.00 27.64 ? 12   PRO D CA  1 
ATOM   1086 C  C   . PRO D 2 12 ? -9.759  17.182  9.821   1.00 27.08 ? 12   PRO D C   1 
ATOM   1087 O  O   . PRO D 2 12 ? -10.444 16.183  10.114  1.00 29.15 ? 12   PRO D O   1 
ATOM   1088 C  CB  . PRO D 2 12 ? -10.707 19.235  10.998  1.00 27.72 ? 12   PRO D CB  1 
ATOM   1089 C  CG  . PRO D 2 12 ? -12.024 19.986  10.788  1.00 28.51 ? 12   PRO D CG  1 
ATOM   1090 C  CD  . PRO D 2 12 ? -12.832 19.002  9.943   1.00 28.31 ? 12   PRO D CD  1 
ATOM   1091 N  N   . LEU D 2 13 ? -8.444  17.115  9.648   1.00 26.81 ? 13   LEU D N   1 
ATOM   1092 C  CA  . LEU D 2 13 ? -7.744  15.850  9.841   1.00 26.98 ? 13   LEU D CA  1 
ATOM   1093 C  C   . LEU D 2 13 ? -7.518  15.591  11.352  1.00 27.85 ? 13   LEU D C   1 
ATOM   1094 O  O   . LEU D 2 13 ? -7.874  14.501  11.823  1.00 28.00 ? 13   LEU D O   1 
ATOM   1095 C  CB  . LEU D 2 13 ? -6.443  15.808  9.045   1.00 25.33 ? 13   LEU D CB  1 
ATOM   1096 C  CG  . LEU D 2 13 ? -5.505  14.603  9.192   1.00 26.59 ? 13   LEU D CG  1 
ATOM   1097 C  CD1 . LEU D 2 13 ? -6.206  13.289  8.786   1.00 23.74 ? 13   LEU D CD1 1 
ATOM   1098 C  CD2 . LEU D 2 13 ? -4.197  14.834  8.435   1.00 25.59 ? 13   LEU D CD2 1 
HETATM 1099 CD CD  . CD  E 3 .  ? 3.502   2.727   -2.674  1.00 18.19 ? 1056 CD  A CD  1 
HETATM 1100 O  O   . HOH F 4 .  ? -19.973 2.190   9.610   1.00 42.89 ? 2001 HOH A O   1 
HETATM 1101 O  O   . HOH F 4 .  ? -17.750 3.004   5.984   1.00 41.50 ? 2002 HOH A O   1 
HETATM 1102 O  O   . HOH F 4 .  ? -4.180  13.225  -12.258 1.00 45.68 ? 2003 HOH A O   1 
HETATM 1103 O  O   . HOH F 4 .  ? -16.129 1.856   13.244  1.00 39.63 ? 2004 HOH A O   1 
HETATM 1104 O  O   . HOH F 4 .  ? -9.243  -3.975  -0.689  1.00 45.63 ? 2005 HOH A O   1 
HETATM 1105 O  O   . HOH F 4 .  ? -9.494  -2.047  -8.249  1.00 29.16 ? 2006 HOH A O   1 
HETATM 1106 O  O   . HOH F 4 .  ? 5.684   7.374   -17.249 1.00 36.17 ? 2007 HOH A O   1 
HETATM 1107 O  O   . HOH F 4 .  ? -14.920 9.030   13.223  1.00 41.91 ? 2008 HOH A O   1 
HETATM 1108 O  O   . HOH F 4 .  ? -18.654 3.620   12.665  1.00 39.08 ? 2009 HOH A O   1 
HETATM 1109 O  O   . HOH F 4 .  ? -18.450 8.889   13.868  1.00 30.50 ? 2010 HOH A O   1 
HETATM 1110 O  O   . HOH F 4 .  ? -14.467 1.369   16.729  1.00 66.70 ? 2011 HOH A O   1 
HETATM 1111 O  O   . HOH F 4 .  ? -12.952 -4.776  9.498   1.00 63.43 ? 2012 HOH A O   1 
HETATM 1112 O  O   . HOH F 4 .  ? -20.527 4.551   6.463   1.00 36.11 ? 2013 HOH A O   1 
HETATM 1113 O  O   . HOH F 4 .  ? -18.814 3.441   3.831   1.00 51.56 ? 2014 HOH A O   1 
HETATM 1114 O  O   . HOH F 4 .  ? -16.735 -0.112  16.695  1.00 45.63 ? 2015 HOH A O   1 
HETATM 1115 O  O   . HOH F 4 .  ? -9.322  -4.614  9.794   1.00 45.93 ? 2016 HOH A O   1 
HETATM 1116 O  O   . HOH F 4 .  ? -11.394 -4.808  1.051   1.00 37.26 ? 2017 HOH A O   1 
HETATM 1117 O  O   . HOH F 4 .  ? -11.911 -1.080  -10.328 1.00 52.57 ? 2018 HOH A O   1 
HETATM 1118 O  O   . HOH F 4 .  ? -8.205  -3.804  12.642  1.00 59.10 ? 2019 HOH A O   1 
HETATM 1119 O  O   . HOH F 4 .  ? -9.566  -6.415  7.517   1.00 45.09 ? 2020 HOH A O   1 
HETATM 1120 O  O   . HOH F 4 .  ? -8.940  -7.364  13.573  1.00 56.06 ? 2021 HOH A O   1 
HETATM 1121 O  O   . HOH F 4 .  ? -6.545  1.679   12.680  1.00 59.00 ? 2022 HOH A O   1 
HETATM 1122 O  O   . HOH F 4 .  ? -12.970 0.473   13.995  1.00 41.86 ? 2023 HOH A O   1 
HETATM 1123 O  O   . HOH F 4 .  ? -11.913 -3.040  4.956   1.00 47.37 ? 2024 HOH A O   1 
HETATM 1124 O  O   . HOH F 4 .  ? -7.727  -0.056  9.037   1.00 28.99 ? 2025 HOH A O   1 
HETATM 1125 O  O   . HOH F 4 .  ? -14.246 -2.018  11.240  1.00 34.90 ? 2026 HOH A O   1 
HETATM 1126 O  O   . HOH F 4 .  ? -10.393 22.407  3.673   1.00 37.19 ? 2027 HOH A O   1 
HETATM 1127 O  O   . HOH F 4 .  ? 1.871   21.811  7.892   1.00 65.97 ? 2028 HOH A O   1 
HETATM 1128 O  O   . HOH F 4 .  ? -1.505  17.810  8.446   1.00 39.29 ? 2029 HOH A O   1 
HETATM 1129 O  O   . HOH F 4 .  ? -4.993  -3.724  9.763   1.00 53.64 ? 2030 HOH A O   1 
HETATM 1130 O  O   . HOH F 4 .  ? 1.618   10.292  -5.682  1.00 43.29 ? 2031 HOH A O   1 
HETATM 1131 O  O   . HOH F 4 .  ? 5.853   7.024   -14.482 1.00 50.63 ? 2032 HOH A O   1 
HETATM 1132 O  O   . HOH F 4 .  ? 4.082   11.358  -5.585  1.00 66.04 ? 2033 HOH A O   1 
HETATM 1133 O  O   . HOH F 4 .  ? 5.171   11.637  -8.593  1.00 54.86 ? 2034 HOH A O   1 
HETATM 1134 O  O   . HOH F 4 .  ? 4.266   8.474   -5.797  1.00 55.29 ? 2035 HOH A O   1 
HETATM 1135 O  O   . HOH F 4 .  ? -7.270  -3.002  -0.735  1.00 19.07 ? 2036 HOH A O   1 
HETATM 1136 O  O   . HOH F 4 .  ? -1.348  -4.730  -4.923  1.00 19.50 ? 2037 HOH A O   1 
HETATM 1137 O  O   . HOH F 4 .  ? -7.993  -4.322  -3.237  1.00 30.40 ? 2038 HOH A O   1 
HETATM 1138 O  O   . HOH F 4 .  ? -5.992  -4.236  -7.790  1.00 31.35 ? 2039 HOH A O   1 
HETATM 1139 O  O   . HOH F 4 .  ? -3.792  -2.571  -7.904  1.00 34.30 ? 2040 HOH A O   1 
HETATM 1140 O  O   . HOH F 4 .  ? -7.059  0.022   -8.905  1.00 37.40 ? 2041 HOH A O   1 
HETATM 1141 O  O   . HOH F 4 .  ? -7.057  4.061   -13.030 1.00 32.14 ? 2042 HOH A O   1 
HETATM 1142 O  O   . HOH F 4 .  ? -14.389 3.606   -11.302 1.00 41.64 ? 2043 HOH A O   1 
HETATM 1143 O  O   . HOH F 4 .  ? -5.543  8.305   -12.709 1.00 25.94 ? 2044 HOH A O   1 
HETATM 1144 O  O   . HOH F 4 .  ? -1.088  5.959   -12.037 1.00 41.98 ? 2045 HOH A O   1 
HETATM 1145 O  O   . HOH F 4 .  ? -6.545  11.956  -11.215 1.00 30.20 ? 2046 HOH A O   1 
HETATM 1146 O  O   . HOH F 4 .  ? -17.862 6.831   -2.072  1.00 30.05 ? 2047 HOH A O   1 
HETATM 1147 O  O   . HOH F 4 .  ? -20.252 6.016   -1.182  1.00 45.03 ? 2048 HOH A O   1 
HETATM 1148 O  O   . HOH F 4 .  ? -18.823 4.355   0.340   1.00 59.52 ? 2049 HOH A O   1 
HETATM 1149 O  O   . HOH F 4 .  ? -5.845  16.980  -6.569  1.00 20.23 ? 2050 HOH A O   1 
HETATM 1150 O  O   . HOH F 4 .  ? -5.912  14.574  -8.084  1.00 18.82 ? 2051 HOH A O   1 
HETATM 1151 O  O   . HOH F 4 .  ? -1.685  13.119  -9.341  1.00 34.06 ? 2052 HOH A O   1 
HETATM 1152 O  O   . HOH F 4 .  ? -2.436  5.191   12.282  1.00 66.02 ? 2053 HOH A O   1 
HETATM 1153 O  O   . HOH F 4 .  ? -4.396  2.686   13.957  1.00 46.00 ? 2054 HOH A O   1 
HETATM 1154 O  O   . HOH F 4 .  ? 4.914   9.665   1.584   1.00 40.70 ? 2055 HOH A O   1 
HETATM 1155 O  O   . HOH F 4 .  ? 6.105   11.534  8.732   1.00 29.24 ? 2056 HOH A O   1 
HETATM 1156 O  O   . HOH F 4 .  ? 0.310   13.678  -4.143  1.00 23.09 ? 2057 HOH A O   1 
HETATM 1157 O  O   . HOH F 4 .  ? 9.583   11.281  6.325   1.00 50.60 ? 2058 HOH A O   1 
HETATM 1158 O  O   . HOH F 4 .  ? -5.786  23.397  4.749   1.00 22.20 ? 2059 HOH A O   1 
HETATM 1159 O  O   . HOH F 4 .  ? -7.525  23.532  -0.632  1.00 24.36 ? 2060 HOH A O   1 
HETATM 1160 O  O   . HOH F 4 .  ? -7.965  23.614  3.340   1.00 45.84 ? 2061 HOH A O   1 
HETATM 1161 O  O   . HOH F 4 .  ? 1.242   18.265  8.498   1.00 42.09 ? 2062 HOH A O   1 
HETATM 1162 O  O   . HOH F 4 .  ? -16.300 1.146   -4.294  1.00 29.84 ? 2063 HOH A O   1 
HETATM 1163 O  O   . HOH F 4 .  ? -2.963  21.413  5.286   1.00 30.00 ? 2064 HOH A O   1 
HETATM 1164 O  O   . HOH F 4 .  ? 0.525   15.807  1.377   1.00 36.25 ? 2065 HOH A O   1 
HETATM 1165 O  O   . HOH F 4 .  ? 2.027   8.301   -2.490  1.00 29.23 ? 2066 HOH A O   1 
HETATM 1166 O  O   . HOH F 4 .  ? 0.791   10.286  0.333   1.00 24.72 ? 2067 HOH A O   1 
HETATM 1167 O  O   . HOH F 4 .  ? 0.681   13.039  0.194   1.00 27.40 ? 2068 HOH A O   1 
HETATM 1168 O  O   . HOH F 4 .  ? -0.598  11.063  -7.706  1.00 41.94 ? 2069 HOH A O   1 
HETATM 1169 O  O   . HOH F 4 .  ? 4.003   5.829   -11.865 1.00 64.46 ? 2070 HOH A O   1 
HETATM 1170 O  O   . HOH F 4 .  ? 4.743   9.153   -8.420  1.00 57.51 ? 2071 HOH A O   1 
HETATM 1171 O  O   . HOH F 4 .  ? -4.061  5.702   -13.736 1.00 44.73 ? 2072 HOH A O   1 
HETATM 1172 O  O   . HOH F 4 .  ? -3.052  1.840   -13.052 1.00 37.00 ? 2073 HOH A O   1 
HETATM 1173 O  O   . HOH F 4 .  ? 0.499   2.159   -7.756  1.00 27.64 ? 2074 HOH A O   1 
HETATM 1174 O  O   . HOH F 4 .  ? -0.032  -1.493  -4.618  1.00 14.91 ? 2075 HOH A O   1 
HETATM 1175 O  O   . HOH F 4 .  ? 0.494   -0.235  -2.255  1.00 19.07 ? 2076 HOH A O   1 
HETATM 1176 O  O   . HOH F 4 .  ? 1.548   6.479   -4.700  1.00 25.73 ? 2077 HOH A O   1 
HETATM 1177 O  O   . HOH F 4 .  ? -1.204  1.704   3.051   1.00 25.72 ? 2078 HOH A O   1 
HETATM 1178 O  O   . HOH F 4 .  ? -13.931 9.301   7.488   1.00 20.92 ? 2079 HOH A O   1 
HETATM 1179 O  O   . HOH F 4 .  ? -13.286 12.353  9.598   1.00 62.15 ? 2080 HOH A O   1 
HETATM 1180 O  O   . HOH F 4 .  ? -18.187 6.307   3.887   1.00 31.43 ? 2081 HOH A O   1 
HETATM 1181 O  O   . HOH F 4 .  ? -20.936 10.647  -0.999  1.00 38.57 ? 2082 HOH A O   1 
HETATM 1182 O  O   . HOH F 4 .  ? -18.387 7.275   0.832   1.00 26.90 ? 2083 HOH A O   1 
HETATM 1183 O  O   . HOH F 4 .  ? -18.154 9.825   -2.026  1.00 28.48 ? 2084 HOH A O   1 
HETATM 1184 O  O   . HOH F 4 .  ? -15.774 11.162  -2.168  1.00 15.65 ? 2085 HOH A O   1 
HETATM 1185 O  O   . HOH F 4 .  ? -20.296 13.100  0.231   1.00 37.19 ? 2086 HOH A O   1 
HETATM 1186 O  O   . HOH F 4 .  ? -19.229 15.708  3.653   1.00 21.98 ? 2087 HOH A O   1 
HETATM 1187 O  O   . HOH F 4 .  ? -11.996 11.351  7.322   1.00 25.47 ? 2088 HOH A O   1 
HETATM 1188 O  O   . HOH F 4 .  ? -2.232  2.261   11.597  1.00 34.79 ? 2089 HOH A O   1 
HETATM 1189 O  O   . HOH F 4 .  ? 3.141   4.817   10.832  1.00 61.32 ? 2090 HOH A O   1 
HETATM 1190 O  O   . HOH F 4 .  ? 2.501   8.675   1.664   1.00 26.87 ? 2091 HOH A O   1 
HETATM 1191 O  O   . HOH F 4 .  ? 8.352   5.542   6.069   1.00 34.88 ? 2092 HOH A O   1 
HETATM 1192 O  O   . HOH F 4 .  ? 2.093   2.791   6.240   1.00 18.16 ? 2093 HOH A O   1 
HETATM 1193 O  O   . HOH F 4 .  ? 3.734   10.385  9.403   1.00 17.20 ? 2094 HOH A O   1 
HETATM 1194 O  O   . HOH F 4 .  ? 7.373   7.820   3.403   1.00 41.07 ? 2095 HOH A O   1 
HETATM 1195 O  O   . HOH F 4 .  ? 9.076   8.066   5.852   1.00 43.93 ? 2096 HOH A O   1 
HETATM 1196 O  O   . HOH F 4 .  ? 0.064   13.229  3.982   1.00 31.73 ? 2097 HOH A O   1 
HETATM 1197 O  O   . HOH F 4 .  ? -1.051  14.998  7.300   1.00 35.10 ? 2098 HOH A O   1 
HETATM 1198 O  O   . HOH F 4 .  ? -15.396 4.633   -1.763  1.00 34.99 ? 2099 HOH A O   1 
HETATM 1199 O  O   . HOH F 4 .  ? -15.645 5.627   -6.872  1.00 26.26 ? 2100 HOH A O   1 
HETATM 1200 O  O   . HOH F 4 .  ? -19.042 9.413   -5.988  1.00 27.78 ? 2101 HOH A O   1 
HETATM 1201 O  O   . HOH F 4 .  ? -16.580 13.664  -3.690  1.00 22.38 ? 2102 HOH A O   1 
HETATM 1202 O  O   . HOH F 4 .  ? -8.095  14.159  -9.978  1.00 25.96 ? 2103 HOH A O   1 
HETATM 1203 O  O   . HOH F 4 .  ? -15.617 3.649   -4.977  1.00 28.37 ? 2104 HOH A O   1 
HETATM 1204 O  O   . HOH F 4 .  ? -11.561 -6.477  -3.081  1.00 42.72 ? 2105 HOH A O   1 
HETATM 1205 O  O   . HOH G 4 .  ? 14.030  -0.907  11.627  1.00 24.98 ? 2001 HOH B O   1 
HETATM 1206 O  O   . HOH G 4 .  ? 18.652  -1.954  4.014   1.00 46.45 ? 2002 HOH B O   1 
HETATM 1207 O  O   . HOH G 4 .  ? 0.860   -13.962 3.777   1.00 39.91 ? 2003 HOH B O   1 
HETATM 1208 O  O   . HOH G 4 .  ? 17.165  -2.873  -17.978 1.00 51.40 ? 2004 HOH B O   1 
HETATM 1209 O  O   . HOH G 4 .  ? 13.397  -12.728 -15.096 1.00 50.91 ? 2005 HOH B O   1 
HETATM 1210 O  O   . HOH G 4 .  ? 14.065  -3.133  -18.340 1.00 44.01 ? 2006 HOH B O   1 
HETATM 1211 O  O   . HOH G 4 .  ? -3.127  -11.348 5.205   1.00 39.97 ? 2007 HOH B O   1 
HETATM 1212 O  O   . HOH G 4 .  ? 11.776  1.012   -3.834  1.00 45.19 ? 2008 HOH B O   1 
HETATM 1213 O  O   . HOH G 4 .  ? 1.287   -3.950  9.752   1.00 60.34 ? 2009 HOH B O   1 
HETATM 1214 O  O   . HOH G 4 .  ? -0.024  1.639   5.345   1.00 26.61 ? 2010 HOH B O   1 
HETATM 1215 O  O   . HOH G 4 .  ? 8.663   5.984   1.995   1.00 37.97 ? 2011 HOH B O   1 
HETATM 1216 O  O   . HOH G 4 .  ? 7.647   4.597   0.579   1.00 39.31 ? 2012 HOH B O   1 
HETATM 1217 O  O   . HOH G 4 .  ? 8.939   3.842   -2.911  1.00 47.20 ? 2013 HOH B O   1 
HETATM 1218 O  O   . HOH G 4 .  ? 12.586  -0.397  9.286   1.00 20.71 ? 2014 HOH B O   1 
HETATM 1219 O  O   . HOH G 4 .  ? 11.868  -7.360  11.795  1.00 33.10 ? 2015 HOH B O   1 
HETATM 1220 O  O   . HOH G 4 .  ? 1.241   -15.395 5.932   1.00 37.12 ? 2016 HOH B O   1 
HETATM 1221 O  O   . HOH G 4 .  ? -0.105  -21.025 3.568   1.00 41.64 ? 2017 HOH B O   1 
HETATM 1222 O  O   . HOH G 4 .  ? 0.486   -23.022 -1.664  1.00 56.25 ? 2018 HOH B O   1 
HETATM 1223 O  O   . HOH G 4 .  ? 17.578  -4.121  2.644   1.00 23.89 ? 2019 HOH B O   1 
HETATM 1224 O  O   . HOH G 4 .  ? 15.301  -0.266  5.576   1.00 36.77 ? 2020 HOH B O   1 
HETATM 1225 O  O   . HOH G 4 .  ? 12.297  3.889   3.673   1.00 27.59 ? 2021 HOH B O   1 
HETATM 1226 O  O   . HOH G 4 .  ? 14.475  -22.450 4.278   1.00 48.86 ? 2022 HOH B O   1 
HETATM 1227 O  O   . HOH G 4 .  ? 17.972  -4.148  -0.238  1.00 16.68 ? 2023 HOH B O   1 
HETATM 1228 O  O   . HOH G 4 .  ? 18.778  -5.893  -2.366  1.00 19.42 ? 2024 HOH B O   1 
HETATM 1229 O  O   . HOH G 4 .  ? 19.465  -1.825  -0.614  1.00 22.34 ? 2025 HOH B O   1 
HETATM 1230 O  O   . HOH G 4 .  ? -3.984  -12.583 -8.350  1.00 44.32 ? 2026 HOH B O   1 
HETATM 1231 O  O   . HOH G 4 .  ? 13.860  -1.477  -5.775  1.00 18.65 ? 2027 HOH B O   1 
HETATM 1232 O  O   . HOH G 4 .  ? 16.104  -1.320  -7.875  1.00 38.61 ? 2028 HOH B O   1 
HETATM 1233 O  O   . HOH G 4 .  ? 21.856  -5.906  -10.184 1.00 39.84 ? 2029 HOH B O   1 
HETATM 1234 O  O   . HOH G 4 .  ? 14.995  -4.412  -11.366 1.00 47.44 ? 2030 HOH B O   1 
HETATM 1235 O  O   . HOH G 4 .  ? 17.820  -9.781  -13.670 1.00 27.33 ? 2031 HOH B O   1 
HETATM 1236 O  O   . HOH G 4 .  ? 10.399  -10.892 -14.589 1.00 47.49 ? 2032 HOH B O   1 
HETATM 1237 O  O   . HOH G 4 .  ? 11.290  -5.600  -12.909 1.00 48.83 ? 2033 HOH B O   1 
HETATM 1238 O  O   . HOH G 4 .  ? 13.959  -2.323  -15.538 1.00 49.36 ? 2034 HOH B O   1 
HETATM 1239 O  O   . HOH G 4 .  ? -1.321  -6.157  11.345  1.00 50.18 ? 2035 HOH B O   1 
HETATM 1240 O  O   . HOH G 4 .  ? 12.465  -15.811 -12.371 1.00 18.46 ? 2036 HOH B O   1 
HETATM 1241 O  O   . HOH G 4 .  ? 15.575  -11.804 -13.075 1.00 27.46 ? 2037 HOH B O   1 
HETATM 1242 O  O   . HOH G 4 .  ? 16.487  -14.353 -11.894 1.00 32.63 ? 2038 HOH B O   1 
HETATM 1243 O  O   . HOH G 4 .  ? 12.427  -5.491  -10.500 1.00 27.35 ? 2039 HOH B O   1 
HETATM 1244 O  O   . HOH G 4 .  ? 8.040   -0.058  -4.925  1.00 22.21 ? 2040 HOH B O   1 
HETATM 1245 O  O   . HOH G 4 .  ? 10.812  -3.645  -8.399  1.00 33.64 ? 2041 HOH B O   1 
HETATM 1246 O  O   . HOH G 4 .  ? 8.607   -2.908  -6.923  1.00 30.77 ? 2042 HOH B O   1 
HETATM 1247 O  O   . HOH G 4 .  ? 13.916  0.226   -1.767  1.00 47.84 ? 2043 HOH B O   1 
HETATM 1248 O  O   . HOH G 4 .  ? 9.736   4.291   4.078   1.00 30.88 ? 2044 HOH B O   1 
HETATM 1249 O  O   . HOH G 4 .  ? 12.708  2.724   6.471   1.00 37.36 ? 2045 HOH B O   1 
HETATM 1250 O  O   . HOH G 4 .  ? 9.775   2.914   8.340   1.00 36.93 ? 2046 HOH B O   1 
HETATM 1251 O  O   . HOH G 4 .  ? 6.453   3.235   2.241   1.00 20.68 ? 2047 HOH B O   1 
HETATM 1252 O  O   . HOH G 4 .  ? 1.650   1.994   2.805   1.00 15.87 ? 2048 HOH B O   1 
HETATM 1253 O  O   . HOH G 4 .  ? 4.850   3.929   -3.533  1.00 21.80 ? 2049 HOH B O   1 
HETATM 1254 O  O   . HOH G 4 .  ? 8.061   1.342   -2.414  1.00 22.82 ? 2050 HOH B O   1 
HETATM 1255 O  O   . HOH G 4 .  ? 0.026   -4.196  -2.889  1.00 28.45 ? 2051 HOH B O   1 
HETATM 1256 O  O   . HOH G 4 .  ? 1.155   0.786   0.435   1.00 17.82 ? 2052 HOH B O   1 
HETATM 1257 O  O   . HOH G 4 .  ? -0.535  -19.796 -5.021  1.00 44.68 ? 2053 HOH B O   1 
HETATM 1258 O  O   . HOH G 4 .  ? -2.236  -16.601 -5.351  1.00 38.78 ? 2054 HOH B O   1 
HETATM 1259 O  O   . HOH G 4 .  ? 0.495   -20.599 0.595   1.00 45.77 ? 2055 HOH B O   1 
HETATM 1260 O  O   . HOH G 4 .  ? 2.617   -18.089 4.954   1.00 50.39 ? 2056 HOH B O   1 
HETATM 1261 O  O   . HOH G 4 .  ? -0.408  -16.130 -0.037  1.00 60.44 ? 2057 HOH B O   1 
HETATM 1262 O  O   . HOH G 4 .  ? 6.217   -19.570 4.034   1.00 38.35 ? 2058 HOH B O   1 
HETATM 1263 O  O   . HOH G 4 .  ? 0.008   -18.573 -0.986  1.00 45.11 ? 2059 HOH B O   1 
HETATM 1264 O  O   . HOH G 4 .  ? 6.406   -18.523 -1.973  1.00 25.25 ? 2060 HOH B O   1 
HETATM 1265 O  O   . HOH G 4 .  ? 9.062   -23.381 -3.266  1.00 46.82 ? 2061 HOH B O   1 
HETATM 1266 O  O   . HOH G 4 .  ? 14.787  -22.086 1.600   1.00 37.84 ? 2062 HOH B O   1 
HETATM 1267 O  O   . HOH G 4 .  ? 13.245  -14.577 3.731   1.00 22.18 ? 2063 HOH B O   1 
HETATM 1268 O  O   . HOH G 4 .  ? 7.632   -17.355 -4.264  1.00 24.73 ? 2064 HOH B O   1 
HETATM 1269 O  O   . HOH G 4 .  ? 5.842   -17.401 -8.146  1.00 30.26 ? 2065 HOH B O   1 
HETATM 1270 O  O   . HOH G 4 .  ? -3.632  -9.824  -7.886  1.00 33.76 ? 2066 HOH B O   1 
HETATM 1271 O  O   . HOH G 4 .  ? -6.356  -7.224  -10.699 1.00 33.93 ? 2067 HOH B O   1 
HETATM 1272 O  O   . HOH G 4 .  ? 6.143   -1.924  -7.558  1.00 29.06 ? 2068 HOH B O   1 
HETATM 1273 O  O   . HOH G 4 .  ? 5.442   3.204   -8.222  1.00 43.95 ? 2069 HOH B O   1 
HETATM 1274 O  O   . HOH G 4 .  ? 0.327   1.156   -12.019 1.00 40.59 ? 2070 HOH B O   1 
HETATM 1275 O  O   . HOH G 4 .  ? -1.128  -3.736  -7.393  1.00 21.56 ? 2071 HOH B O   1 
HETATM 1276 O  O   . HOH G 4 .  ? 3.274   -5.452  -14.318 1.00 15.75 ? 2072 HOH B O   1 
HETATM 1277 O  O   . HOH G 4 .  ? -4.319  0.697   -10.734 1.00 46.36 ? 2073 HOH B O   1 
HETATM 1278 O  O   . HOH G 4 .  ? 2.525   -1.977  -14.276 1.00 47.25 ? 2074 HOH B O   1 
HETATM 1279 O  O   . HOH G 4 .  ? 6.496   -3.434  -16.141 1.00 46.87 ? 2075 HOH B O   1 
HETATM 1280 O  O   . HOH G 4 .  ? 9.182   -9.140  -12.177 1.00 32.38 ? 2076 HOH B O   1 
HETATM 1281 O  O   . HOH G 4 .  ? 8.645   -6.042  -10.203 1.00 35.71 ? 2077 HOH B O   1 
HETATM 1282 O  O   . HOH G 4 .  ? 7.235   -12.690 7.014   1.00 26.66 ? 2078 HOH B O   1 
HETATM 1283 O  O   . HOH G 4 .  ? 15.884  -12.184 3.761   1.00 23.62 ? 2079 HOH B O   1 
HETATM 1284 O  O   . HOH G 4 .  ? 12.657  -9.538  9.736   1.00 28.86 ? 2080 HOH B O   1 
HETATM 1285 O  O   . HOH G 4 .  ? 17.309  -13.627 6.506   1.00 29.31 ? 2081 HOH B O   1 
HETATM 1286 O  O   . HOH G 4 .  ? 1.400   -6.368  9.725   1.00 35.90 ? 2082 HOH B O   1 
HETATM 1287 O  O   . HOH G 4 .  ? -1.886  -13.243 7.932   1.00 32.77 ? 2083 HOH B O   1 
HETATM 1288 O  O   . HOH G 4 .  ? -4.598  -11.791 14.634  1.00 47.53 ? 2084 HOH B O   1 
HETATM 1289 O  O   . HOH G 4 .  ? -2.706  -10.778 15.033  1.00 34.31 ? 2085 HOH B O   1 
HETATM 1290 O  O   . HOH G 4 .  ? -7.344  -8.304  11.595  1.00 54.54 ? 2086 HOH B O   1 
HETATM 1291 O  O   . HOH H 4 .  ? 22.726  -18.755 -6.735  1.00 45.11 ? 2001 HOH C O   1 
HETATM 1292 O  O   . HOH H 4 .  ? 20.872  -22.091 1.690   1.00 47.76 ? 2002 HOH C O   1 
HETATM 1293 O  O   . HOH H 4 .  ? 19.997  -23.356 -0.652  1.00 47.90 ? 2003 HOH C O   1 
HETATM 1294 O  O   . HOH H 4 .  ? 15.912  -23.277 -4.171  1.00 50.72 ? 2004 HOH C O   1 
HETATM 1295 O  O   . HOH H 4 .  ? 19.552  -15.667 4.488   1.00 36.25 ? 2005 HOH C O   1 
HETATM 1296 O  O   . HOH H 4 .  ? 22.786  -14.520 3.962   1.00 72.42 ? 2006 HOH C O   1 
HETATM 1297 O  O   . HOH H 4 .  ? 20.099  -2.451  6.500   1.00 35.56 ? 2007 HOH C O   1 
HETATM 1298 O  O   . HOH H 4 .  ? 19.718  -2.691  8.680   1.00 40.83 ? 2008 HOH C O   1 
HETATM 1299 O  O   . HOH H 4 .  ? 7.807   -19.537 -6.090  1.00 44.96 ? 2009 HOH C O   1 
HETATM 1300 O  O   . HOH H 4 .  ? 18.538  -12.307 8.604   1.00 31.31 ? 2010 HOH C O   1 
HETATM 1301 O  O   . HOH H 4 .  ? 23.121  -11.504 9.773   1.00 42.17 ? 2011 HOH C O   1 
HETATM 1302 O  O   . HOH H 4 .  ? 22.660  -12.683 -1.947  1.00 27.51 ? 2012 HOH C O   1 
HETATM 1303 O  O   . HOH H 4 .  ? 16.687  -13.840 1.514   1.00 30.90 ? 2013 HOH C O   1 
HETATM 1304 O  O   . HOH H 4 .  ? 22.285  -17.473 3.375   1.00 63.65 ? 2014 HOH C O   1 
HETATM 1305 O  O   . HOH H 4 .  ? 19.526  -18.626 3.060   1.00 35.28 ? 2015 HOH C O   1 
HETATM 1306 O  O   . HOH H 4 .  ? 19.014  -16.905 -7.955  1.00 48.91 ? 2016 HOH C O   1 
HETATM 1307 O  O   . HOH H 4 .  ? 21.836  -22.204 -1.045  1.00 43.92 ? 2017 HOH C O   1 
HETATM 1308 O  O   . HOH H 4 .  ? 22.546  -16.241 -6.205  1.00 46.43 ? 2018 HOH C O   1 
HETATM 1309 O  O   . HOH H 4 .  ? 14.233  -21.799 -2.193  1.00 32.88 ? 2019 HOH C O   1 
HETATM 1310 O  O   . HOH H 4 .  ? 17.180  -17.328 2.359   1.00 39.45 ? 2020 HOH C O   1 
HETATM 1311 O  O   . HOH H 4 .  ? 18.763  -14.019 -8.994  1.00 35.89 ? 2021 HOH C O   1 
HETATM 1312 O  O   . HOH H 4 .  ? 15.682  -20.170 -9.072  1.00 36.70 ? 2022 HOH C O   1 
HETATM 1313 O  O   . HOH H 4 .  ? 14.555  -16.394 -9.327  1.00 20.18 ? 2023 HOH C O   1 
HETATM 1314 O  O   . HOH H 4 .  ? 8.131   -20.858 -8.699  1.00 36.92 ? 2024 HOH C O   1 
HETATM 1315 O  O   . HOH I 4 .  ? -17.045 18.004  8.226   1.00 45.18 ? 2001 HOH D O   1 
HETATM 1316 O  O   . HOH I 4 .  ? -10.562 16.358  -11.121 1.00 55.55 ? 2002 HOH D O   1 
HETATM 1317 O  O   . HOH I 4 .  ? -8.745  18.953  -10.345 1.00 52.93 ? 2003 HOH D O   1 
HETATM 1318 O  O   . HOH I 4 .  ? -16.980 11.370  -14.803 1.00 58.70 ? 2004 HOH D O   1 
HETATM 1319 O  O   . HOH I 4 .  ? -13.080 10.111  16.366  1.00 52.23 ? 2005 HOH D O   1 
HETATM 1320 O  O   . HOH I 4 .  ? -11.063 8.645   17.139  1.00 51.70 ? 2006 HOH D O   1 
HETATM 1321 O  O   . HOH I 4 .  ? -9.577  18.048  -13.646 1.00 54.86 ? 2007 HOH D O   1 
HETATM 1322 O  O   . HOH I 4 .  ? -13.460 6.841   17.616  1.00 63.94 ? 2008 HOH D O   1 
HETATM 1323 O  O   . HOH I 4 .  ? -10.566 21.543  7.409   1.00 46.15 ? 2009 HOH D O   1 
HETATM 1324 O  O   . HOH I 4 .  ? -11.015 10.830  15.337  1.00 39.03 ? 2010 HOH D O   1 
HETATM 1325 O  O   . HOH I 4 .  ? -14.872 15.571  -13.152 1.00 46.36 ? 2011 HOH D O   1 
HETATM 1326 O  O   . HOH I 4 .  ? -16.672 13.721  -12.670 1.00 57.99 ? 2012 HOH D O   1 
HETATM 1327 O  O   . HOH I 4 .  ? -17.007 13.548  -6.696  1.00 24.97 ? 2013 HOH D O   1 
HETATM 1328 O  O   . HOH I 4 .  ? -13.857 13.272  -5.358  1.00 19.33 ? 2014 HOH D O   1 
HETATM 1329 O  O   . HOH I 4 .  ? -11.459 20.519  -7.460  1.00 27.79 ? 2015 HOH D O   1 
HETATM 1330 O  O   . HOH I 4 .  ? -11.991 18.109  -9.753  1.00 30.58 ? 2016 HOH D O   1 
HETATM 1331 O  O   . HOH I 4 .  ? -14.514 15.148  -3.199  1.00 22.18 ? 2017 HOH D O   1 
HETATM 1332 O  O   . HOH I 4 .  ? -19.563 17.609  -2.887  1.00 24.33 ? 2018 HOH D O   1 
HETATM 1333 O  O   . HOH I 4 .  ? -17.875 15.985  -1.565  1.00 23.72 ? 2019 HOH D O   1 
HETATM 1334 O  O   . HOH I 4 .  ? -17.390 16.776  5.461   1.00 26.16 ? 2020 HOH D O   1 
HETATM 1335 O  O   . HOH I 4 .  ? -9.342  19.447  6.289   1.00 28.11 ? 2021 HOH D O   1 
HETATM 1336 O  O   . HOH I 4 .  ? -10.005 13.265  13.782  1.00 62.89 ? 2022 HOH D O   1 
HETATM 1337 O  O   . HOH I 4 .  ? -7.033  19.651  8.759   1.00 33.03 ? 2023 HOH D O   1 
# 
